data_6AIB
# 
_entry.id   6AIB 
# 
_audit_conform.dict_name       mmcif_pdbx.dic 
_audit_conform.dict_version    5.387 
_audit_conform.dict_location   http://mmcif.pdb.org/dictionaries/ascii/mmcif_pdbx.dic 
# 
loop_
_database_2.database_id 
_database_2.database_code 
_database_2.pdbx_database_accession 
_database_2.pdbx_DOI 
PDB   6AIB         pdb_00006aib 10.2210/pdb6aib/pdb 
WWPDB D_1300008800 ?            ?                   
# 
loop_
_pdbx_audit_revision_history.ordinal 
_pdbx_audit_revision_history.data_content_type 
_pdbx_audit_revision_history.major_revision 
_pdbx_audit_revision_history.minor_revision 
_pdbx_audit_revision_history.revision_date 
1 'Structure model' 1 0 2018-11-21 
2 'Structure model' 1 1 2024-03-27 
# 
_pdbx_audit_revision_details.ordinal             1 
_pdbx_audit_revision_details.revision_ordinal    1 
_pdbx_audit_revision_details.data_content_type   'Structure model' 
_pdbx_audit_revision_details.provider            repository 
_pdbx_audit_revision_details.type                'Initial release' 
_pdbx_audit_revision_details.description         ? 
_pdbx_audit_revision_details.details             ? 
# 
loop_
_pdbx_audit_revision_group.ordinal 
_pdbx_audit_revision_group.revision_ordinal 
_pdbx_audit_revision_group.data_content_type 
_pdbx_audit_revision_group.group 
1 2 'Structure model' 'Data collection'     
2 2 'Structure model' 'Database references' 
# 
loop_
_pdbx_audit_revision_category.ordinal 
_pdbx_audit_revision_category.revision_ordinal 
_pdbx_audit_revision_category.data_content_type 
_pdbx_audit_revision_category.category 
1 2 'Structure model' chem_comp_atom 
2 2 'Structure model' chem_comp_bond 
3 2 'Structure model' database_2     
# 
loop_
_pdbx_audit_revision_item.ordinal 
_pdbx_audit_revision_item.revision_ordinal 
_pdbx_audit_revision_item.data_content_type 
_pdbx_audit_revision_item.item 
1 2 'Structure model' '_database_2.pdbx_DOI'                
2 2 'Structure model' '_database_2.pdbx_database_accession' 
# 
_pdbx_database_status.status_code                     REL 
_pdbx_database_status.status_code_sf                  REL 
_pdbx_database_status.status_code_mr                  ? 
_pdbx_database_status.entry_id                        6AIB 
_pdbx_database_status.recvd_initial_deposition_date   2018-08-22 
_pdbx_database_status.SG_entry                        N 
_pdbx_database_status.deposit_site                    PDBJ 
_pdbx_database_status.process_site                    PDBJ 
_pdbx_database_status.status_code_cs                  ? 
_pdbx_database_status.methods_development_category    ? 
_pdbx_database_status.pdb_format_compatible           Y 
_pdbx_database_status.status_code_nmr_data            ? 
# 
loop_
_audit_author.name 
_audit_author.pdbx_ordinal 
_audit_author.identifier_ORCID 
'Chengliang, W.' 1 0000-0001-5249-4856 
'Tian, T.'       2 0000-0002-3034-0423 
'Xiaobao, C.'    3 0000-0003-0626-0930 
'Xuan, Z.'       4 0000-0002-8951-2955 
'Jianye, Z.'     5 0000-0003-2648-9783 
# 
_citation.abstract                  ? 
_citation.abstract_id_CAS           ? 
_citation.book_id_ISBN              ? 
_citation.book_publisher            ? 
_citation.book_publisher_city       ? 
_citation.book_title                ? 
_citation.coordinate_linkage        ? 
_citation.country                   US 
_citation.database_id_Medline       ? 
_citation.details                   ? 
_citation.id                        primary 
_citation.journal_abbrev            'Acta Crystallogr F Struct Biol Commun' 
_citation.journal_id_ASTM           ACSFEN 
_citation.journal_id_CSD            ? 
_citation.journal_id_ISSN           2053-230X 
_citation.journal_full              ? 
_citation.journal_issue             ? 
_citation.journal_volume            74 
_citation.language                  ? 
_citation.page_first                704 
_citation.page_last                 709 
_citation.title                     
'Crystal structures of the N-terminal domain of the Staphylococcus aureus DEAD-box RNA helicase CshA and its complex with AMP' 
_citation.year                      2018 
_citation.database_id_CSD           ? 
_citation.pdbx_database_id_DOI      10.1107/S2053230X1801292X 
_citation.pdbx_database_id_PubMed   30387775 
_citation.unpublished_flag          ? 
# 
loop_
_citation_author.citation_id 
_citation_author.name 
_citation_author.ordinal 
_citation_author.identifier_ORCID 
primary 'Chen, X.'  1 ? 
primary 'Wang, C.'  2 ? 
primary 'Zhang, X.' 3 ? 
primary 'Tian, T.'  4 ? 
primary 'Zang, J.'  5 ? 
# 
loop_
_entity.id 
_entity.type 
_entity.src_method 
_entity.pdbx_description 
_entity.formula_weight 
_entity.pdbx_number_of_molecules 
_entity.pdbx_ec 
_entity.pdbx_mutation 
_entity.pdbx_fragment 
_entity.details 
1 polymer man 'DEAD-box ATP-dependent RNA helicase CshA' 23808.789 1  3.6.4.13 ? 'UNP residues 1-208' ? 
2 water   nat water                                      18.015    63 ?        ? ?                    ? 
# 
_entity_poly.entity_id                      1 
_entity_poly.type                           'polypeptide(L)' 
_entity_poly.nstd_linkage                   no 
_entity_poly.nstd_monomer                   no 
_entity_poly.pdbx_seq_one_letter_code       
;MQNFKELGISDNTVQSLESMGFKEPTPIQKDSIPYALQGIDILGQAQTGTGKTGAFGIPLIEKVVGKQGVQSLILAPTRE
LAMQVAEQLREFSRGQGVQVVTVFGGMPIERQIKALKKGPQIVVGTPGRVIDHLNRRTLKTDGIHTLILDEADEMMNMGF
IDDMRFIMDKIPAVQRQTMLFSATMPKAIQALVQQFMKSPKIIKTMNNHHHHHH
;
_entity_poly.pdbx_seq_one_letter_code_can   
;MQNFKELGISDNTVQSLESMGFKEPTPIQKDSIPYALQGIDILGQAQTGTGKTGAFGIPLIEKVVGKQGVQSLILAPTRE
LAMQVAEQLREFSRGQGVQVVTVFGGMPIERQIKALKKGPQIVVGTPGRVIDHLNRRTLKTDGIHTLILDEADEMMNMGF
IDDMRFIMDKIPAVQRQTMLFSATMPKAIQALVQQFMKSPKIIKTMNNHHHHHH
;
_entity_poly.pdbx_strand_id                 A 
_entity_poly.pdbx_target_identifier         ? 
# 
_pdbx_entity_nonpoly.entity_id   2 
_pdbx_entity_nonpoly.name        water 
_pdbx_entity_nonpoly.comp_id     HOH 
# 
loop_
_entity_poly_seq.entity_id 
_entity_poly_seq.num 
_entity_poly_seq.mon_id 
_entity_poly_seq.hetero 
1 1   MET n 
1 2   GLN n 
1 3   ASN n 
1 4   PHE n 
1 5   LYS n 
1 6   GLU n 
1 7   LEU n 
1 8   GLY n 
1 9   ILE n 
1 10  SER n 
1 11  ASP n 
1 12  ASN n 
1 13  THR n 
1 14  VAL n 
1 15  GLN n 
1 16  SER n 
1 17  LEU n 
1 18  GLU n 
1 19  SER n 
1 20  MET n 
1 21  GLY n 
1 22  PHE n 
1 23  LYS n 
1 24  GLU n 
1 25  PRO n 
1 26  THR n 
1 27  PRO n 
1 28  ILE n 
1 29  GLN n 
1 30  LYS n 
1 31  ASP n 
1 32  SER n 
1 33  ILE n 
1 34  PRO n 
1 35  TYR n 
1 36  ALA n 
1 37  LEU n 
1 38  GLN n 
1 39  GLY n 
1 40  ILE n 
1 41  ASP n 
1 42  ILE n 
1 43  LEU n 
1 44  GLY n 
1 45  GLN n 
1 46  ALA n 
1 47  GLN n 
1 48  THR n 
1 49  GLY n 
1 50  THR n 
1 51  GLY n 
1 52  LYS n 
1 53  THR n 
1 54  GLY n 
1 55  ALA n 
1 56  PHE n 
1 57  GLY n 
1 58  ILE n 
1 59  PRO n 
1 60  LEU n 
1 61  ILE n 
1 62  GLU n 
1 63  LYS n 
1 64  VAL n 
1 65  VAL n 
1 66  GLY n 
1 67  LYS n 
1 68  GLN n 
1 69  GLY n 
1 70  VAL n 
1 71  GLN n 
1 72  SER n 
1 73  LEU n 
1 74  ILE n 
1 75  LEU n 
1 76  ALA n 
1 77  PRO n 
1 78  THR n 
1 79  ARG n 
1 80  GLU n 
1 81  LEU n 
1 82  ALA n 
1 83  MET n 
1 84  GLN n 
1 85  VAL n 
1 86  ALA n 
1 87  GLU n 
1 88  GLN n 
1 89  LEU n 
1 90  ARG n 
1 91  GLU n 
1 92  PHE n 
1 93  SER n 
1 94  ARG n 
1 95  GLY n 
1 96  GLN n 
1 97  GLY n 
1 98  VAL n 
1 99  GLN n 
1 100 VAL n 
1 101 VAL n 
1 102 THR n 
1 103 VAL n 
1 104 PHE n 
1 105 GLY n 
1 106 GLY n 
1 107 MET n 
1 108 PRO n 
1 109 ILE n 
1 110 GLU n 
1 111 ARG n 
1 112 GLN n 
1 113 ILE n 
1 114 LYS n 
1 115 ALA n 
1 116 LEU n 
1 117 LYS n 
1 118 LYS n 
1 119 GLY n 
1 120 PRO n 
1 121 GLN n 
1 122 ILE n 
1 123 VAL n 
1 124 VAL n 
1 125 GLY n 
1 126 THR n 
1 127 PRO n 
1 128 GLY n 
1 129 ARG n 
1 130 VAL n 
1 131 ILE n 
1 132 ASP n 
1 133 HIS n 
1 134 LEU n 
1 135 ASN n 
1 136 ARG n 
1 137 ARG n 
1 138 THR n 
1 139 LEU n 
1 140 LYS n 
1 141 THR n 
1 142 ASP n 
1 143 GLY n 
1 144 ILE n 
1 145 HIS n 
1 146 THR n 
1 147 LEU n 
1 148 ILE n 
1 149 LEU n 
1 150 ASP n 
1 151 GLU n 
1 152 ALA n 
1 153 ASP n 
1 154 GLU n 
1 155 MET n 
1 156 MET n 
1 157 ASN n 
1 158 MET n 
1 159 GLY n 
1 160 PHE n 
1 161 ILE n 
1 162 ASP n 
1 163 ASP n 
1 164 MET n 
1 165 ARG n 
1 166 PHE n 
1 167 ILE n 
1 168 MET n 
1 169 ASP n 
1 170 LYS n 
1 171 ILE n 
1 172 PRO n 
1 173 ALA n 
1 174 VAL n 
1 175 GLN n 
1 176 ARG n 
1 177 GLN n 
1 178 THR n 
1 179 MET n 
1 180 LEU n 
1 181 PHE n 
1 182 SER n 
1 183 ALA n 
1 184 THR n 
1 185 MET n 
1 186 PRO n 
1 187 LYS n 
1 188 ALA n 
1 189 ILE n 
1 190 GLN n 
1 191 ALA n 
1 192 LEU n 
1 193 VAL n 
1 194 GLN n 
1 195 GLN n 
1 196 PHE n 
1 197 MET n 
1 198 LYS n 
1 199 SER n 
1 200 PRO n 
1 201 LYS n 
1 202 ILE n 
1 203 ILE n 
1 204 LYS n 
1 205 THR n 
1 206 MET n 
1 207 ASN n 
1 208 ASN n 
1 209 HIS n 
1 210 HIS n 
1 211 HIS n 
1 212 HIS n 
1 213 HIS n 
1 214 HIS n 
# 
_entity_src_gen.entity_id                          1 
_entity_src_gen.pdbx_src_id                        1 
_entity_src_gen.pdbx_alt_source_flag               sample 
_entity_src_gen.pdbx_seq_type                      'Biological sequence' 
_entity_src_gen.pdbx_beg_seq_num                   1 
_entity_src_gen.pdbx_end_seq_num                   214 
_entity_src_gen.gene_src_common_name               ? 
_entity_src_gen.gene_src_genus                     ? 
_entity_src_gen.pdbx_gene_src_gene                 'cshA, SAR2168' 
_entity_src_gen.gene_src_species                   ? 
_entity_src_gen.gene_src_strain                    MRSA252 
_entity_src_gen.gene_src_tissue                    ? 
_entity_src_gen.gene_src_tissue_fraction           ? 
_entity_src_gen.gene_src_details                   ? 
_entity_src_gen.pdbx_gene_src_fragment             ? 
_entity_src_gen.pdbx_gene_src_scientific_name      'Staphylococcus aureus subsp. aureus MRSA252' 
_entity_src_gen.pdbx_gene_src_ncbi_taxonomy_id     282458 
_entity_src_gen.pdbx_gene_src_variant              ? 
_entity_src_gen.pdbx_gene_src_cell_line            ? 
_entity_src_gen.pdbx_gene_src_atcc                 ? 
_entity_src_gen.pdbx_gene_src_organ                ? 
_entity_src_gen.pdbx_gene_src_organelle            ? 
_entity_src_gen.pdbx_gene_src_cell                 ? 
_entity_src_gen.pdbx_gene_src_cellular_location    ? 
_entity_src_gen.host_org_common_name               ? 
_entity_src_gen.pdbx_host_org_scientific_name      'Escherichia coli BL21(DE3)' 
_entity_src_gen.pdbx_host_org_ncbi_taxonomy_id     469008 
_entity_src_gen.host_org_genus                     ? 
_entity_src_gen.pdbx_host_org_gene                 ? 
_entity_src_gen.pdbx_host_org_organ                ? 
_entity_src_gen.host_org_species                   ? 
_entity_src_gen.pdbx_host_org_tissue               ? 
_entity_src_gen.pdbx_host_org_tissue_fraction      ? 
_entity_src_gen.pdbx_host_org_strain               'BL21(DE3)' 
_entity_src_gen.pdbx_host_org_variant              ? 
_entity_src_gen.pdbx_host_org_cell_line            ? 
_entity_src_gen.pdbx_host_org_atcc                 ? 
_entity_src_gen.pdbx_host_org_culture_collection   ? 
_entity_src_gen.pdbx_host_org_cell                 ? 
_entity_src_gen.pdbx_host_org_organelle            ? 
_entity_src_gen.pdbx_host_org_cellular_location    ? 
_entity_src_gen.pdbx_host_org_vector_type          ? 
_entity_src_gen.pdbx_host_org_vector               ? 
_entity_src_gen.host_org_details                   ? 
_entity_src_gen.expression_system_id               ? 
_entity_src_gen.plasmid_name                       ? 
_entity_src_gen.plasmid_details                    ? 
_entity_src_gen.pdbx_description                   ? 
# 
loop_
_chem_comp.id 
_chem_comp.type 
_chem_comp.mon_nstd_flag 
_chem_comp.name 
_chem_comp.pdbx_synonyms 
_chem_comp.formula 
_chem_comp.formula_weight 
ALA 'L-peptide linking' y ALANINE         ? 'C3 H7 N O2'     89.093  
ARG 'L-peptide linking' y ARGININE        ? 'C6 H15 N4 O2 1' 175.209 
ASN 'L-peptide linking' y ASPARAGINE      ? 'C4 H8 N2 O3'    132.118 
ASP 'L-peptide linking' y 'ASPARTIC ACID' ? 'C4 H7 N O4'     133.103 
GLN 'L-peptide linking' y GLUTAMINE       ? 'C5 H10 N2 O3'   146.144 
GLU 'L-peptide linking' y 'GLUTAMIC ACID' ? 'C5 H9 N O4'     147.129 
GLY 'peptide linking'   y GLYCINE         ? 'C2 H5 N O2'     75.067  
HIS 'L-peptide linking' y HISTIDINE       ? 'C6 H10 N3 O2 1' 156.162 
HOH non-polymer         . WATER           ? 'H2 O'           18.015  
ILE 'L-peptide linking' y ISOLEUCINE      ? 'C6 H13 N O2'    131.173 
LEU 'L-peptide linking' y LEUCINE         ? 'C6 H13 N O2'    131.173 
LYS 'L-peptide linking' y LYSINE          ? 'C6 H15 N2 O2 1' 147.195 
MET 'L-peptide linking' y METHIONINE      ? 'C5 H11 N O2 S'  149.211 
PHE 'L-peptide linking' y PHENYLALANINE   ? 'C9 H11 N O2'    165.189 
PRO 'L-peptide linking' y PROLINE         ? 'C5 H9 N O2'     115.130 
SER 'L-peptide linking' y SERINE          ? 'C3 H7 N O3'     105.093 
THR 'L-peptide linking' y THREONINE       ? 'C4 H9 N O3'     119.119 
TYR 'L-peptide linking' y TYROSINE        ? 'C9 H11 N O3'    181.189 
VAL 'L-peptide linking' y VALINE          ? 'C5 H11 N O2'    117.146 
# 
loop_
_pdbx_poly_seq_scheme.asym_id 
_pdbx_poly_seq_scheme.entity_id 
_pdbx_poly_seq_scheme.seq_id 
_pdbx_poly_seq_scheme.mon_id 
_pdbx_poly_seq_scheme.ndb_seq_num 
_pdbx_poly_seq_scheme.pdb_seq_num 
_pdbx_poly_seq_scheme.auth_seq_num 
_pdbx_poly_seq_scheme.pdb_mon_id 
_pdbx_poly_seq_scheme.auth_mon_id 
_pdbx_poly_seq_scheme.pdb_strand_id 
_pdbx_poly_seq_scheme.pdb_ins_code 
_pdbx_poly_seq_scheme.hetero 
A 1 1   MET 1   1   ?   ?   ?   A . n 
A 1 2   GLN 2   2   ?   ?   ?   A . n 
A 1 3   ASN 3   3   ?   ?   ?   A . n 
A 1 4   PHE 4   4   4   PHE PHE A . n 
A 1 5   LYS 5   5   5   LYS LYS A . n 
A 1 6   GLU 6   6   6   GLU GLU A . n 
A 1 7   LEU 7   7   7   LEU LEU A . n 
A 1 8   GLY 8   8   8   GLY GLY A . n 
A 1 9   ILE 9   9   9   ILE ILE A . n 
A 1 10  SER 10  10  10  SER SER A . n 
A 1 11  ASP 11  11  11  ASP ASP A . n 
A 1 12  ASN 12  12  12  ASN ASN A . n 
A 1 13  THR 13  13  13  THR THR A . n 
A 1 14  VAL 14  14  14  VAL VAL A . n 
A 1 15  GLN 15  15  15  GLN GLN A . n 
A 1 16  SER 16  16  16  SER SER A . n 
A 1 17  LEU 17  17  17  LEU LEU A . n 
A 1 18  GLU 18  18  18  GLU GLU A . n 
A 1 19  SER 19  19  19  SER SER A . n 
A 1 20  MET 20  20  20  MET MET A . n 
A 1 21  GLY 21  21  21  GLY GLY A . n 
A 1 22  PHE 22  22  22  PHE PHE A . n 
A 1 23  LYS 23  23  23  LYS LYS A . n 
A 1 24  GLU 24  24  24  GLU GLU A . n 
A 1 25  PRO 25  25  25  PRO PRO A . n 
A 1 26  THR 26  26  26  THR THR A . n 
A 1 27  PRO 27  27  27  PRO PRO A . n 
A 1 28  ILE 28  28  28  ILE ILE A . n 
A 1 29  GLN 29  29  29  GLN GLN A . n 
A 1 30  LYS 30  30  30  LYS LYS A . n 
A 1 31  ASP 31  31  31  ASP ASP A . n 
A 1 32  SER 32  32  32  SER SER A . n 
A 1 33  ILE 33  33  33  ILE ILE A . n 
A 1 34  PRO 34  34  34  PRO PRO A . n 
A 1 35  TYR 35  35  35  TYR TYR A . n 
A 1 36  ALA 36  36  36  ALA ALA A . n 
A 1 37  LEU 37  37  37  LEU LEU A . n 
A 1 38  GLN 38  38  38  GLN GLN A . n 
A 1 39  GLY 39  39  39  GLY GLY A . n 
A 1 40  ILE 40  40  40  ILE ILE A . n 
A 1 41  ASP 41  41  41  ASP ASP A . n 
A 1 42  ILE 42  42  42  ILE ILE A . n 
A 1 43  LEU 43  43  43  LEU LEU A . n 
A 1 44  GLY 44  44  44  GLY GLY A . n 
A 1 45  GLN 45  45  45  GLN GLN A . n 
A 1 46  ALA 46  46  46  ALA ALA A . n 
A 1 47  GLN 47  47  47  GLN GLN A . n 
A 1 48  THR 48  48  48  THR THR A . n 
A 1 49  GLY 49  49  49  GLY GLY A . n 
A 1 50  THR 50  50  50  THR THR A . n 
A 1 51  GLY 51  51  51  GLY GLY A . n 
A 1 52  LYS 52  52  52  LYS LYS A . n 
A 1 53  THR 53  53  53  THR THR A . n 
A 1 54  GLY 54  54  54  GLY GLY A . n 
A 1 55  ALA 55  55  55  ALA ALA A . n 
A 1 56  PHE 56  56  56  PHE PHE A . n 
A 1 57  GLY 57  57  57  GLY GLY A . n 
A 1 58  ILE 58  58  58  ILE ILE A . n 
A 1 59  PRO 59  59  59  PRO PRO A . n 
A 1 60  LEU 60  60  60  LEU LEU A . n 
A 1 61  ILE 61  61  61  ILE ILE A . n 
A 1 62  GLU 62  62  62  GLU GLU A . n 
A 1 63  LYS 63  63  63  LYS LYS A . n 
A 1 64  VAL 64  64  64  VAL VAL A . n 
A 1 65  VAL 65  65  65  VAL VAL A . n 
A 1 66  GLY 66  66  66  GLY GLY A . n 
A 1 67  LYS 67  67  67  LYS LYS A . n 
A 1 68  GLN 68  68  68  GLN GLN A . n 
A 1 69  GLY 69  69  69  GLY GLY A . n 
A 1 70  VAL 70  70  70  VAL VAL A . n 
A 1 71  GLN 71  71  71  GLN GLN A . n 
A 1 72  SER 72  72  72  SER SER A . n 
A 1 73  LEU 73  73  73  LEU LEU A . n 
A 1 74  ILE 74  74  74  ILE ILE A . n 
A 1 75  LEU 75  75  75  LEU LEU A . n 
A 1 76  ALA 76  76  76  ALA ALA A . n 
A 1 77  PRO 77  77  77  PRO PRO A . n 
A 1 78  THR 78  78  78  THR THR A . n 
A 1 79  ARG 79  79  79  ARG ARG A . n 
A 1 80  GLU 80  80  80  GLU GLU A . n 
A 1 81  LEU 81  81  81  LEU LEU A . n 
A 1 82  ALA 82  82  82  ALA ALA A . n 
A 1 83  MET 83  83  83  MET MET A . n 
A 1 84  GLN 84  84  84  GLN GLN A . n 
A 1 85  VAL 85  85  85  VAL VAL A . n 
A 1 86  ALA 86  86  86  ALA ALA A . n 
A 1 87  GLU 87  87  87  GLU GLU A . n 
A 1 88  GLN 88  88  88  GLN GLN A . n 
A 1 89  LEU 89  89  89  LEU LEU A . n 
A 1 90  ARG 90  90  90  ARG ARG A . n 
A 1 91  GLU 91  91  91  GLU GLU A . n 
A 1 92  PHE 92  92  92  PHE PHE A . n 
A 1 93  SER 93  93  93  SER SER A . n 
A 1 94  ARG 94  94  94  ARG ARG A . n 
A 1 95  GLY 95  95  95  GLY GLY A . n 
A 1 96  GLN 96  96  96  GLN GLN A . n 
A 1 97  GLY 97  97  97  GLY GLY A . n 
A 1 98  VAL 98  98  98  VAL VAL A . n 
A 1 99  GLN 99  99  99  GLN GLN A . n 
A 1 100 VAL 100 100 100 VAL VAL A . n 
A 1 101 VAL 101 101 101 VAL VAL A . n 
A 1 102 THR 102 102 102 THR THR A . n 
A 1 103 VAL 103 103 103 VAL VAL A . n 
A 1 104 PHE 104 104 104 PHE PHE A . n 
A 1 105 GLY 105 105 105 GLY GLY A . n 
A 1 106 GLY 106 106 106 GLY GLY A . n 
A 1 107 MET 107 107 107 MET MET A . n 
A 1 108 PRO 108 108 108 PRO PRO A . n 
A 1 109 ILE 109 109 109 ILE ILE A . n 
A 1 110 GLU 110 110 110 GLU GLU A . n 
A 1 111 ARG 111 111 111 ARG ARG A . n 
A 1 112 GLN 112 112 112 GLN GLN A . n 
A 1 113 ILE 113 113 113 ILE ILE A . n 
A 1 114 LYS 114 114 114 LYS LYS A . n 
A 1 115 ALA 115 115 115 ALA ALA A . n 
A 1 116 LEU 116 116 116 LEU LEU A . n 
A 1 117 LYS 117 117 117 LYS LYS A . n 
A 1 118 LYS 118 118 118 LYS LYS A . n 
A 1 119 GLY 119 119 119 GLY GLY A . n 
A 1 120 PRO 120 120 120 PRO PRO A . n 
A 1 121 GLN 121 121 121 GLN GLN A . n 
A 1 122 ILE 122 122 122 ILE ILE A . n 
A 1 123 VAL 123 123 123 VAL VAL A . n 
A 1 124 VAL 124 124 124 VAL VAL A . n 
A 1 125 GLY 125 125 125 GLY GLY A . n 
A 1 126 THR 126 126 126 THR THR A . n 
A 1 127 PRO 127 127 127 PRO PRO A . n 
A 1 128 GLY 128 128 128 GLY GLY A . n 
A 1 129 ARG 129 129 129 ARG ARG A . n 
A 1 130 VAL 130 130 130 VAL VAL A . n 
A 1 131 ILE 131 131 131 ILE ILE A . n 
A 1 132 ASP 132 132 132 ASP ASP A . n 
A 1 133 HIS 133 133 133 HIS HIS A . n 
A 1 134 LEU 134 134 134 LEU LEU A . n 
A 1 135 ASN 135 135 135 ASN ASN A . n 
A 1 136 ARG 136 136 136 ARG ARG A . n 
A 1 137 ARG 137 137 137 ARG ARG A . n 
A 1 138 THR 138 138 138 THR THR A . n 
A 1 139 LEU 139 139 139 LEU LEU A . n 
A 1 140 LYS 140 140 140 LYS LYS A . n 
A 1 141 THR 141 141 141 THR THR A . n 
A 1 142 ASP 142 142 142 ASP ASP A . n 
A 1 143 GLY 143 143 143 GLY GLY A . n 
A 1 144 ILE 144 144 144 ILE ILE A . n 
A 1 145 HIS 145 145 145 HIS HIS A . n 
A 1 146 THR 146 146 146 THR THR A . n 
A 1 147 LEU 147 147 147 LEU LEU A . n 
A 1 148 ILE 148 148 148 ILE ILE A . n 
A 1 149 LEU 149 149 149 LEU LEU A . n 
A 1 150 ASP 150 150 150 ASP ASP A . n 
A 1 151 GLU 151 151 151 GLU GLU A . n 
A 1 152 ALA 152 152 152 ALA ALA A . n 
A 1 153 ASP 153 153 153 ASP ASP A . n 
A 1 154 GLU 154 154 154 GLU GLU A . n 
A 1 155 MET 155 155 155 MET MET A . n 
A 1 156 MET 156 156 156 MET MET A . n 
A 1 157 ASN 157 157 157 ASN ASN A . n 
A 1 158 MET 158 158 158 MET MET A . n 
A 1 159 GLY 159 159 159 GLY GLY A . n 
A 1 160 PHE 160 160 160 PHE PHE A . n 
A 1 161 ILE 161 161 161 ILE ILE A . n 
A 1 162 ASP 162 162 162 ASP ASP A . n 
A 1 163 ASP 163 163 163 ASP ASP A . n 
A 1 164 MET 164 164 164 MET MET A . n 
A 1 165 ARG 165 165 165 ARG ARG A . n 
A 1 166 PHE 166 166 166 PHE PHE A . n 
A 1 167 ILE 167 167 167 ILE ILE A . n 
A 1 168 MET 168 168 168 MET MET A . n 
A 1 169 ASP 169 169 169 ASP ASP A . n 
A 1 170 LYS 170 170 170 LYS LYS A . n 
A 1 171 ILE 171 171 171 ILE ILE A . n 
A 1 172 PRO 172 172 172 PRO PRO A . n 
A 1 173 ALA 173 173 173 ALA ALA A . n 
A 1 174 VAL 174 174 174 VAL VAL A . n 
A 1 175 GLN 175 175 175 GLN GLN A . n 
A 1 176 ARG 176 176 176 ARG ARG A . n 
A 1 177 GLN 177 177 177 GLN GLN A . n 
A 1 178 THR 178 178 178 THR THR A . n 
A 1 179 MET 179 179 179 MET MET A . n 
A 1 180 LEU 180 180 180 LEU LEU A . n 
A 1 181 PHE 181 181 181 PHE PHE A . n 
A 1 182 SER 182 182 182 SER SER A . n 
A 1 183 ALA 183 183 183 ALA ALA A . n 
A 1 184 THR 184 184 184 THR THR A . n 
A 1 185 MET 185 185 185 MET MET A . n 
A 1 186 PRO 186 186 186 PRO PRO A . n 
A 1 187 LYS 187 187 187 LYS LYS A . n 
A 1 188 ALA 188 188 188 ALA ALA A . n 
A 1 189 ILE 189 189 189 ILE ILE A . n 
A 1 190 GLN 190 190 190 GLN GLN A . n 
A 1 191 ALA 191 191 191 ALA ALA A . n 
A 1 192 LEU 192 192 192 LEU LEU A . n 
A 1 193 VAL 193 193 193 VAL VAL A . n 
A 1 194 GLN 194 194 194 GLN GLN A . n 
A 1 195 GLN 195 195 195 GLN GLN A . n 
A 1 196 PHE 196 196 196 PHE PHE A . n 
A 1 197 MET 197 197 197 MET MET A . n 
A 1 198 LYS 198 198 198 LYS LYS A . n 
A 1 199 SER 199 199 199 SER SER A . n 
A 1 200 PRO 200 200 200 PRO PRO A . n 
A 1 201 LYS 201 201 201 LYS LYS A . n 
A 1 202 ILE 202 202 202 ILE ILE A . n 
A 1 203 ILE 203 203 203 ILE ILE A . n 
A 1 204 LYS 204 204 204 LYS LYS A . n 
A 1 205 THR 205 205 ?   ?   ?   A . n 
A 1 206 MET 206 206 ?   ?   ?   A . n 
A 1 207 ASN 207 207 ?   ?   ?   A . n 
A 1 208 ASN 208 208 ?   ?   ?   A . n 
A 1 209 HIS 209 209 ?   ?   ?   A . n 
A 1 210 HIS 210 210 ?   ?   ?   A . n 
A 1 211 HIS 211 211 ?   ?   ?   A . n 
A 1 212 HIS 212 212 ?   ?   ?   A . n 
A 1 213 HIS 213 213 ?   ?   ?   A . n 
A 1 214 HIS 214 214 ?   ?   ?   A . n 
# 
loop_
_pdbx_nonpoly_scheme.asym_id 
_pdbx_nonpoly_scheme.entity_id 
_pdbx_nonpoly_scheme.mon_id 
_pdbx_nonpoly_scheme.ndb_seq_num 
_pdbx_nonpoly_scheme.pdb_seq_num 
_pdbx_nonpoly_scheme.auth_seq_num 
_pdbx_nonpoly_scheme.pdb_mon_id 
_pdbx_nonpoly_scheme.auth_mon_id 
_pdbx_nonpoly_scheme.pdb_strand_id 
_pdbx_nonpoly_scheme.pdb_ins_code 
B 2 HOH 1  301 30 HOH HOH A . 
B 2 HOH 2  302 59 HOH HOH A . 
B 2 HOH 3  303 58 HOH HOH A . 
B 2 HOH 4  304 6  HOH HOH A . 
B 2 HOH 5  305 23 HOH HOH A . 
B 2 HOH 6  306 28 HOH HOH A . 
B 2 HOH 7  307 41 HOH HOH A . 
B 2 HOH 8  308 44 HOH HOH A . 
B 2 HOH 9  309 4  HOH HOH A . 
B 2 HOH 10 310 9  HOH HOH A . 
B 2 HOH 11 311 60 HOH HOH A . 
B 2 HOH 12 312 39 HOH HOH A . 
B 2 HOH 13 313 18 HOH HOH A . 
B 2 HOH 14 314 21 HOH HOH A . 
B 2 HOH 15 315 26 HOH HOH A . 
B 2 HOH 16 316 62 HOH HOH A . 
B 2 HOH 17 317 31 HOH HOH A . 
B 2 HOH 18 318 8  HOH HOH A . 
B 2 HOH 19 319 17 HOH HOH A . 
B 2 HOH 20 320 3  HOH HOH A . 
B 2 HOH 21 321 2  HOH HOH A . 
B 2 HOH 22 322 25 HOH HOH A . 
B 2 HOH 23 323 11 HOH HOH A . 
B 2 HOH 24 324 37 HOH HOH A . 
B 2 HOH 25 325 5  HOH HOH A . 
B 2 HOH 26 326 34 HOH HOH A . 
B 2 HOH 27 327 49 HOH HOH A . 
B 2 HOH 28 328 10 HOH HOH A . 
B 2 HOH 29 329 33 HOH HOH A . 
B 2 HOH 30 330 61 HOH HOH A . 
B 2 HOH 31 331 32 HOH HOH A . 
B 2 HOH 32 332 7  HOH HOH A . 
B 2 HOH 33 333 46 HOH HOH A . 
B 2 HOH 34 334 36 HOH HOH A . 
B 2 HOH 35 335 45 HOH HOH A . 
B 2 HOH 36 336 24 HOH HOH A . 
B 2 HOH 37 337 47 HOH HOH A . 
B 2 HOH 38 338 12 HOH HOH A . 
B 2 HOH 39 339 57 HOH HOH A . 
B 2 HOH 40 340 50 HOH HOH A . 
B 2 HOH 41 341 38 HOH HOH A . 
B 2 HOH 42 342 43 HOH HOH A . 
B 2 HOH 43 343 19 HOH HOH A . 
B 2 HOH 44 344 29 HOH HOH A . 
B 2 HOH 45 345 16 HOH HOH A . 
B 2 HOH 46 346 15 HOH HOH A . 
B 2 HOH 47 347 20 HOH HOH A . 
B 2 HOH 48 348 54 HOH HOH A . 
B 2 HOH 49 349 13 HOH HOH A . 
B 2 HOH 50 350 1  HOH HOH A . 
B 2 HOH 51 351 42 HOH HOH A . 
B 2 HOH 52 352 56 HOH HOH A . 
B 2 HOH 53 353 22 HOH HOH A . 
B 2 HOH 54 354 63 HOH HOH A . 
B 2 HOH 55 355 14 HOH HOH A . 
B 2 HOH 56 356 40 HOH HOH A . 
B 2 HOH 57 357 35 HOH HOH A . 
B 2 HOH 58 358 55 HOH HOH A . 
B 2 HOH 59 359 27 HOH HOH A . 
B 2 HOH 60 360 48 HOH HOH A . 
B 2 HOH 61 361 52 HOH HOH A . 
B 2 HOH 62 362 51 HOH HOH A . 
B 2 HOH 63 363 53 HOH HOH A . 
# 
loop_
_pdbx_unobs_or_zero_occ_atoms.id 
_pdbx_unobs_or_zero_occ_atoms.PDB_model_num 
_pdbx_unobs_or_zero_occ_atoms.polymer_flag 
_pdbx_unobs_or_zero_occ_atoms.occupancy_flag 
_pdbx_unobs_or_zero_occ_atoms.auth_asym_id 
_pdbx_unobs_or_zero_occ_atoms.auth_comp_id 
_pdbx_unobs_or_zero_occ_atoms.auth_seq_id 
_pdbx_unobs_or_zero_occ_atoms.PDB_ins_code 
_pdbx_unobs_or_zero_occ_atoms.auth_atom_id 
_pdbx_unobs_or_zero_occ_atoms.label_alt_id 
_pdbx_unobs_or_zero_occ_atoms.label_asym_id 
_pdbx_unobs_or_zero_occ_atoms.label_comp_id 
_pdbx_unobs_or_zero_occ_atoms.label_seq_id 
_pdbx_unobs_or_zero_occ_atoms.label_atom_id 
1 1 Y 1 A GLU 6 ? CG  ? A GLU 6 CG  
2 1 Y 1 A GLU 6 ? CD  ? A GLU 6 CD  
3 1 Y 1 A GLU 6 ? OE1 ? A GLU 6 OE1 
4 1 Y 1 A GLU 6 ? OE2 ? A GLU 6 OE2 
# 
loop_
_software.citation_id 
_software.classification 
_software.compiler_name 
_software.compiler_version 
_software.contact_author 
_software.contact_author_email 
_software.date 
_software.description 
_software.dependencies 
_software.hardware 
_software.language 
_software.location 
_software.mods 
_software.name 
_software.os 
_software.os_version 
_software.type 
_software.version 
_software.pdbx_ordinal 
? refinement       ? ? ? ? ? ? ? ? ? ? ? REFMAC   ? ? ? 5.8.0103 1 
? 'data reduction' ? ? ? ? ? ? ? ? ? ? ? HKL-2000 ? ? ? .        2 
? 'data scaling'   ? ? ? ? ? ? ? ? ? ? ? HKL-2000 ? ? ? .        3 
? phasing          ? ? ? ? ? ? ? ? ? ? ? PHENIX   ? ? ? .        4 
# 
_cell.angle_alpha                  90.00 
_cell.angle_alpha_esd              ? 
_cell.angle_beta                   90.00 
_cell.angle_beta_esd               ? 
_cell.angle_gamma                  90.00 
_cell.angle_gamma_esd              ? 
_cell.entry_id                     6AIB 
_cell.details                      ? 
_cell.formula_units_Z              ? 
_cell.length_a                     70.564 
_cell.length_a_esd                 ? 
_cell.length_b                     85.313 
_cell.length_b_esd                 ? 
_cell.length_c                     31.724 
_cell.length_c_esd                 ? 
_cell.volume                       ? 
_cell.volume_esd                   ? 
_cell.Z_PDB                        4 
_cell.reciprocal_angle_alpha       ? 
_cell.reciprocal_angle_beta        ? 
_cell.reciprocal_angle_gamma       ? 
_cell.reciprocal_angle_alpha_esd   ? 
_cell.reciprocal_angle_beta_esd    ? 
_cell.reciprocal_angle_gamma_esd   ? 
_cell.reciprocal_length_a          ? 
_cell.reciprocal_length_b          ? 
_cell.reciprocal_length_c          ? 
_cell.reciprocal_length_a_esd      ? 
_cell.reciprocal_length_b_esd      ? 
_cell.reciprocal_length_c_esd      ? 
_cell.pdbx_unique_axis             ? 
# 
_symmetry.entry_id                         6AIB 
_symmetry.cell_setting                     ? 
_symmetry.Int_Tables_number                19 
_symmetry.space_group_name_Hall            ? 
_symmetry.space_group_name_H-M             'P 21 21 21' 
_symmetry.pdbx_full_space_group_name_H-M   ? 
# 
_exptl.absorpt_coefficient_mu     ? 
_exptl.absorpt_correction_T_max   ? 
_exptl.absorpt_correction_T_min   ? 
_exptl.absorpt_correction_type    ? 
_exptl.absorpt_process_details    ? 
_exptl.entry_id                   6AIB 
_exptl.crystals_number            1 
_exptl.details                    ? 
_exptl.method                     'X-RAY DIFFRACTION' 
_exptl.method_details             ? 
# 
_exptl_crystal.colour                      ? 
_exptl_crystal.density_diffrn              ? 
_exptl_crystal.density_Matthews            2.01 
_exptl_crystal.density_method              ? 
_exptl_crystal.density_percent_sol         38.66 
_exptl_crystal.description                 ? 
_exptl_crystal.F_000                       ? 
_exptl_crystal.id                          1 
_exptl_crystal.preparation                 ? 
_exptl_crystal.size_max                    ? 
_exptl_crystal.size_mid                    ? 
_exptl_crystal.size_min                    ? 
_exptl_crystal.size_rad                    ? 
_exptl_crystal.colour_lustre               ? 
_exptl_crystal.colour_modifier             ? 
_exptl_crystal.colour_primary              ? 
_exptl_crystal.density_meas                ? 
_exptl_crystal.density_meas_esd            ? 
_exptl_crystal.density_meas_gt             ? 
_exptl_crystal.density_meas_lt             ? 
_exptl_crystal.density_meas_temp           ? 
_exptl_crystal.density_meas_temp_esd       ? 
_exptl_crystal.density_meas_temp_gt        ? 
_exptl_crystal.density_meas_temp_lt        ? 
_exptl_crystal.pdbx_crystal_image_url      ? 
_exptl_crystal.pdbx_crystal_image_format   ? 
_exptl_crystal.pdbx_mosaicity              ? 
_exptl_crystal.pdbx_mosaicity_esd          ? 
# 
_exptl_crystal_grow.apparatus       ? 
_exptl_crystal_grow.atmosphere      ? 
_exptl_crystal_grow.crystal_id      1 
_exptl_crystal_grow.details         ? 
_exptl_crystal_grow.method          'VAPOR DIFFUSION, SITTING DROP' 
_exptl_crystal_grow.method_ref      ? 
_exptl_crystal_grow.pH              ? 
_exptl_crystal_grow.pressure        ? 
_exptl_crystal_grow.pressure_esd    ? 
_exptl_crystal_grow.seeding         ? 
_exptl_crystal_grow.seeding_ref     ? 
_exptl_crystal_grow.temp            289 
_exptl_crystal_grow.temp_details    ? 
_exptl_crystal_grow.temp_esd        ? 
_exptl_crystal_grow.time            ? 
_exptl_crystal_grow.pdbx_details    '0.2M Ammonium acetate, 0.1M Sodium citrate tribasic dihydrate pH 5.6, 30%(v/v) PEG4000' 
_exptl_crystal_grow.pdbx_pH_range   ? 
# 
_diffrn.ambient_environment              ? 
_diffrn.ambient_temp                     100 
_diffrn.ambient_temp_details             ? 
_diffrn.ambient_temp_esd                 ? 
_diffrn.crystal_id                       1 
_diffrn.crystal_support                  ? 
_diffrn.crystal_treatment                ? 
_diffrn.details                          ? 
_diffrn.id                               1 
_diffrn.ambient_pressure                 ? 
_diffrn.ambient_pressure_esd             ? 
_diffrn.ambient_pressure_gt              ? 
_diffrn.ambient_pressure_lt              ? 
_diffrn.ambient_temp_gt                  ? 
_diffrn.ambient_temp_lt                  ? 
_diffrn.pdbx_serial_crystal_experiment   ? 
# 
_diffrn_detector.details                      ? 
_diffrn_detector.detector                     CCD 
_diffrn_detector.diffrn_id                    1 
_diffrn_detector.type                         'ADSC QUANTUM 315r' 
_diffrn_detector.area_resol_mean              ? 
_diffrn_detector.dtime                        ? 
_diffrn_detector.pdbx_frames_total            ? 
_diffrn_detector.pdbx_collection_time_total   ? 
_diffrn_detector.pdbx_collection_date         2014-09-21 
_diffrn_detector.pdbx_frequency               ? 
# 
_diffrn_radiation.collimation                      ? 
_diffrn_radiation.diffrn_id                        1 
_diffrn_radiation.filter_edge                      ? 
_diffrn_radiation.inhomogeneity                    ? 
_diffrn_radiation.monochromator                    ? 
_diffrn_radiation.polarisn_norm                    ? 
_diffrn_radiation.polarisn_ratio                   ? 
_diffrn_radiation.probe                            ? 
_diffrn_radiation.type                             ? 
_diffrn_radiation.xray_symbol                      ? 
_diffrn_radiation.wavelength_id                    1 
_diffrn_radiation.pdbx_monochromatic_or_laue_m_l   M 
_diffrn_radiation.pdbx_wavelength_list             ? 
_diffrn_radiation.pdbx_wavelength                  ? 
_diffrn_radiation.pdbx_diffrn_protocol             'SINGLE WAVELENGTH' 
_diffrn_radiation.pdbx_analyzer                    ? 
_diffrn_radiation.pdbx_scattering_type             x-ray 
# 
_diffrn_radiation_wavelength.id           1 
_diffrn_radiation_wavelength.wavelength   0.9792 
_diffrn_radiation_wavelength.wt           1.0 
# 
_diffrn_source.current                     ? 
_diffrn_source.details                     ? 
_diffrn_source.diffrn_id                   1 
_diffrn_source.power                       ? 
_diffrn_source.size                        ? 
_diffrn_source.source                      SYNCHROTRON 
_diffrn_source.target                      ? 
_diffrn_source.type                        'SSRF BEAMLINE BL17U1' 
_diffrn_source.voltage                     ? 
_diffrn_source.take-off_angle              ? 
_diffrn_source.pdbx_wavelength_list        0.9792 
_diffrn_source.pdbx_wavelength             ? 
_diffrn_source.pdbx_synchrotron_beamline   BL17U1 
_diffrn_source.pdbx_synchrotron_site       SSRF 
# 
_reflns.B_iso_Wilson_estimate            ? 
_reflns.entry_id                         6AIB 
_reflns.data_reduction_details           ? 
_reflns.data_reduction_method            ? 
_reflns.d_resolution_high                1.5 
_reflns.d_resolution_low                 50 
_reflns.details                          ? 
_reflns.limit_h_max                      ? 
_reflns.limit_h_min                      ? 
_reflns.limit_k_max                      ? 
_reflns.limit_k_min                      ? 
_reflns.limit_l_max                      ? 
_reflns.limit_l_min                      ? 
_reflns.number_all                       ? 
_reflns.number_obs                       31385 
_reflns.observed_criterion               ? 
_reflns.observed_criterion_F_max         ? 
_reflns.observed_criterion_F_min         ? 
_reflns.observed_criterion_I_max         ? 
_reflns.observed_criterion_I_min         ? 
_reflns.observed_criterion_sigma_F       ? 
_reflns.observed_criterion_sigma_I       ? 
_reflns.percent_possible_obs             99.6 
_reflns.R_free_details                   ? 
_reflns.Rmerge_F_all                     ? 
_reflns.Rmerge_F_obs                     ? 
_reflns.Friedel_coverage                 ? 
_reflns.number_gt                        ? 
_reflns.threshold_expression             ? 
_reflns.pdbx_redundancy                  7.5 
_reflns.pdbx_Rmerge_I_obs                ? 
_reflns.pdbx_Rmerge_I_all                ? 
_reflns.pdbx_Rsym_value                  ? 
_reflns.pdbx_netI_over_av_sigmaI         ? 
_reflns.pdbx_netI_over_sigmaI            10.09 
_reflns.pdbx_res_netI_over_av_sigmaI_2   ? 
_reflns.pdbx_res_netI_over_sigmaI_2      ? 
_reflns.pdbx_chi_squared                 ? 
_reflns.pdbx_scaling_rejects             ? 
_reflns.pdbx_d_res_high_opt              ? 
_reflns.pdbx_d_res_low_opt               ? 
_reflns.pdbx_d_res_opt_method            ? 
_reflns.phase_calculation_details        ? 
_reflns.pdbx_Rrim_I_all                  ? 
_reflns.pdbx_Rpim_I_all                  ? 
_reflns.pdbx_d_opt                       ? 
_reflns.pdbx_number_measured_all         ? 
_reflns.pdbx_diffrn_id                   1 
_reflns.pdbx_ordinal                     1 
_reflns.pdbx_CC_half                     ? 
_reflns.pdbx_R_split                     ? 
# 
_reflns_shell.d_res_high                  1.5 
_reflns_shell.d_res_low                   1.53 
_reflns_shell.meanI_over_sigI_all         ? 
_reflns_shell.meanI_over_sigI_obs         ? 
_reflns_shell.number_measured_all         ? 
_reflns_shell.number_measured_obs         ? 
_reflns_shell.number_possible             ? 
_reflns_shell.number_unique_all           ? 
_reflns_shell.number_unique_obs           ? 
_reflns_shell.percent_possible_all        ? 
_reflns_shell.percent_possible_obs        ? 
_reflns_shell.Rmerge_F_all                ? 
_reflns_shell.Rmerge_F_obs                ? 
_reflns_shell.Rmerge_I_all                ? 
_reflns_shell.Rmerge_I_obs                ? 
_reflns_shell.meanI_over_sigI_gt          ? 
_reflns_shell.meanI_over_uI_all           ? 
_reflns_shell.meanI_over_uI_gt            ? 
_reflns_shell.number_measured_gt          ? 
_reflns_shell.number_unique_gt            ? 
_reflns_shell.percent_possible_gt         ? 
_reflns_shell.Rmerge_F_gt                 ? 
_reflns_shell.Rmerge_I_gt                 ? 
_reflns_shell.pdbx_redundancy             ? 
_reflns_shell.pdbx_Rsym_value             ? 
_reflns_shell.pdbx_chi_squared            ? 
_reflns_shell.pdbx_netI_over_sigmaI_all   ? 
_reflns_shell.pdbx_netI_over_sigmaI_obs   ? 
_reflns_shell.pdbx_Rrim_I_all             ? 
_reflns_shell.pdbx_Rpim_I_all             ? 
_reflns_shell.pdbx_rejects                ? 
_reflns_shell.pdbx_ordinal                1 
_reflns_shell.pdbx_diffrn_id              1 
_reflns_shell.pdbx_CC_half                ? 
_reflns_shell.pdbx_R_split                ? 
# 
_refine.aniso_B[1][1]                            -0.67 
_refine.aniso_B[1][2]                            0.00 
_refine.aniso_B[1][3]                            0.00 
_refine.aniso_B[2][2]                            2.32 
_refine.aniso_B[2][3]                            -0.00 
_refine.aniso_B[3][3]                            -1.64 
_refine.B_iso_max                                ? 
_refine.B_iso_mean                               16.156 
_refine.B_iso_min                                ? 
_refine.correlation_coeff_Fo_to_Fc               0.936 
_refine.correlation_coeff_Fo_to_Fc_free          0.931 
_refine.details                                  'HYDROGENS HAVE BEEN ADDED IN THE RIDING POSITIONS' 
_refine.diff_density_max                         ? 
_refine.diff_density_max_esd                     ? 
_refine.diff_density_min                         ? 
_refine.diff_density_min_esd                     ? 
_refine.diff_density_rms                         ? 
_refine.diff_density_rms_esd                     ? 
_refine.entry_id                                 6AIB 
_refine.pdbx_refine_id                           'X-RAY DIFFRACTION' 
_refine.ls_abs_structure_details                 ? 
_refine.ls_abs_structure_Flack                   ? 
_refine.ls_abs_structure_Flack_esd               ? 
_refine.ls_abs_structure_Rogers                  ? 
_refine.ls_abs_structure_Rogers_esd              ? 
_refine.ls_d_res_high                            1.50 
_refine.ls_d_res_low                             50 
_refine.ls_extinction_coef                       ? 
_refine.ls_extinction_coef_esd                   ? 
_refine.ls_extinction_expression                 ? 
_refine.ls_extinction_method                     ? 
_refine.ls_goodness_of_fit_all                   ? 
_refine.ls_goodness_of_fit_all_esd               ? 
_refine.ls_goodness_of_fit_obs                   ? 
_refine.ls_goodness_of_fit_obs_esd               ? 
_refine.ls_hydrogen_treatment                    ? 
_refine.ls_matrix_type                           ? 
_refine.ls_number_constraints                    ? 
_refine.ls_number_parameters                     ? 
_refine.ls_number_reflns_all                     ? 
_refine.ls_number_reflns_obs                     29486 
_refine.ls_number_reflns_R_free                  1530 
_refine.ls_number_reflns_R_work                  ? 
_refine.ls_number_restraints                     ? 
_refine.ls_percent_reflns_obs                    99.00 
_refine.ls_percent_reflns_R_free                 4.9 
_refine.ls_R_factor_all                          ? 
_refine.ls_R_factor_obs                          0.20186 
_refine.ls_R_factor_R_free                       0.21640 
_refine.ls_R_factor_R_free_error                 ? 
_refine.ls_R_factor_R_free_error_details         ? 
_refine.ls_R_factor_R_work                       0.20107 
_refine.ls_R_Fsqd_factor_obs                     ? 
_refine.ls_R_I_factor_obs                        ? 
_refine.ls_redundancy_reflns_all                 ? 
_refine.ls_redundancy_reflns_obs                 ? 
_refine.ls_restrained_S_all                      ? 
_refine.ls_restrained_S_obs                      ? 
_refine.ls_shift_over_esd_max                    ? 
_refine.ls_shift_over_esd_mean                   ? 
_refine.ls_structure_factor_coef                 ? 
_refine.ls_weighting_details                     ? 
_refine.ls_weighting_scheme                      ? 
_refine.ls_wR_factor_all                         ? 
_refine.ls_wR_factor_obs                         ? 
_refine.ls_wR_factor_R_free                      ? 
_refine.ls_wR_factor_R_work                      ? 
_refine.occupancy_max                            ? 
_refine.occupancy_min                            ? 
_refine.solvent_model_details                    ? 
_refine.solvent_model_param_bsol                 ? 
_refine.solvent_model_param_ksol                 ? 
_refine.ls_R_factor_gt                           ? 
_refine.ls_goodness_of_fit_gt                    ? 
_refine.ls_goodness_of_fit_ref                   ? 
_refine.ls_shift_over_su_max                     ? 
_refine.ls_shift_over_su_max_lt                  ? 
_refine.ls_shift_over_su_mean                    ? 
_refine.ls_shift_over_su_mean_lt                 ? 
_refine.pdbx_ls_sigma_I                          ? 
_refine.pdbx_ls_sigma_F                          ? 
_refine.pdbx_ls_sigma_Fsqd                       ? 
_refine.pdbx_data_cutoff_high_absF               ? 
_refine.pdbx_data_cutoff_high_rms_absF           ? 
_refine.pdbx_data_cutoff_low_absF                ? 
_refine.pdbx_isotropic_thermal_model             ? 
_refine.pdbx_ls_cross_valid_method               THROUGHOUT 
_refine.pdbx_method_to_determine_struct          'MOLECULAR REPLACEMENT' 
_refine.pdbx_starting_model                      ? 
_refine.pdbx_stereochemistry_target_values       ? 
_refine.pdbx_R_Free_selection_details            RANDOM 
_refine.pdbx_stereochem_target_val_spec_case     ? 
_refine.pdbx_overall_ESU_R                       0.082 
_refine.pdbx_overall_ESU_R_Free                  0.078 
_refine.pdbx_solvent_vdw_probe_radii             1.20 
_refine.pdbx_solvent_ion_probe_radii             0.80 
_refine.pdbx_solvent_shrinkage_radii             0.80 
_refine.pdbx_real_space_R                        ? 
_refine.pdbx_density_correlation                 ? 
_refine.pdbx_pd_number_of_powder_patterns        ? 
_refine.pdbx_pd_number_of_points                 ? 
_refine.pdbx_pd_meas_number_of_points            ? 
_refine.pdbx_pd_proc_ls_prof_R_factor            ? 
_refine.pdbx_pd_proc_ls_prof_wR_factor           ? 
_refine.pdbx_pd_Marquardt_correlation_coeff      ? 
_refine.pdbx_pd_Fsqrd_R_factor                   ? 
_refine.pdbx_pd_ls_matrix_band_width             ? 
_refine.pdbx_overall_phase_error                 ? 
_refine.pdbx_overall_SU_R_free_Cruickshank_DPI   ? 
_refine.pdbx_overall_SU_R_free_Blow_DPI          ? 
_refine.pdbx_overall_SU_R_Blow_DPI               ? 
_refine.pdbx_TLS_residual_ADP_flag               ? 
_refine.pdbx_diffrn_id                           1 
_refine.overall_SU_B                             ? 
_refine.overall_SU_ML                            ? 
_refine.overall_SU_R_Cruickshank_DPI             ? 
_refine.overall_SU_R_free                        ? 
_refine.overall_FOM_free_R_set                   ? 
_refine.overall_FOM_work_R_set                   ? 
_refine.pdbx_average_fsc_overall                 ? 
_refine.pdbx_average_fsc_work                    ? 
_refine.pdbx_average_fsc_free                    ? 
# 
_refine_hist.pdbx_refine_id                   'X-RAY DIFFRACTION' 
_refine_hist.cycle_id                         1 
_refine_hist.pdbx_number_atoms_protein        1543 
_refine_hist.pdbx_number_atoms_nucleic_acid   0 
_refine_hist.pdbx_number_atoms_ligand         0 
_refine_hist.number_atoms_solvent             63 
_refine_hist.number_atoms_total               1606 
_refine_hist.d_res_high                       1.50 
_refine_hist.d_res_low                        50 
# 
loop_
_refine_ls_restr.pdbx_refine_id 
_refine_ls_restr.criterion 
_refine_ls_restr.dev_ideal 
_refine_ls_restr.dev_ideal_target 
_refine_ls_restr.number 
_refine_ls_restr.rejects 
_refine_ls_restr.type 
_refine_ls_restr.weight 
_refine_ls_restr.pdbx_restraint_function 
'X-RAY DIFFRACTION' ? 0.013  0.019  1594 ? r_bond_refined_d             ? ? 
'X-RAY DIFFRACTION' ? 0.000  0.020  1637 ? r_bond_other_d               ? ? 
'X-RAY DIFFRACTION' ? 1.560  1.990  2154 ? r_angle_refined_deg          ? ? 
'X-RAY DIFFRACTION' ? 3.522  3.000  3780 ? r_angle_other_deg            ? ? 
'X-RAY DIFFRACTION' ? 5.592  5.000  210  ? r_dihedral_angle_1_deg       ? ? 
'X-RAY DIFFRACTION' ? 35.783 25.238 63   ? r_dihedral_angle_2_deg       ? ? 
'X-RAY DIFFRACTION' ? 12.298 15.000 313  ? r_dihedral_angle_3_deg       ? ? 
'X-RAY DIFFRACTION' ? 17.926 15.000 9    ? r_dihedral_angle_4_deg       ? ? 
'X-RAY DIFFRACTION' ? 0.098  0.200  253  ? r_chiral_restr               ? ? 
'X-RAY DIFFRACTION' ? 0.008  0.021  1784 ? r_gen_planes_refined         ? ? 
'X-RAY DIFFRACTION' ? 0.011  0.020  329  ? r_gen_planes_other           ? ? 
'X-RAY DIFFRACTION' ? ?      ?      ?    ? r_nbd_refined                ? ? 
'X-RAY DIFFRACTION' ? ?      ?      ?    ? r_nbd_other                  ? ? 
'X-RAY DIFFRACTION' ? ?      ?      ?    ? r_nbtor_refined              ? ? 
'X-RAY DIFFRACTION' ? ?      ?      ?    ? r_nbtor_other                ? ? 
'X-RAY DIFFRACTION' ? ?      ?      ?    ? r_xyhbond_nbd_refined        ? ? 
'X-RAY DIFFRACTION' ? ?      ?      ?    ? r_xyhbond_nbd_other          ? ? 
'X-RAY DIFFRACTION' ? ?      ?      ?    ? r_metal_ion_refined          ? ? 
'X-RAY DIFFRACTION' ? ?      ?      ?    ? r_metal_ion_other            ? ? 
'X-RAY DIFFRACTION' ? ?      ?      ?    ? r_symmetry_vdw_refined       ? ? 
'X-RAY DIFFRACTION' ? ?      ?      ?    ? r_symmetry_vdw_other         ? ? 
'X-RAY DIFFRACTION' ? ?      ?      ?    ? r_symmetry_hbond_refined     ? ? 
'X-RAY DIFFRACTION' ? ?      ?      ?    ? r_symmetry_hbond_other       ? ? 
'X-RAY DIFFRACTION' ? ?      ?      ?    ? r_symmetry_metal_ion_refined ? ? 
'X-RAY DIFFRACTION' ? ?      ?      ?    ? r_symmetry_metal_ion_other   ? ? 
'X-RAY DIFFRACTION' ? 1.126  1.425  813  ? r_mcbond_it                  ? ? 
'X-RAY DIFFRACTION' ? 1.115  1.423  812  ? r_mcbond_other               ? ? 
'X-RAY DIFFRACTION' ? 1.764  2.134  1017 ? r_mcangle_it                 ? ? 
'X-RAY DIFFRACTION' ? 1.763  2.135  1018 ? r_mcangle_other              ? ? 
'X-RAY DIFFRACTION' ? 1.999  1.717  781  ? r_scbond_it                  ? ? 
'X-RAY DIFFRACTION' ? 1.998  1.719  782  ? r_scbond_other               ? ? 
'X-RAY DIFFRACTION' ? ?      ?      ?    ? r_scangle_it                 ? ? 
'X-RAY DIFFRACTION' ? 3.194  2.461  1133 ? r_scangle_other              ? ? 
'X-RAY DIFFRACTION' ? 4.053  11.454 1719 ? r_long_range_B_refined       ? ? 
'X-RAY DIFFRACTION' ? 4.022  11.390 1705 ? r_long_range_B_other         ? ? 
'X-RAY DIFFRACTION' ? ?      ?      ?    ? r_rigid_bond_restr           ? ? 
'X-RAY DIFFRACTION' ? ?      ?      ?    ? r_sphericity_free            ? ? 
'X-RAY DIFFRACTION' ? ?      ?      ?    ? r_sphericity_bonded          ? ? 
# 
_refine_ls_shell.pdbx_refine_id                   'X-RAY DIFFRACTION' 
_refine_ls_shell.d_res_high                       1.503 
_refine_ls_shell.d_res_low                        1.542 
_refine_ls_shell.number_reflns_all                ? 
_refine_ls_shell.number_reflns_obs                ? 
_refine_ls_shell.number_reflns_R_free             99 
_refine_ls_shell.number_reflns_R_work             2149 
_refine_ls_shell.percent_reflns_obs               99.03 
_refine_ls_shell.percent_reflns_R_free            ? 
_refine_ls_shell.R_factor_all                     ? 
_refine_ls_shell.R_factor_obs                     ? 
_refine_ls_shell.R_factor_R_free                  0.219 
_refine_ls_shell.R_factor_R_free_error            ? 
_refine_ls_shell.R_factor_R_work                  0.211 
_refine_ls_shell.redundancy_reflns_all            ? 
_refine_ls_shell.redundancy_reflns_obs            ? 
_refine_ls_shell.wR_factor_all                    ? 
_refine_ls_shell.wR_factor_obs                    ? 
_refine_ls_shell.wR_factor_R_free                 ? 
_refine_ls_shell.wR_factor_R_work                 ? 
_refine_ls_shell.pdbx_total_number_of_bins_used   20 
_refine_ls_shell.pdbx_phase_error                 ? 
_refine_ls_shell.pdbx_fsc_work                    ? 
_refine_ls_shell.pdbx_fsc_free                    ? 
# 
_struct.entry_id                     6AIB 
_struct.title                        
'Crystal structures of the N-terminal RecA-like domain 1 of Staphylococcus aureus DEAD-box Cold shock RNA helicase CshA' 
_struct.pdbx_model_details           ? 
_struct.pdbx_formula_weight          ? 
_struct.pdbx_formula_weight_method   ? 
_struct.pdbx_model_type_details      ? 
_struct.pdbx_CASP_flag               N 
# 
_struct_keywords.entry_id        6AIB 
_struct_keywords.text            'STRUCTURAL PROTEIN' 
_struct_keywords.pdbx_keywords   'STRUCTURAL PROTEIN' 
# 
loop_
_struct_asym.id 
_struct_asym.pdbx_blank_PDB_chainid_flag 
_struct_asym.pdbx_modified 
_struct_asym.entity_id 
_struct_asym.details 
A N N 1 ? 
B N N 2 ? 
# 
_struct_ref.id                         1 
_struct_ref.db_name                    UNP 
_struct_ref.db_code                    CSHA_STAAR 
_struct_ref.pdbx_db_accession          Q6GEZ3 
_struct_ref.pdbx_db_isoform            ? 
_struct_ref.entity_id                  1 
_struct_ref.pdbx_seq_one_letter_code   
;MQNFKELGISDNTVQSLESMGFKEPTPIQKDSIPYALQGIDILGQAQTGTGKTGAFGIPLIEKVVGKQGVQSLILAPTRE
LAMQVAEQLREFSRGQGVQVVTVFGGMPIERQIKALKKGPQIVVGTPGRVIDHLNRRTLKTDGIHTLILDEADEMMNMGF
IDDMRFIMDKIPAVQRQTMLFSATMPKAIQALVQQFMKSPKIIKTMNN
;
_struct_ref.pdbx_align_begin           1 
# 
_struct_ref_seq.align_id                      1 
_struct_ref_seq.ref_id                        1 
_struct_ref_seq.pdbx_PDB_id_code              6AIB 
_struct_ref_seq.pdbx_strand_id                A 
_struct_ref_seq.seq_align_beg                 1 
_struct_ref_seq.pdbx_seq_align_beg_ins_code   ? 
_struct_ref_seq.seq_align_end                 208 
_struct_ref_seq.pdbx_seq_align_end_ins_code   ? 
_struct_ref_seq.pdbx_db_accession             Q6GEZ3 
_struct_ref_seq.db_align_beg                  1 
_struct_ref_seq.pdbx_db_align_beg_ins_code    ? 
_struct_ref_seq.db_align_end                  208 
_struct_ref_seq.pdbx_db_align_end_ins_code    ? 
_struct_ref_seq.pdbx_auth_seq_align_beg       1 
_struct_ref_seq.pdbx_auth_seq_align_end       208 
# 
loop_
_struct_ref_seq_dif.align_id 
_struct_ref_seq_dif.pdbx_pdb_id_code 
_struct_ref_seq_dif.mon_id 
_struct_ref_seq_dif.pdbx_pdb_strand_id 
_struct_ref_seq_dif.seq_num 
_struct_ref_seq_dif.pdbx_pdb_ins_code 
_struct_ref_seq_dif.pdbx_seq_db_name 
_struct_ref_seq_dif.pdbx_seq_db_accession_code 
_struct_ref_seq_dif.db_mon_id 
_struct_ref_seq_dif.pdbx_seq_db_seq_num 
_struct_ref_seq_dif.details 
_struct_ref_seq_dif.pdbx_auth_seq_num 
_struct_ref_seq_dif.pdbx_ordinal 
1 6AIB HIS A 209 ? UNP Q6GEZ3 ? ? 'expression tag' 209 1 
1 6AIB HIS A 210 ? UNP Q6GEZ3 ? ? 'expression tag' 210 2 
1 6AIB HIS A 211 ? UNP Q6GEZ3 ? ? 'expression tag' 211 3 
1 6AIB HIS A 212 ? UNP Q6GEZ3 ? ? 'expression tag' 212 4 
1 6AIB HIS A 213 ? UNP Q6GEZ3 ? ? 'expression tag' 213 5 
1 6AIB HIS A 214 ? UNP Q6GEZ3 ? ? 'expression tag' 214 6 
# 
_pdbx_struct_assembly.id                   1 
_pdbx_struct_assembly.details              author_defined_assembly 
_pdbx_struct_assembly.method_details       ? 
_pdbx_struct_assembly.oligomeric_details   monomeric 
_pdbx_struct_assembly.oligomeric_count     1 
# 
loop_
_pdbx_struct_assembly_prop.biol_id 
_pdbx_struct_assembly_prop.type 
_pdbx_struct_assembly_prop.value 
_pdbx_struct_assembly_prop.details 
1 'ABSA (A^2)' 0    ? 
1 MORE         0    ? 
1 'SSA (A^2)'  9380 ? 
# 
_pdbx_struct_assembly_gen.assembly_id       1 
_pdbx_struct_assembly_gen.oper_expression   1 
_pdbx_struct_assembly_gen.asym_id_list      A,B 
# 
_pdbx_struct_assembly_auth_evidence.id                     1 
_pdbx_struct_assembly_auth_evidence.assembly_id            1 
_pdbx_struct_assembly_auth_evidence.experimental_support   'gel filtration' 
_pdbx_struct_assembly_auth_evidence.details                ? 
# 
_pdbx_struct_oper_list.id                   1 
_pdbx_struct_oper_list.type                 'identity operation' 
_pdbx_struct_oper_list.name                 1_555 
_pdbx_struct_oper_list.symmetry_operation   x,y,z 
_pdbx_struct_oper_list.matrix[1][1]         1.0000000000 
_pdbx_struct_oper_list.matrix[1][2]         0.0000000000 
_pdbx_struct_oper_list.matrix[1][3]         0.0000000000 
_pdbx_struct_oper_list.vector[1]            0.0000000000 
_pdbx_struct_oper_list.matrix[2][1]         0.0000000000 
_pdbx_struct_oper_list.matrix[2][2]         1.0000000000 
_pdbx_struct_oper_list.matrix[2][3]         0.0000000000 
_pdbx_struct_oper_list.vector[2]            0.0000000000 
_pdbx_struct_oper_list.matrix[3][1]         0.0000000000 
_pdbx_struct_oper_list.matrix[3][2]         0.0000000000 
_pdbx_struct_oper_list.matrix[3][3]         1.0000000000 
_pdbx_struct_oper_list.vector[3]            0.0000000000 
# 
loop_
_struct_conf.conf_type_id 
_struct_conf.id 
_struct_conf.pdbx_PDB_helix_id 
_struct_conf.beg_label_comp_id 
_struct_conf.beg_label_asym_id 
_struct_conf.beg_label_seq_id 
_struct_conf.pdbx_beg_PDB_ins_code 
_struct_conf.end_label_comp_id 
_struct_conf.end_label_asym_id 
_struct_conf.end_label_seq_id 
_struct_conf.pdbx_end_PDB_ins_code 
_struct_conf.beg_auth_comp_id 
_struct_conf.beg_auth_asym_id 
_struct_conf.beg_auth_seq_id 
_struct_conf.end_auth_comp_id 
_struct_conf.end_auth_asym_id 
_struct_conf.end_auth_seq_id 
_struct_conf.pdbx_PDB_helix_class 
_struct_conf.details 
_struct_conf.pdbx_PDB_helix_length 
HELX_P HELX_P1  AA1 PHE A 4   ? GLY A 8   ? PHE A 4   GLY A 8   5 ? 5  
HELX_P HELX_P2  AA2 SER A 10  ? MET A 20  ? SER A 10  MET A 20  1 ? 11 
HELX_P HELX_P3  AA3 THR A 26  ? GLN A 38  ? THR A 26  GLN A 38  1 ? 13 
HELX_P HELX_P4  AA4 GLY A 49  ? GLY A 51  ? GLY A 49  GLY A 51  5 ? 3  
HELX_P HELX_P5  AA5 LYS A 52  ? VAL A 65  ? LYS A 52  VAL A 65  1 ? 14 
HELX_P HELX_P6  AA6 THR A 78  ? SER A 93  ? THR A 78  SER A 93  1 ? 16 
HELX_P HELX_P7  AA7 PRO A 108 ? LYS A 118 ? PRO A 108 LYS A 118 1 ? 11 
HELX_P HELX_P8  AA8 THR A 126 ? ARG A 136 ? THR A 126 ARG A 136 1 ? 11 
HELX_P HELX_P9  AA9 GLU A 151 ? MET A 158 ? GLU A 151 MET A 158 1 ? 8  
HELX_P HELX_P10 AB1 PHE A 160 ? ILE A 171 ? PHE A 160 ILE A 171 1 ? 12 
HELX_P HELX_P11 AB2 PRO A 186 ? MET A 197 ? PRO A 186 MET A 197 1 ? 12 
# 
_struct_conf_type.id          HELX_P 
_struct_conf_type.criteria    ? 
_struct_conf_type.reference   ? 
# 
_struct_sheet.id               AA1 
_struct_sheet.type             ? 
_struct_sheet.number_strands   7 
_struct_sheet.details          ? 
# 
loop_
_struct_sheet_order.sheet_id 
_struct_sheet_order.range_id_1 
_struct_sheet_order.range_id_2 
_struct_sheet_order.offset 
_struct_sheet_order.sense 
AA1 1 2 ? parallel 
AA1 2 3 ? parallel 
AA1 3 4 ? parallel 
AA1 4 5 ? parallel 
AA1 5 6 ? parallel 
AA1 6 7 ? parallel 
# 
loop_
_struct_sheet_range.sheet_id 
_struct_sheet_range.id 
_struct_sheet_range.beg_label_comp_id 
_struct_sheet_range.beg_label_asym_id 
_struct_sheet_range.beg_label_seq_id 
_struct_sheet_range.pdbx_beg_PDB_ins_code 
_struct_sheet_range.end_label_comp_id 
_struct_sheet_range.end_label_asym_id 
_struct_sheet_range.end_label_seq_id 
_struct_sheet_range.pdbx_end_PDB_ins_code 
_struct_sheet_range.beg_auth_comp_id 
_struct_sheet_range.beg_auth_asym_id 
_struct_sheet_range.beg_auth_seq_id 
_struct_sheet_range.end_auth_comp_id 
_struct_sheet_range.end_auth_asym_id 
_struct_sheet_range.end_auth_seq_id 
AA1 1 VAL A 100 ? VAL A 103 ? VAL A 100 VAL A 103 
AA1 2 ILE A 122 ? GLY A 125 ? ILE A 122 GLY A 125 
AA1 3 SER A 72  ? LEU A 75  ? SER A 72  LEU A 75  
AA1 4 THR A 146 ? ASP A 150 ? THR A 146 ASP A 150 
AA1 5 GLN A 177 ? PHE A 181 ? GLN A 177 PHE A 181 
AA1 6 ILE A 42  ? GLY A 44  ? ILE A 42  GLY A 44  
AA1 7 LYS A 201 ? ILE A 203 ? LYS A 201 ILE A 203 
# 
loop_
_pdbx_struct_sheet_hbond.sheet_id 
_pdbx_struct_sheet_hbond.range_id_1 
_pdbx_struct_sheet_hbond.range_id_2 
_pdbx_struct_sheet_hbond.range_1_label_atom_id 
_pdbx_struct_sheet_hbond.range_1_label_comp_id 
_pdbx_struct_sheet_hbond.range_1_label_asym_id 
_pdbx_struct_sheet_hbond.range_1_label_seq_id 
_pdbx_struct_sheet_hbond.range_1_PDB_ins_code 
_pdbx_struct_sheet_hbond.range_1_auth_atom_id 
_pdbx_struct_sheet_hbond.range_1_auth_comp_id 
_pdbx_struct_sheet_hbond.range_1_auth_asym_id 
_pdbx_struct_sheet_hbond.range_1_auth_seq_id 
_pdbx_struct_sheet_hbond.range_2_label_atom_id 
_pdbx_struct_sheet_hbond.range_2_label_comp_id 
_pdbx_struct_sheet_hbond.range_2_label_asym_id 
_pdbx_struct_sheet_hbond.range_2_label_seq_id 
_pdbx_struct_sheet_hbond.range_2_PDB_ins_code 
_pdbx_struct_sheet_hbond.range_2_auth_atom_id 
_pdbx_struct_sheet_hbond.range_2_auth_comp_id 
_pdbx_struct_sheet_hbond.range_2_auth_asym_id 
_pdbx_struct_sheet_hbond.range_2_auth_seq_id 
AA1 1 2 N VAL A 101 ? N VAL A 101 O VAL A 124 ? O VAL A 124 
AA1 2 3 O GLY A 125 ? O GLY A 125 N ILE A 74  ? N ILE A 74  
AA1 3 4 N LEU A 75  ? N LEU A 75  O ASP A 150 ? O ASP A 150 
AA1 4 5 N LEU A 149 ? N LEU A 149 O PHE A 181 ? O PHE A 181 
AA1 5 6 O LEU A 180 ? O LEU A 180 N GLY A 44  ? N GLY A 44  
AA1 6 7 N LEU A 43  ? N LEU A 43  O LYS A 201 ? O LYS A 201 
# 
loop_
_pdbx_validate_torsion.id 
_pdbx_validate_torsion.PDB_model_num 
_pdbx_validate_torsion.auth_comp_id 
_pdbx_validate_torsion.auth_asym_id 
_pdbx_validate_torsion.auth_seq_id 
_pdbx_validate_torsion.PDB_ins_code 
_pdbx_validate_torsion.label_alt_id 
_pdbx_validate_torsion.phi 
_pdbx_validate_torsion.psi 
1 1 GLU A 151 ? ? 70.53 61.23 
2 1 SER A 199 ? ? 34.84 58.21 
# 
loop_
_pdbx_unobs_or_zero_occ_residues.id 
_pdbx_unobs_or_zero_occ_residues.PDB_model_num 
_pdbx_unobs_or_zero_occ_residues.polymer_flag 
_pdbx_unobs_or_zero_occ_residues.occupancy_flag 
_pdbx_unobs_or_zero_occ_residues.auth_asym_id 
_pdbx_unobs_or_zero_occ_residues.auth_comp_id 
_pdbx_unobs_or_zero_occ_residues.auth_seq_id 
_pdbx_unobs_or_zero_occ_residues.PDB_ins_code 
_pdbx_unobs_or_zero_occ_residues.label_asym_id 
_pdbx_unobs_or_zero_occ_residues.label_comp_id 
_pdbx_unobs_or_zero_occ_residues.label_seq_id 
1  1 Y 1 A MET 1   ? A MET 1   
2  1 Y 1 A GLN 2   ? A GLN 2   
3  1 Y 1 A ASN 3   ? A ASN 3   
4  1 Y 1 A THR 205 ? A THR 205 
5  1 Y 1 A MET 206 ? A MET 206 
6  1 Y 1 A ASN 207 ? A ASN 207 
7  1 Y 1 A ASN 208 ? A ASN 208 
8  1 Y 1 A HIS 209 ? A HIS 209 
9  1 Y 1 A HIS 210 ? A HIS 210 
10 1 Y 1 A HIS 211 ? A HIS 211 
11 1 Y 1 A HIS 212 ? A HIS 212 
12 1 Y 1 A HIS 213 ? A HIS 213 
13 1 Y 1 A HIS 214 ? A HIS 214 
# 
loop_
_chem_comp_atom.comp_id 
_chem_comp_atom.atom_id 
_chem_comp_atom.type_symbol 
_chem_comp_atom.pdbx_aromatic_flag 
_chem_comp_atom.pdbx_stereo_config 
_chem_comp_atom.pdbx_ordinal 
ALA N    N N N 1   
ALA CA   C N S 2   
ALA C    C N N 3   
ALA O    O N N 4   
ALA CB   C N N 5   
ALA OXT  O N N 6   
ALA H    H N N 7   
ALA H2   H N N 8   
ALA HA   H N N 9   
ALA HB1  H N N 10  
ALA HB2  H N N 11  
ALA HB3  H N N 12  
ALA HXT  H N N 13  
ARG N    N N N 14  
ARG CA   C N S 15  
ARG C    C N N 16  
ARG O    O N N 17  
ARG CB   C N N 18  
ARG CG   C N N 19  
ARG CD   C N N 20  
ARG NE   N N N 21  
ARG CZ   C N N 22  
ARG NH1  N N N 23  
ARG NH2  N N N 24  
ARG OXT  O N N 25  
ARG H    H N N 26  
ARG H2   H N N 27  
ARG HA   H N N 28  
ARG HB2  H N N 29  
ARG HB3  H N N 30  
ARG HG2  H N N 31  
ARG HG3  H N N 32  
ARG HD2  H N N 33  
ARG HD3  H N N 34  
ARG HE   H N N 35  
ARG HH11 H N N 36  
ARG HH12 H N N 37  
ARG HH21 H N N 38  
ARG HH22 H N N 39  
ARG HXT  H N N 40  
ASN N    N N N 41  
ASN CA   C N S 42  
ASN C    C N N 43  
ASN O    O N N 44  
ASN CB   C N N 45  
ASN CG   C N N 46  
ASN OD1  O N N 47  
ASN ND2  N N N 48  
ASN OXT  O N N 49  
ASN H    H N N 50  
ASN H2   H N N 51  
ASN HA   H N N 52  
ASN HB2  H N N 53  
ASN HB3  H N N 54  
ASN HD21 H N N 55  
ASN HD22 H N N 56  
ASN HXT  H N N 57  
ASP N    N N N 58  
ASP CA   C N S 59  
ASP C    C N N 60  
ASP O    O N N 61  
ASP CB   C N N 62  
ASP CG   C N N 63  
ASP OD1  O N N 64  
ASP OD2  O N N 65  
ASP OXT  O N N 66  
ASP H    H N N 67  
ASP H2   H N N 68  
ASP HA   H N N 69  
ASP HB2  H N N 70  
ASP HB3  H N N 71  
ASP HD2  H N N 72  
ASP HXT  H N N 73  
GLN N    N N N 74  
GLN CA   C N S 75  
GLN C    C N N 76  
GLN O    O N N 77  
GLN CB   C N N 78  
GLN CG   C N N 79  
GLN CD   C N N 80  
GLN OE1  O N N 81  
GLN NE2  N N N 82  
GLN OXT  O N N 83  
GLN H    H N N 84  
GLN H2   H N N 85  
GLN HA   H N N 86  
GLN HB2  H N N 87  
GLN HB3  H N N 88  
GLN HG2  H N N 89  
GLN HG3  H N N 90  
GLN HE21 H N N 91  
GLN HE22 H N N 92  
GLN HXT  H N N 93  
GLU N    N N N 94  
GLU CA   C N S 95  
GLU C    C N N 96  
GLU O    O N N 97  
GLU CB   C N N 98  
GLU CG   C N N 99  
GLU CD   C N N 100 
GLU OE1  O N N 101 
GLU OE2  O N N 102 
GLU OXT  O N N 103 
GLU H    H N N 104 
GLU H2   H N N 105 
GLU HA   H N N 106 
GLU HB2  H N N 107 
GLU HB3  H N N 108 
GLU HG2  H N N 109 
GLU HG3  H N N 110 
GLU HE2  H N N 111 
GLU HXT  H N N 112 
GLY N    N N N 113 
GLY CA   C N N 114 
GLY C    C N N 115 
GLY O    O N N 116 
GLY OXT  O N N 117 
GLY H    H N N 118 
GLY H2   H N N 119 
GLY HA2  H N N 120 
GLY HA3  H N N 121 
GLY HXT  H N N 122 
HIS N    N N N 123 
HIS CA   C N S 124 
HIS C    C N N 125 
HIS O    O N N 126 
HIS CB   C N N 127 
HIS CG   C Y N 128 
HIS ND1  N Y N 129 
HIS CD2  C Y N 130 
HIS CE1  C Y N 131 
HIS NE2  N Y N 132 
HIS OXT  O N N 133 
HIS H    H N N 134 
HIS H2   H N N 135 
HIS HA   H N N 136 
HIS HB2  H N N 137 
HIS HB3  H N N 138 
HIS HD1  H N N 139 
HIS HD2  H N N 140 
HIS HE1  H N N 141 
HIS HE2  H N N 142 
HIS HXT  H N N 143 
HOH O    O N N 144 
HOH H1   H N N 145 
HOH H2   H N N 146 
ILE N    N N N 147 
ILE CA   C N S 148 
ILE C    C N N 149 
ILE O    O N N 150 
ILE CB   C N S 151 
ILE CG1  C N N 152 
ILE CG2  C N N 153 
ILE CD1  C N N 154 
ILE OXT  O N N 155 
ILE H    H N N 156 
ILE H2   H N N 157 
ILE HA   H N N 158 
ILE HB   H N N 159 
ILE HG12 H N N 160 
ILE HG13 H N N 161 
ILE HG21 H N N 162 
ILE HG22 H N N 163 
ILE HG23 H N N 164 
ILE HD11 H N N 165 
ILE HD12 H N N 166 
ILE HD13 H N N 167 
ILE HXT  H N N 168 
LEU N    N N N 169 
LEU CA   C N S 170 
LEU C    C N N 171 
LEU O    O N N 172 
LEU CB   C N N 173 
LEU CG   C N N 174 
LEU CD1  C N N 175 
LEU CD2  C N N 176 
LEU OXT  O N N 177 
LEU H    H N N 178 
LEU H2   H N N 179 
LEU HA   H N N 180 
LEU HB2  H N N 181 
LEU HB3  H N N 182 
LEU HG   H N N 183 
LEU HD11 H N N 184 
LEU HD12 H N N 185 
LEU HD13 H N N 186 
LEU HD21 H N N 187 
LEU HD22 H N N 188 
LEU HD23 H N N 189 
LEU HXT  H N N 190 
LYS N    N N N 191 
LYS CA   C N S 192 
LYS C    C N N 193 
LYS O    O N N 194 
LYS CB   C N N 195 
LYS CG   C N N 196 
LYS CD   C N N 197 
LYS CE   C N N 198 
LYS NZ   N N N 199 
LYS OXT  O N N 200 
LYS H    H N N 201 
LYS H2   H N N 202 
LYS HA   H N N 203 
LYS HB2  H N N 204 
LYS HB3  H N N 205 
LYS HG2  H N N 206 
LYS HG3  H N N 207 
LYS HD2  H N N 208 
LYS HD3  H N N 209 
LYS HE2  H N N 210 
LYS HE3  H N N 211 
LYS HZ1  H N N 212 
LYS HZ2  H N N 213 
LYS HZ3  H N N 214 
LYS HXT  H N N 215 
MET N    N N N 216 
MET CA   C N S 217 
MET C    C N N 218 
MET O    O N N 219 
MET CB   C N N 220 
MET CG   C N N 221 
MET SD   S N N 222 
MET CE   C N N 223 
MET OXT  O N N 224 
MET H    H N N 225 
MET H2   H N N 226 
MET HA   H N N 227 
MET HB2  H N N 228 
MET HB3  H N N 229 
MET HG2  H N N 230 
MET HG3  H N N 231 
MET HE1  H N N 232 
MET HE2  H N N 233 
MET HE3  H N N 234 
MET HXT  H N N 235 
PHE N    N N N 236 
PHE CA   C N S 237 
PHE C    C N N 238 
PHE O    O N N 239 
PHE CB   C N N 240 
PHE CG   C Y N 241 
PHE CD1  C Y N 242 
PHE CD2  C Y N 243 
PHE CE1  C Y N 244 
PHE CE2  C Y N 245 
PHE CZ   C Y N 246 
PHE OXT  O N N 247 
PHE H    H N N 248 
PHE H2   H N N 249 
PHE HA   H N N 250 
PHE HB2  H N N 251 
PHE HB3  H N N 252 
PHE HD1  H N N 253 
PHE HD2  H N N 254 
PHE HE1  H N N 255 
PHE HE2  H N N 256 
PHE HZ   H N N 257 
PHE HXT  H N N 258 
PRO N    N N N 259 
PRO CA   C N S 260 
PRO C    C N N 261 
PRO O    O N N 262 
PRO CB   C N N 263 
PRO CG   C N N 264 
PRO CD   C N N 265 
PRO OXT  O N N 266 
PRO H    H N N 267 
PRO HA   H N N 268 
PRO HB2  H N N 269 
PRO HB3  H N N 270 
PRO HG2  H N N 271 
PRO HG3  H N N 272 
PRO HD2  H N N 273 
PRO HD3  H N N 274 
PRO HXT  H N N 275 
SER N    N N N 276 
SER CA   C N S 277 
SER C    C N N 278 
SER O    O N N 279 
SER CB   C N N 280 
SER OG   O N N 281 
SER OXT  O N N 282 
SER H    H N N 283 
SER H2   H N N 284 
SER HA   H N N 285 
SER HB2  H N N 286 
SER HB3  H N N 287 
SER HG   H N N 288 
SER HXT  H N N 289 
THR N    N N N 290 
THR CA   C N S 291 
THR C    C N N 292 
THR O    O N N 293 
THR CB   C N R 294 
THR OG1  O N N 295 
THR CG2  C N N 296 
THR OXT  O N N 297 
THR H    H N N 298 
THR H2   H N N 299 
THR HA   H N N 300 
THR HB   H N N 301 
THR HG1  H N N 302 
THR HG21 H N N 303 
THR HG22 H N N 304 
THR HG23 H N N 305 
THR HXT  H N N 306 
TYR N    N N N 307 
TYR CA   C N S 308 
TYR C    C N N 309 
TYR O    O N N 310 
TYR CB   C N N 311 
TYR CG   C Y N 312 
TYR CD1  C Y N 313 
TYR CD2  C Y N 314 
TYR CE1  C Y N 315 
TYR CE2  C Y N 316 
TYR CZ   C Y N 317 
TYR OH   O N N 318 
TYR OXT  O N N 319 
TYR H    H N N 320 
TYR H2   H N N 321 
TYR HA   H N N 322 
TYR HB2  H N N 323 
TYR HB3  H N N 324 
TYR HD1  H N N 325 
TYR HD2  H N N 326 
TYR HE1  H N N 327 
TYR HE2  H N N 328 
TYR HH   H N N 329 
TYR HXT  H N N 330 
VAL N    N N N 331 
VAL CA   C N S 332 
VAL C    C N N 333 
VAL O    O N N 334 
VAL CB   C N N 335 
VAL CG1  C N N 336 
VAL CG2  C N N 337 
VAL OXT  O N N 338 
VAL H    H N N 339 
VAL H2   H N N 340 
VAL HA   H N N 341 
VAL HB   H N N 342 
VAL HG11 H N N 343 
VAL HG12 H N N 344 
VAL HG13 H N N 345 
VAL HG21 H N N 346 
VAL HG22 H N N 347 
VAL HG23 H N N 348 
VAL HXT  H N N 349 
# 
loop_
_chem_comp_bond.comp_id 
_chem_comp_bond.atom_id_1 
_chem_comp_bond.atom_id_2 
_chem_comp_bond.value_order 
_chem_comp_bond.pdbx_aromatic_flag 
_chem_comp_bond.pdbx_stereo_config 
_chem_comp_bond.pdbx_ordinal 
ALA N   CA   sing N N 1   
ALA N   H    sing N N 2   
ALA N   H2   sing N N 3   
ALA CA  C    sing N N 4   
ALA CA  CB   sing N N 5   
ALA CA  HA   sing N N 6   
ALA C   O    doub N N 7   
ALA C   OXT  sing N N 8   
ALA CB  HB1  sing N N 9   
ALA CB  HB2  sing N N 10  
ALA CB  HB3  sing N N 11  
ALA OXT HXT  sing N N 12  
ARG N   CA   sing N N 13  
ARG N   H    sing N N 14  
ARG N   H2   sing N N 15  
ARG CA  C    sing N N 16  
ARG CA  CB   sing N N 17  
ARG CA  HA   sing N N 18  
ARG C   O    doub N N 19  
ARG C   OXT  sing N N 20  
ARG CB  CG   sing N N 21  
ARG CB  HB2  sing N N 22  
ARG CB  HB3  sing N N 23  
ARG CG  CD   sing N N 24  
ARG CG  HG2  sing N N 25  
ARG CG  HG3  sing N N 26  
ARG CD  NE   sing N N 27  
ARG CD  HD2  sing N N 28  
ARG CD  HD3  sing N N 29  
ARG NE  CZ   sing N N 30  
ARG NE  HE   sing N N 31  
ARG CZ  NH1  sing N N 32  
ARG CZ  NH2  doub N N 33  
ARG NH1 HH11 sing N N 34  
ARG NH1 HH12 sing N N 35  
ARG NH2 HH21 sing N N 36  
ARG NH2 HH22 sing N N 37  
ARG OXT HXT  sing N N 38  
ASN N   CA   sing N N 39  
ASN N   H    sing N N 40  
ASN N   H2   sing N N 41  
ASN CA  C    sing N N 42  
ASN CA  CB   sing N N 43  
ASN CA  HA   sing N N 44  
ASN C   O    doub N N 45  
ASN C   OXT  sing N N 46  
ASN CB  CG   sing N N 47  
ASN CB  HB2  sing N N 48  
ASN CB  HB3  sing N N 49  
ASN CG  OD1  doub N N 50  
ASN CG  ND2  sing N N 51  
ASN ND2 HD21 sing N N 52  
ASN ND2 HD22 sing N N 53  
ASN OXT HXT  sing N N 54  
ASP N   CA   sing N N 55  
ASP N   H    sing N N 56  
ASP N   H2   sing N N 57  
ASP CA  C    sing N N 58  
ASP CA  CB   sing N N 59  
ASP CA  HA   sing N N 60  
ASP C   O    doub N N 61  
ASP C   OXT  sing N N 62  
ASP CB  CG   sing N N 63  
ASP CB  HB2  sing N N 64  
ASP CB  HB3  sing N N 65  
ASP CG  OD1  doub N N 66  
ASP CG  OD2  sing N N 67  
ASP OD2 HD2  sing N N 68  
ASP OXT HXT  sing N N 69  
GLN N   CA   sing N N 70  
GLN N   H    sing N N 71  
GLN N   H2   sing N N 72  
GLN CA  C    sing N N 73  
GLN CA  CB   sing N N 74  
GLN CA  HA   sing N N 75  
GLN C   O    doub N N 76  
GLN C   OXT  sing N N 77  
GLN CB  CG   sing N N 78  
GLN CB  HB2  sing N N 79  
GLN CB  HB3  sing N N 80  
GLN CG  CD   sing N N 81  
GLN CG  HG2  sing N N 82  
GLN CG  HG3  sing N N 83  
GLN CD  OE1  doub N N 84  
GLN CD  NE2  sing N N 85  
GLN NE2 HE21 sing N N 86  
GLN NE2 HE22 sing N N 87  
GLN OXT HXT  sing N N 88  
GLU N   CA   sing N N 89  
GLU N   H    sing N N 90  
GLU N   H2   sing N N 91  
GLU CA  C    sing N N 92  
GLU CA  CB   sing N N 93  
GLU CA  HA   sing N N 94  
GLU C   O    doub N N 95  
GLU C   OXT  sing N N 96  
GLU CB  CG   sing N N 97  
GLU CB  HB2  sing N N 98  
GLU CB  HB3  sing N N 99  
GLU CG  CD   sing N N 100 
GLU CG  HG2  sing N N 101 
GLU CG  HG3  sing N N 102 
GLU CD  OE1  doub N N 103 
GLU CD  OE2  sing N N 104 
GLU OE2 HE2  sing N N 105 
GLU OXT HXT  sing N N 106 
GLY N   CA   sing N N 107 
GLY N   H    sing N N 108 
GLY N   H2   sing N N 109 
GLY CA  C    sing N N 110 
GLY CA  HA2  sing N N 111 
GLY CA  HA3  sing N N 112 
GLY C   O    doub N N 113 
GLY C   OXT  sing N N 114 
GLY OXT HXT  sing N N 115 
HIS N   CA   sing N N 116 
HIS N   H    sing N N 117 
HIS N   H2   sing N N 118 
HIS CA  C    sing N N 119 
HIS CA  CB   sing N N 120 
HIS CA  HA   sing N N 121 
HIS C   O    doub N N 122 
HIS C   OXT  sing N N 123 
HIS CB  CG   sing N N 124 
HIS CB  HB2  sing N N 125 
HIS CB  HB3  sing N N 126 
HIS CG  ND1  sing Y N 127 
HIS CG  CD2  doub Y N 128 
HIS ND1 CE1  doub Y N 129 
HIS ND1 HD1  sing N N 130 
HIS CD2 NE2  sing Y N 131 
HIS CD2 HD2  sing N N 132 
HIS CE1 NE2  sing Y N 133 
HIS CE1 HE1  sing N N 134 
HIS NE2 HE2  sing N N 135 
HIS OXT HXT  sing N N 136 
HOH O   H1   sing N N 137 
HOH O   H2   sing N N 138 
ILE N   CA   sing N N 139 
ILE N   H    sing N N 140 
ILE N   H2   sing N N 141 
ILE CA  C    sing N N 142 
ILE CA  CB   sing N N 143 
ILE CA  HA   sing N N 144 
ILE C   O    doub N N 145 
ILE C   OXT  sing N N 146 
ILE CB  CG1  sing N N 147 
ILE CB  CG2  sing N N 148 
ILE CB  HB   sing N N 149 
ILE CG1 CD1  sing N N 150 
ILE CG1 HG12 sing N N 151 
ILE CG1 HG13 sing N N 152 
ILE CG2 HG21 sing N N 153 
ILE CG2 HG22 sing N N 154 
ILE CG2 HG23 sing N N 155 
ILE CD1 HD11 sing N N 156 
ILE CD1 HD12 sing N N 157 
ILE CD1 HD13 sing N N 158 
ILE OXT HXT  sing N N 159 
LEU N   CA   sing N N 160 
LEU N   H    sing N N 161 
LEU N   H2   sing N N 162 
LEU CA  C    sing N N 163 
LEU CA  CB   sing N N 164 
LEU CA  HA   sing N N 165 
LEU C   O    doub N N 166 
LEU C   OXT  sing N N 167 
LEU CB  CG   sing N N 168 
LEU CB  HB2  sing N N 169 
LEU CB  HB3  sing N N 170 
LEU CG  CD1  sing N N 171 
LEU CG  CD2  sing N N 172 
LEU CG  HG   sing N N 173 
LEU CD1 HD11 sing N N 174 
LEU CD1 HD12 sing N N 175 
LEU CD1 HD13 sing N N 176 
LEU CD2 HD21 sing N N 177 
LEU CD2 HD22 sing N N 178 
LEU CD2 HD23 sing N N 179 
LEU OXT HXT  sing N N 180 
LYS N   CA   sing N N 181 
LYS N   H    sing N N 182 
LYS N   H2   sing N N 183 
LYS CA  C    sing N N 184 
LYS CA  CB   sing N N 185 
LYS CA  HA   sing N N 186 
LYS C   O    doub N N 187 
LYS C   OXT  sing N N 188 
LYS CB  CG   sing N N 189 
LYS CB  HB2  sing N N 190 
LYS CB  HB3  sing N N 191 
LYS CG  CD   sing N N 192 
LYS CG  HG2  sing N N 193 
LYS CG  HG3  sing N N 194 
LYS CD  CE   sing N N 195 
LYS CD  HD2  sing N N 196 
LYS CD  HD3  sing N N 197 
LYS CE  NZ   sing N N 198 
LYS CE  HE2  sing N N 199 
LYS CE  HE3  sing N N 200 
LYS NZ  HZ1  sing N N 201 
LYS NZ  HZ2  sing N N 202 
LYS NZ  HZ3  sing N N 203 
LYS OXT HXT  sing N N 204 
MET N   CA   sing N N 205 
MET N   H    sing N N 206 
MET N   H2   sing N N 207 
MET CA  C    sing N N 208 
MET CA  CB   sing N N 209 
MET CA  HA   sing N N 210 
MET C   O    doub N N 211 
MET C   OXT  sing N N 212 
MET CB  CG   sing N N 213 
MET CB  HB2  sing N N 214 
MET CB  HB3  sing N N 215 
MET CG  SD   sing N N 216 
MET CG  HG2  sing N N 217 
MET CG  HG3  sing N N 218 
MET SD  CE   sing N N 219 
MET CE  HE1  sing N N 220 
MET CE  HE2  sing N N 221 
MET CE  HE3  sing N N 222 
MET OXT HXT  sing N N 223 
PHE N   CA   sing N N 224 
PHE N   H    sing N N 225 
PHE N   H2   sing N N 226 
PHE CA  C    sing N N 227 
PHE CA  CB   sing N N 228 
PHE CA  HA   sing N N 229 
PHE C   O    doub N N 230 
PHE C   OXT  sing N N 231 
PHE CB  CG   sing N N 232 
PHE CB  HB2  sing N N 233 
PHE CB  HB3  sing N N 234 
PHE CG  CD1  doub Y N 235 
PHE CG  CD2  sing Y N 236 
PHE CD1 CE1  sing Y N 237 
PHE CD1 HD1  sing N N 238 
PHE CD2 CE2  doub Y N 239 
PHE CD2 HD2  sing N N 240 
PHE CE1 CZ   doub Y N 241 
PHE CE1 HE1  sing N N 242 
PHE CE2 CZ   sing Y N 243 
PHE CE2 HE2  sing N N 244 
PHE CZ  HZ   sing N N 245 
PHE OXT HXT  sing N N 246 
PRO N   CA   sing N N 247 
PRO N   CD   sing N N 248 
PRO N   H    sing N N 249 
PRO CA  C    sing N N 250 
PRO CA  CB   sing N N 251 
PRO CA  HA   sing N N 252 
PRO C   O    doub N N 253 
PRO C   OXT  sing N N 254 
PRO CB  CG   sing N N 255 
PRO CB  HB2  sing N N 256 
PRO CB  HB3  sing N N 257 
PRO CG  CD   sing N N 258 
PRO CG  HG2  sing N N 259 
PRO CG  HG3  sing N N 260 
PRO CD  HD2  sing N N 261 
PRO CD  HD3  sing N N 262 
PRO OXT HXT  sing N N 263 
SER N   CA   sing N N 264 
SER N   H    sing N N 265 
SER N   H2   sing N N 266 
SER CA  C    sing N N 267 
SER CA  CB   sing N N 268 
SER CA  HA   sing N N 269 
SER C   O    doub N N 270 
SER C   OXT  sing N N 271 
SER CB  OG   sing N N 272 
SER CB  HB2  sing N N 273 
SER CB  HB3  sing N N 274 
SER OG  HG   sing N N 275 
SER OXT HXT  sing N N 276 
THR N   CA   sing N N 277 
THR N   H    sing N N 278 
THR N   H2   sing N N 279 
THR CA  C    sing N N 280 
THR CA  CB   sing N N 281 
THR CA  HA   sing N N 282 
THR C   O    doub N N 283 
THR C   OXT  sing N N 284 
THR CB  OG1  sing N N 285 
THR CB  CG2  sing N N 286 
THR CB  HB   sing N N 287 
THR OG1 HG1  sing N N 288 
THR CG2 HG21 sing N N 289 
THR CG2 HG22 sing N N 290 
THR CG2 HG23 sing N N 291 
THR OXT HXT  sing N N 292 
TYR N   CA   sing N N 293 
TYR N   H    sing N N 294 
TYR N   H2   sing N N 295 
TYR CA  C    sing N N 296 
TYR CA  CB   sing N N 297 
TYR CA  HA   sing N N 298 
TYR C   O    doub N N 299 
TYR C   OXT  sing N N 300 
TYR CB  CG   sing N N 301 
TYR CB  HB2  sing N N 302 
TYR CB  HB3  sing N N 303 
TYR CG  CD1  doub Y N 304 
TYR CG  CD2  sing Y N 305 
TYR CD1 CE1  sing Y N 306 
TYR CD1 HD1  sing N N 307 
TYR CD2 CE2  doub Y N 308 
TYR CD2 HD2  sing N N 309 
TYR CE1 CZ   doub Y N 310 
TYR CE1 HE1  sing N N 311 
TYR CE2 CZ   sing Y N 312 
TYR CE2 HE2  sing N N 313 
TYR CZ  OH   sing N N 314 
TYR OH  HH   sing N N 315 
TYR OXT HXT  sing N N 316 
VAL N   CA   sing N N 317 
VAL N   H    sing N N 318 
VAL N   H2   sing N N 319 
VAL CA  C    sing N N 320 
VAL CA  CB   sing N N 321 
VAL CA  HA   sing N N 322 
VAL C   O    doub N N 323 
VAL C   OXT  sing N N 324 
VAL CB  CG1  sing N N 325 
VAL CB  CG2  sing N N 326 
VAL CB  HB   sing N N 327 
VAL CG1 HG11 sing N N 328 
VAL CG1 HG12 sing N N 329 
VAL CG1 HG13 sing N N 330 
VAL CG2 HG21 sing N N 331 
VAL CG2 HG22 sing N N 332 
VAL CG2 HG23 sing N N 333 
VAL OXT HXT  sing N N 334 
# 
_atom_sites.entry_id                    6AIB 
_atom_sites.fract_transf_matrix[1][1]   0.00266919 
_atom_sites.fract_transf_matrix[1][2]   0.01360995 
_atom_sites.fract_transf_matrix[1][3]   0.00291383 
_atom_sites.fract_transf_matrix[2][1]   0.00891629 
_atom_sites.fract_transf_matrix[2][2]   -0.00011970 
_atom_sites.fract_transf_matrix[2][3]   -0.00760859 
_atom_sites.fract_transf_matrix[3][1]   -0.01958287 
_atom_sites.fract_transf_matrix[3][2]   0.00878338 
_atom_sites.fract_transf_matrix[3][3]   -0.02308679 
_atom_sites.fract_transf_vector[1]      -0.272997 
_atom_sites.fract_transf_vector[2]      0.208037 
_atom_sites.fract_transf_vector[3]      -0.103656 
# 
loop_
_atom_type.symbol 
C 
N 
O 
S 
# 
loop_
_atom_site.group_PDB 
_atom_site.id 
_atom_site.type_symbol 
_atom_site.label_atom_id 
_atom_site.label_alt_id 
_atom_site.label_comp_id 
_atom_site.label_asym_id 
_atom_site.label_entity_id 
_atom_site.label_seq_id 
_atom_site.pdbx_PDB_ins_code 
_atom_site.Cartn_x 
_atom_site.Cartn_y 
_atom_site.Cartn_z 
_atom_site.occupancy 
_atom_site.B_iso_or_equiv 
_atom_site.pdbx_formal_charge 
_atom_site.auth_seq_id 
_atom_site.auth_comp_id 
_atom_site.auth_asym_id 
_atom_site.auth_atom_id 
_atom_site.pdbx_PDB_model_num 
ATOM   1    N N   . PHE A 1 4   ? 7.617   2.974   -19.797 1.00 30.49 ? 4   PHE A N   1 
ATOM   2    C CA  . PHE A 1 4   ? 6.520   3.229   -18.804 1.00 27.92 ? 4   PHE A CA  1 
ATOM   3    C C   . PHE A 1 4   ? 5.190   3.690   -19.417 1.00 27.47 ? 4   PHE A C   1 
ATOM   4    O O   . PHE A 1 4   ? 4.116   3.268   -18.982 1.00 25.31 ? 4   PHE A O   1 
ATOM   5    C CB  . PHE A 1 4   ? 6.981   4.206   -17.712 1.00 28.37 ? 4   PHE A CB  1 
ATOM   6    C CG  . PHE A 1 4   ? 7.682   3.527   -16.562 1.00 26.37 ? 4   PHE A CG  1 
ATOM   7    C CD1 . PHE A 1 4   ? 6.972   2.693   -15.717 1.00 24.62 ? 4   PHE A CD1 1 
ATOM   8    C CD2 . PHE A 1 4   ? 9.029   3.741   -16.313 1.00 24.36 ? 4   PHE A CD2 1 
ATOM   9    C CE1 . PHE A 1 4   ? 7.605   2.043   -14.676 1.00 24.29 ? 4   PHE A CE1 1 
ATOM   10   C CE2 . PHE A 1 4   ? 9.662   3.105   -15.261 1.00 24.06 ? 4   PHE A CE2 1 
ATOM   11   C CZ  . PHE A 1 4   ? 8.951   2.269   -14.434 1.00 23.65 ? 4   PHE A CZ  1 
ATOM   12   N N   . LYS A 1 5   ? 5.275   4.568   -20.414 1.00 27.07 ? 5   LYS A N   1 
ATOM   13   C CA  . LYS A 1 5   ? 4.132   5.022   -21.201 1.00 26.69 ? 5   LYS A CA  1 
ATOM   14   C C   . LYS A 1 5   ? 3.350   3.839   -21.756 1.00 24.52 ? 5   LYS A C   1 
ATOM   15   O O   . LYS A 1 5   ? 2.124   3.807   -21.656 1.00 24.60 ? 5   LYS A O   1 
ATOM   16   C CB  . LYS A 1 5   ? 4.602   5.905   -22.382 1.00 29.67 ? 5   LYS A CB  1 
ATOM   17   C CG  . LYS A 1 5   ? 5.178   7.258   -21.972 1.00 32.02 ? 5   LYS A CG  1 
ATOM   18   C CD  . LYS A 1 5   ? 5.633   8.118   -23.149 1.00 34.53 ? 5   LYS A CD  1 
ATOM   19   C CE  . LYS A 1 5   ? 6.240   9.421   -22.631 1.00 35.80 ? 5   LYS A CE  1 
ATOM   20   N NZ  . LYS A 1 5   ? 6.537   10.436  -23.676 1.00 36.71 ? 5   LYS A NZ  1 
ATOM   21   N N   . GLU A 1 6   ? 4.073   2.874   -22.320 1.00 24.64 ? 6   GLU A N   1 
ATOM   22   C CA  . GLU A 1 6   ? 3.455   1.677   -22.891 1.00 23.70 ? 6   GLU A CA  1 
ATOM   23   C C   . GLU A 1 6   ? 2.734   0.788   -21.866 1.00 22.34 ? 6   GLU A C   1 
ATOM   24   O O   . GLU A 1 6   ? 1.829   0.038   -22.249 1.00 24.10 ? 6   GLU A O   1 
ATOM   25   C CB  . GLU A 1 6   ? 4.483   0.849   -23.680 1.00 25.04 ? 6   GLU A CB  1 
ATOM   26   N N   . LEU A 1 7   ? 3.113   0.864   -20.588 1.00 20.55 ? 7   LEU A N   1 
ATOM   27   C CA  . LEU A 1 7   ? 2.381   0.142   -19.540 1.00 18.98 ? 7   LEU A CA  1 
ATOM   28   C C   . LEU A 1 7   ? 1.077   0.830   -19.146 1.00 17.65 ? 7   LEU A C   1 
ATOM   29   O O   . LEU A 1 7   ? 0.273   0.241   -18.416 1.00 18.53 ? 7   LEU A O   1 
ATOM   30   C CB  . LEU A 1 7   ? 3.261   -0.083  -18.317 1.00 18.43 ? 7   LEU A CB  1 
ATOM   31   C CG  . LEU A 1 7   ? 4.516   -0.951  -18.515 1.00 19.00 ? 7   LEU A CG  1 
ATOM   32   C CD1 . LEU A 1 7   ? 5.359   -0.896  -17.270 1.00 19.41 ? 7   LEU A CD1 1 
ATOM   33   C CD2 . LEU A 1 7   ? 4.166   -2.390  -18.852 1.00 19.43 ? 7   LEU A CD2 1 
ATOM   34   N N   . GLY A 1 8   ? 0.855   2.046   -19.649 1.00 16.96 ? 8   GLY A N   1 
ATOM   35   C CA  . GLY A 1 8   ? -0.403  2.755   -19.500 1.00 15.80 ? 8   GLY A CA  1 
ATOM   36   C C   . GLY A 1 8   ? -0.437  3.740   -18.349 1.00 15.47 ? 8   GLY A C   1 
ATOM   37   O O   . GLY A 1 8   ? -1.516  4.220   -17.991 1.00 14.94 ? 8   GLY A O   1 
ATOM   38   N N   . ILE A 1 9   ? 0.729   4.035   -17.777 1.00 15.16 ? 9   ILE A N   1 
ATOM   39   C CA  . ILE A 1 9   ? 0.878   4.977   -16.679 1.00 15.04 ? 9   ILE A CA  1 
ATOM   40   C C   . ILE A 1 9   ? 0.542   6.410   -17.118 1.00 14.28 ? 9   ILE A C   1 
ATOM   41   O O   . ILE A 1 9   ? 0.668   6.775   -18.298 1.00 14.93 ? 9   ILE A O   1 
ATOM   42   C CB  . ILE A 1 9   ? 2.326   4.879   -16.099 1.00 16.71 ? 9   ILE A CB  1 
ATOM   43   C CG1 . ILE A 1 9   ? 2.518   3.515   -15.418 1.00 17.84 ? 9   ILE A CG1 1 
ATOM   44   C CG2 . ILE A 1 9   ? 2.667   6.052   -15.180 1.00 17.62 ? 9   ILE A CG2 1 
ATOM   45   C CD1 . ILE A 1 9   ? 1.577   3.274   -14.271 1.00 18.94 ? 9   ILE A CD1 1 
ATOM   46   N N   . SER A 1 10  ? 0.037   7.218   -16.181 1.00 13.51 ? 10  SER A N   1 
ATOM   47   C CA  . SER A 1 10  ? -0.318  8.592   -16.504 1.00 13.46 ? 10  SER A CA  1 
ATOM   48   C C   . SER A 1 10  ? 0.872   9.412   -16.986 1.00 13.40 ? 10  SER A C   1 
ATOM   49   O O   . SER A 1 10  ? 1.996   9.198   -16.547 1.00 13.01 ? 10  SER A O   1 
ATOM   50   C CB  . SER A 1 10  ? -0.915  9.313   -15.301 1.00 13.91 ? 10  SER A CB  1 
ATOM   51   O OG  . SER A 1 10  ? 0.080   9.575   -14.327 1.00 14.10 ? 10  SER A OG  1 
ATOM   52   N N   . ASP A 1 11  ? 0.605   10.399  -17.829 1.00 13.49 ? 11  ASP A N   1 
ATOM   53   C CA  . ASP A 1 11  ? 1.643   11.297  -18.309 1.00 14.89 ? 11  ASP A CA  1 
ATOM   54   C C   . ASP A 1 11  ? 2.383   12.004  -17.149 1.00 12.81 ? 11  ASP A C   1 
ATOM   55   O O   . ASP A 1 11  ? 3.597   12.130  -17.144 1.00 12.87 ? 11  ASP A O   1 
ATOM   56   C CB  . ASP A 1 11  ? 1.023   12.368  -19.188 1.00 16.94 ? 11  ASP A CB  1 
ATOM   57   C CG  . ASP A 1 11  ? 0.561   11.859  -20.510 1.00 21.55 ? 11  ASP A CG  1 
ATOM   58   O OD1 . ASP A 1 11  ? 0.664   10.653  -20.791 1.00 24.02 ? 11  ASP A OD1 1 
ATOM   59   O OD2 . ASP A 1 11  ? 0.072   12.715  -21.280 1.00 27.51 ? 11  ASP A OD2 1 
ATOM   60   N N   . ASN A 1 12  ? 1.639   12.416  -16.124 1.00 11.36 ? 12  ASN A N   1 
ATOM   61   C CA  . ASN A 1 12  ? 2.268   13.106  -15.007 1.00 10.94 ? 12  ASN A CA  1 
ATOM   62   C C   . ASN A 1 12  ? 3.180   12.169  -14.219 1.00 10.69 ? 12  ASN A C   1 
ATOM   63   O O   . ASN A 1 12  ? 4.226   12.566  -13.757 1.00 10.27 ? 12  ASN A O   1 
ATOM   64   C CB  . ASN A 1 12  ? 1.238   13.753  -14.086 1.00 11.90 ? 12  ASN A CB  1 
ATOM   65   C CG  . ASN A 1 12  ? 0.570   14.949  -14.726 1.00 13.28 ? 12  ASN A CG  1 
ATOM   66   O OD1 . ASN A 1 12  ? 0.960   15.397  -15.823 1.00 14.92 ? 12  ASN A OD1 1 
ATOM   67   N ND2 . ASN A 1 12  ? -0.476  15.433  -14.089 1.00 14.25 ? 12  ASN A ND2 1 
ATOM   68   N N   . THR A 1 13  ? 2.799   10.902  -14.045 1.00 10.17 ? 13  THR A N   1 
ATOM   69   C CA  . THR A 1 13  ? 3.680   9.946   -13.336 1.00 10.03 ? 13  THR A CA  1 
ATOM   70   C C   . THR A 1 13  ? 4.891   9.599   -14.205 1.00 10.44 ? 13  THR A C   1 
ATOM   71   O O   . THR A 1 13  ? 5.979   9.481   -13.685 1.00 11.10 ? 13  THR A O   1 
ATOM   72   C CB  . THR A 1 13  ? 2.917   8.716   -12.826 1.00 10.32 ? 13  THR A CB  1 
ATOM   73   O OG1 . THR A 1 13  ? 1.943   9.200   -11.894 1.00 10.64 ? 13  THR A OG1 1 
ATOM   74   C CG2 . THR A 1 13  ? 3.851   7.708   -12.140 1.00 10.41 ? 13  THR A CG2 1 
ATOM   75   N N   . VAL A 1 14  ? 4.715   9.459   -15.506 1.00 11.18 ? 14  VAL A N   1 
ATOM   76   C CA  . VAL A 1 14  ? 5.883   9.300   -16.376 1.00 12.19 ? 14  VAL A CA  1 
ATOM   77   C C   . VAL A 1 14  ? 6.874   10.455  -16.208 1.00 12.44 ? 14  VAL A C   1 
ATOM   78   O O   . VAL A 1 14  ? 8.064   10.216  -16.061 1.00 12.33 ? 14  VAL A O   1 
ATOM   79   C CB  . VAL A 1 14  ? 5.459   9.180   -17.849 1.00 12.23 ? 14  VAL A CB  1 
ATOM   80   C CG1 . VAL A 1 14  ? 6.692   9.222   -18.761 1.00 13.14 ? 14  VAL A CG1 1 
ATOM   81   C CG2 . VAL A 1 14  ? 4.672   7.899   -18.102 1.00 12.88 ? 14  VAL A CG2 1 
ATOM   82   N N   . GLN A 1 15  ? 6.367   11.683  -16.109 1.00 12.26 ? 15  GLN A N   1 
ATOM   83   C CA  . GLN A 1 15  ? 7.237   12.822  -15.863 1.00 11.96 ? 15  GLN A CA  1 
ATOM   84   C C   . GLN A 1 15  ? 7.934   12.730  -14.511 1.00 11.62 ? 15  GLN A C   1 
ATOM   85   O O   . GLN A 1 15  ? 9.126   12.982  -14.400 1.00 11.72 ? 15  GLN A O   1 
ATOM   86   C CB  . GLN A 1 15  ? 6.496   14.137  -16.055 1.00 12.63 ? 15  GLN A CB  1 
ATOM   87   C CG  . GLN A 1 15  ? 7.376   15.362  -15.957 1.00 13.04 ? 15  GLN A CG  1 
ATOM   88   C CD  . GLN A 1 15  ? 6.666   16.681  -16.221 1.00 13.41 ? 15  GLN A CD  1 
ATOM   89   O OE1 . GLN A 1 15  ? 6.972   17.371  -17.202 1.00 16.79 ? 15  GLN A OE1 1 
ATOM   90   N NE2 . GLN A 1 15  ? 5.773   17.072  -15.357 1.00 13.96 ? 15  GLN A NE2 1 
ATOM   91   N N   . SER A 1 16  ? 7.196   12.378  -13.457 1.00 11.06 ? 16  SER A N   1 
ATOM   92   C CA  . SER A 1 16  ? 7.809   12.238  -12.145 1.00 11.29 ? 16  SER A CA  1 
ATOM   93   C C   . SER A 1 16  ? 8.928   11.208  -12.211 1.00 11.44 ? 16  SER A C   1 
ATOM   94   O O   . SER A 1 16  ? 10.018  11.429  -11.707 1.00 10.46 ? 16  SER A O   1 
ATOM   95   C CB  . SER A 1 16  ? 6.792   11.778  -11.078 1.00 11.30 ? 16  SER A CB  1 
ATOM   96   O OG  . SER A 1 16  ? 5.770   12.720  -10.816 1.00 10.58 ? 16  SER A OG  1 
ATOM   97   N N   . LEU A 1 17  ? 8.649   10.058  -12.846 1.00 11.30 ? 17  LEU A N   1 
ATOM   98   C CA  . LEU A 1 17  ? 9.654   8.977   -12.943 1.00 11.98 ? 17  LEU A CA  1 
ATOM   99   C C   . LEU A 1 17  ? 10.875  9.417   -13.748 1.00 12.59 ? 17  LEU A C   1 
ATOM   100  O O   . LEU A 1 17  ? 12.019  9.203   -13.309 1.00 13.29 ? 17  LEU A O   1 
ATOM   101  C CB  . LEU A 1 17  ? 9.029   7.724   -13.591 1.00 12.19 ? 17  LEU A CB  1 
ATOM   102  C CG  . LEU A 1 17  ? 7.946   6.990   -12.764 1.00 13.02 ? 17  LEU A CG  1 
ATOM   103  C CD1 . LEU A 1 17  ? 7.299   5.884   -13.564 1.00 13.72 ? 17  LEU A CD1 1 
ATOM   104  C CD2 . LEU A 1 17  ? 8.531   6.426   -11.487 1.00 13.86 ? 17  LEU A CD2 1 
ATOM   105  N N   . GLU A 1 18  ? 10.635  10.105  -14.858 1.00 13.30 ? 18  GLU A N   1 
ATOM   106  C CA  . GLU A 1 18  ? 11.763  10.634  -15.655 1.00 15.02 ? 18  GLU A CA  1 
ATOM   107  C C   . GLU A 1 18  ? 12.646  11.593  -14.862 1.00 14.72 ? 18  GLU A C   1 
ATOM   108  O O   . GLU A 1 18  ? 13.874  11.570  -15.012 1.00 15.97 ? 18  GLU A O   1 
ATOM   109  C CB  . GLU A 1 18  ? 11.228  11.285  -16.897 1.00 17.80 ? 18  GLU A CB  1 
ATOM   110  C CG  . GLU A 1 18  ? 10.806  10.300  -17.966 1.00 22.48 ? 18  GLU A CG  1 
ATOM   111  C CD  . GLU A 1 18  ? 10.429  10.981  -19.273 1.00 26.75 ? 18  GLU A CD  1 
ATOM   112  O OE1 . GLU A 1 18  ? 10.832  12.155  -19.512 1.00 30.54 ? 18  GLU A OE1 1 
ATOM   113  O OE2 . GLU A 1 18  ? 9.720   10.337  -20.075 1.00 32.23 ? 18  GLU A OE2 1 
ATOM   114  N N   . SER A 1 19  ? 12.046  12.390  -13.975 1.00 13.29 ? 19  SER A N   1 
ATOM   115  C CA  . SER A 1 19  ? 12.787  13.372  -13.157 1.00 14.53 ? 19  SER A CA  1 
ATOM   116  C C   . SER A 1 19  ? 13.643  12.706  -12.095 1.00 16.07 ? 19  SER A C   1 
ATOM   117  O O   . SER A 1 19  ? 14.599  13.333  -11.574 1.00 17.45 ? 19  SER A O   1 
ATOM   118  C CB  . SER A 1 19  ? 11.812  14.353  -12.522 1.00 14.79 ? 19  SER A CB  1 
ATOM   119  O OG  . SER A 1 19  ? 11.214  13.865  -11.342 1.00 15.11 ? 19  SER A OG  1 
ATOM   120  N N   . MET A 1 20  ? 13.284  11.465  -11.733 1.00 16.72 ? 20  MET A N   1 
ATOM   121  C CA  . MET A 1 20  ? 14.070  10.653  -10.811 1.00 19.86 ? 20  MET A CA  1 
ATOM   122  C C   . MET A 1 20  ? 15.132  9.809   -11.511 1.00 21.38 ? 20  MET A C   1 
ATOM   123  O O   . MET A 1 20  ? 15.932  9.180   -10.834 1.00 23.98 ? 20  MET A O   1 
ATOM   124  C CB  . MET A 1 20  ? 13.149  9.699   -10.026 1.00 22.41 ? 20  MET A CB  1 
ATOM   125  C CG  . MET A 1 20  ? 12.228  10.346  -9.003  1.00 24.57 ? 20  MET A CG  1 
ATOM   126  S SD  . MET A 1 20  ? 13.058  11.182  -7.636  1.00 27.49 ? 20  MET A SD  1 
ATOM   127  C CE  . MET A 1 20  ? 14.158  9.916   -7.022  1.00 25.78 ? 20  MET A CE  1 
ATOM   128  N N   . GLY A 1 21  ? 15.112  9.752   -12.839 1.00 21.58 ? 21  GLY A N   1 
ATOM   129  C CA  . GLY A 1 21  ? 16.034  8.896   -13.604 1.00 23.09 ? 21  GLY A CA  1 
ATOM   130  C C   . GLY A 1 21  ? 15.558  7.450   -13.693 1.00 25.74 ? 21  GLY A C   1 
ATOM   131  O O   . GLY A 1 21  ? 16.367  6.553   -13.983 1.00 26.27 ? 21  GLY A O   1 
ATOM   132  N N   . PHE A 1 22  ? 14.260  7.208   -13.453 1.00 24.52 ? 22  PHE A N   1 
ATOM   133  C CA  . PHE A 1 22  ? 13.657  5.868   -13.572 1.00 26.78 ? 22  PHE A CA  1 
ATOM   134  C C   . PHE A 1 22  ? 13.097  5.724   -14.970 1.00 31.03 ? 22  PHE A C   1 
ATOM   135  O O   . PHE A 1 22  ? 11.985  6.186   -15.256 1.00 30.53 ? 22  PHE A O   1 
ATOM   136  C CB  . PHE A 1 22  ? 12.524  5.635   -12.550 1.00 25.64 ? 22  PHE A CB  1 
ATOM   137  C CG  . PHE A 1 22  ? 12.939  5.755   -11.105 1.00 26.67 ? 22  PHE A CG  1 
ATOM   138  C CD1 . PHE A 1 22  ? 14.175  5.279   -10.657 1.00 28.67 ? 22  PHE A CD1 1 
ATOM   139  C CD2 . PHE A 1 22  ? 12.078  6.320   -10.173 1.00 26.21 ? 22  PHE A CD2 1 
ATOM   140  C CE1 . PHE A 1 22  ? 14.539  5.391   -9.312  1.00 28.68 ? 22  PHE A CE1 1 
ATOM   141  C CE2 . PHE A 1 22  ? 12.432  6.438   -8.840  1.00 27.70 ? 22  PHE A CE2 1 
ATOM   142  C CZ  . PHE A 1 22  ? 13.661  5.960   -8.399  1.00 28.07 ? 22  PHE A CZ  1 
ATOM   143  N N   . LYS A 1 23  ? 13.880  5.076   -15.835 1.00 32.57 ? 23  LYS A N   1 
ATOM   144  C CA  . LYS A 1 23  ? 13.594  4.994   -17.264 1.00 34.48 ? 23  LYS A CA  1 
ATOM   145  C C   . LYS A 1 23  ? 12.942  3.671   -17.675 1.00 33.09 ? 23  LYS A C   1 
ATOM   146  O O   . LYS A 1 23  ? 11.923  3.656   -18.364 1.00 36.48 ? 23  LYS A O   1 
ATOM   147  C CB  . LYS A 1 23  ? 14.906  5.196   -18.031 1.00 36.29 ? 23  LYS A CB  1 
ATOM   148  C CG  . LYS A 1 23  ? 15.642  6.474   -17.620 1.00 37.86 ? 23  LYS A CG  1 
ATOM   149  C CD  . LYS A 1 23  ? 16.864  6.774   -18.469 1.00 38.66 ? 23  LYS A CD  1 
ATOM   150  C CE  . LYS A 1 23  ? 17.384  8.173   -18.140 1.00 39.88 ? 23  LYS A CE  1 
ATOM   151  N NZ  . LYS A 1 23  ? 18.616  8.565   -18.892 1.00 40.48 ? 23  LYS A NZ  1 
ATOM   152  N N   . GLU A 1 24  ? 13.528  2.571   -17.223 1.00 30.27 ? 24  GLU A N   1 
ATOM   153  C CA  . GLU A 1 24  ? 13.160  1.234   -17.688 1.00 29.52 ? 24  GLU A CA  1 
ATOM   154  C C   . GLU A 1 24  ? 12.359  0.501   -16.605 1.00 25.53 ? 24  GLU A C   1 
ATOM   155  O O   . GLU A 1 24  ? 12.838  0.376   -15.485 1.00 24.80 ? 24  GLU A O   1 
ATOM   156  C CB  . GLU A 1 24  ? 14.429  0.455   -18.065 1.00 32.81 ? 24  GLU A CB  1 
ATOM   157  C CG  . GLU A 1 24  ? 15.342  0.060   -16.900 1.00 36.58 ? 24  GLU A CG  1 
ATOM   158  C CD  . GLU A 1 24  ? 16.826  0.075   -17.247 1.00 40.03 ? 24  GLU A CD  1 
ATOM   159  O OE1 . GLU A 1 24  ? 17.388  -1.003  -17.533 1.00 42.85 ? 24  GLU A OE1 1 
ATOM   160  O OE2 . GLU A 1 24  ? 17.433  1.168   -17.219 1.00 44.37 ? 24  GLU A OE2 1 
ATOM   161  N N   . PRO A 1 25  ? 11.140  0.027   -16.934 1.00 24.12 ? 25  PRO A N   1 
ATOM   162  C CA  . PRO A 1 25  ? 10.455  -0.784  -15.902 1.00 22.98 ? 25  PRO A CA  1 
ATOM   163  C C   . PRO A 1 25  ? 11.140  -2.145  -15.640 1.00 22.71 ? 25  PRO A C   1 
ATOM   164  O O   . PRO A 1 25  ? 11.632  -2.764  -16.597 1.00 24.61 ? 25  PRO A O   1 
ATOM   165  C CB  . PRO A 1 25  ? 9.060   -1.010  -16.483 1.00 23.03 ? 25  PRO A CB  1 
ATOM   166  C CG  . PRO A 1 25  ? 8.950   -0.193  -17.712 1.00 24.56 ? 25  PRO A CG  1 
ATOM   167  C CD  . PRO A 1 25  ? 10.337  0.150   -18.163 1.00 24.26 ? 25  PRO A CD  1 
ATOM   168  N N   . THR A 1 26  ? 11.160  -2.604  -14.387 1.00 21.59 ? 26  THR A N   1 
ATOM   169  C CA  . THR A 1 26  ? 11.665  -3.953  -14.033 1.00 22.20 ? 26  THR A CA  1 
ATOM   170  C C   . THR A 1 26  ? 10.659  -5.030  -14.458 1.00 21.91 ? 26  THR A C   1 
ATOM   171  O O   . THR A 1 26  ? 9.504   -4.708  -14.714 1.00 20.32 ? 26  THR A O   1 
ATOM   172  C CB  . THR A 1 26  ? 11.869  -4.137  -12.510 1.00 23.12 ? 26  THR A CB  1 
ATOM   173  O OG1 . THR A 1 26  ? 10.601  -4.036  -11.852 1.00 23.11 ? 26  THR A OG1 1 
ATOM   174  C CG2 . THR A 1 26  ? 12.850  -3.120  -11.918 1.00 23.39 ? 26  THR A CG2 1 
ATOM   175  N N   . PRO A 1 27  ? 11.061  -6.327  -14.487 1.00 22.30 ? 27  PRO A N   1 
ATOM   176  C CA  . PRO A 1 27  ? 10.080  -7.315  -14.922 1.00 22.34 ? 27  PRO A CA  1 
ATOM   177  C C   . PRO A 1 27  ? 8.806   -7.369  -14.061 1.00 19.85 ? 27  PRO A C   1 
ATOM   178  O O   . PRO A 1 27  ? 7.730   -7.502  -14.622 1.00 18.90 ? 27  PRO A O   1 
ATOM   179  C CB  . PRO A 1 27  ? 10.829  -8.660  -14.874 1.00 23.41 ? 27  PRO A CB  1 
ATOM   180  C CG  . PRO A 1 27  ? 12.211  -8.359  -14.446 1.00 25.11 ? 27  PRO A CG  1 
ATOM   181  C CD  . PRO A 1 27  ? 12.425  -6.876  -14.435 1.00 24.42 ? 27  PRO A CD  1 
ATOM   182  N N   . ILE A 1 28  ? 8.925   -7.268  -12.740 1.00 17.90 ? 28  ILE A N   1 
ATOM   183  C CA  . ILE A 1 28  ? 7.734   -7.293  -11.874 1.00 17.40 ? 28  ILE A CA  1 
ATOM   184  C C   . ILE A 1 28  ? 6.777   -6.114  -12.166 1.00 17.50 ? 28  ILE A C   1 
ATOM   185  O O   . ILE A 1 28  ? 5.528   -6.268  -12.122 1.00 16.86 ? 28  ILE A O   1 
ATOM   186  C CB  . ILE A 1 28  ? 8.077   -7.315  -10.370 1.00 18.03 ? 28  ILE A CB  1 
ATOM   187  C CG1 . ILE A 1 28  ? 6.839   -7.615  -9.516  1.00 19.66 ? 28  ILE A CG1 1 
ATOM   188  C CG2 . ILE A 1 28  ? 8.699   -6.008  -9.915  1.00 19.60 ? 28  ILE A CG2 1 
ATOM   189  C CD1 . ILE A 1 28  ? 7.168   -8.027  -8.107  1.00 20.22 ? 28  ILE A CD1 1 
ATOM   190  N N   . GLN A 1 29  ? 7.363   -4.958  -12.480 1.00 17.18 ? 29  GLN A N   1 
ATOM   191  C CA  . GLN A 1 29  ? 6.565   -3.775  -12.846 1.00 17.06 ? 29  GLN A CA  1 
ATOM   192  C C   . GLN A 1 29  ? 5.819   -3.970  -14.149 1.00 17.48 ? 29  GLN A C   1 
ATOM   193  O O   . GLN A 1 29  ? 4.644   -3.648  -14.227 1.00 15.37 ? 29  GLN A O   1 
ATOM   194  C CB  . GLN A 1 29  ? 7.433   -2.510  -12.902 1.00 16.93 ? 29  GLN A CB  1 
ATOM   195  C CG  . GLN A 1 29  ? 8.023   -2.170  -11.540 1.00 18.38 ? 29  GLN A CG  1 
ATOM   196  C CD  . GLN A 1 29  ? 9.179   -1.206  -11.572 1.00 20.18 ? 29  GLN A CD  1 
ATOM   197  O OE1 . GLN A 1 29  ? 9.605   -0.750  -12.626 1.00 20.06 ? 29  GLN A OE1 1 
ATOM   198  N NE2 . GLN A 1 29  ? 9.688   -0.879  -10.395 1.00 20.84 ? 29  GLN A NE2 1 
ATOM   199  N N   . LYS A 1 30  ? 6.493   -4.496  -15.177 1.00 17.41 ? 30  LYS A N   1 
ATOM   200  C CA  . LYS A 1 30  ? 5.832   -4.808  -16.435 1.00 18.90 ? 30  LYS A CA  1 
ATOM   201  C C   . LYS A 1 30  ? 4.693   -5.785  -16.212 1.00 18.56 ? 30  LYS A C   1 
ATOM   202  O O   . LYS A 1 30  ? 3.663   -5.667  -16.845 1.00 19.35 ? 30  LYS A O   1 
ATOM   203  C CB  . LYS A 1 30  ? 6.792   -5.417  -17.475 1.00 19.33 ? 30  LYS A CB  1 
ATOM   204  C CG  . LYS A 1 30  ? 7.872   -4.498  -17.975 1.00 21.96 ? 30  LYS A CG  1 
ATOM   205  C CD  . LYS A 1 30  ? 8.650   -5.181  -19.101 1.00 22.80 ? 30  LYS A CD  1 
ATOM   206  C CE  . LYS A 1 30  ? 9.788   -4.308  -19.596 1.00 27.56 ? 30  LYS A CE  1 
ATOM   207  N NZ  . LYS A 1 30  ? 10.699  -5.090  -20.474 1.00 29.18 ? 30  LYS A NZ  1 
ATOM   208  N N   . ASP A 1 31  ? 4.890   -6.778  -15.335 1.00 18.03 ? 31  ASP A N   1 
ATOM   209  C CA  . ASP A 1 31  ? 3.867   -7.825  -15.134 1.00 18.50 ? 31  ASP A CA  1 
ATOM   210  C C   . ASP A 1 31  ? 2.704   -7.320  -14.300 1.00 18.53 ? 31  ASP A C   1 
ATOM   211  O O   . ASP A 1 31  ? 1.589   -7.793  -14.482 1.00 22.25 ? 31  ASP A O   1 
ATOM   212  C CB  . ASP A 1 31  ? 4.443   -9.063  -14.424 1.00 20.30 ? 31  ASP A CB  1 
ATOM   213  C CG  . ASP A 1 31  ? 5.439   -9.846  -15.272 1.00 23.19 ? 31  ASP A CG  1 
ATOM   214  O OD1 . ASP A 1 31  ? 5.626   -9.541  -16.475 1.00 27.44 ? 31  ASP A OD1 1 
ATOM   215  O OD2 . ASP A 1 31  ? 6.046   -10.792 -14.707 1.00 24.93 ? 31  ASP A OD2 1 
ATOM   216  N N   . SER A 1 32  ? 2.954   -6.391  -13.375 1.00 15.72 ? 32  SER A N   1 
ATOM   217  C CA  . SER A 1 32  ? 1.951   -5.991  -12.396 1.00 15.35 ? 32  SER A CA  1 
ATOM   218  C C   . SER A 1 32  ? 1.187   -4.749  -12.809 1.00 14.30 ? 32  SER A C   1 
ATOM   219  O O   . SER A 1 32  ? 0.010   -4.622  -12.523 1.00 13.75 ? 32  SER A O   1 
ATOM   220  C CB  . SER A 1 32  ? 2.610   -5.713  -11.037 1.00 15.86 ? 32  SER A CB  1 
ATOM   221  O OG  . SER A 1 32  ? 3.352   -6.832  -10.585 1.00 19.62 ? 32  SER A OG  1 
ATOM   222  N N   . ILE A 1 33  ? 1.870   -3.781  -13.383 1.00 14.43 ? 33  ILE A N   1 
ATOM   223  C CA  . ILE A 1 33  ? 1.266   -2.459  -13.566 1.00 13.44 ? 33  ILE A CA  1 
ATOM   224  C C   . ILE A 1 33  ? -0.020  -2.439  -14.406 1.00 14.14 ? 33  ILE A C   1 
ATOM   225  O O   . ILE A 1 33  ? -0.990  -1.791  -14.008 1.00 13.14 ? 33  ILE A O   1 
ATOM   226  C CB  . ILE A 1 33  ? 2.335   -1.444  -14.011 1.00 13.82 ? 33  ILE A CB  1 
ATOM   227  C CG1 . ILE A 1 33  ? 3.233   -1.129  -12.806 1.00 14.90 ? 33  ILE A CG1 1 
ATOM   228  C CG2 . ILE A 1 33  ? 1.694   -0.176  -14.570 1.00 14.82 ? 33  ILE A CG2 1 
ATOM   229  C CD1 . ILE A 1 33  ? 4.438   -0.251  -13.049 1.00 15.64 ? 33  ILE A CD1 1 
ATOM   230  N N   . PRO A 1 34  ? -0.078  -3.176  -15.516 1.00 14.87 ? 34  PRO A N   1 
ATOM   231  C CA  . PRO A 1 34  ? -1.314  -3.154  -16.298 1.00 15.82 ? 34  PRO A CA  1 
ATOM   232  C C   . PRO A 1 34  ? -2.503  -3.664  -15.494 1.00 16.13 ? 34  PRO A C   1 
ATOM   233  O O   . PRO A 1 34  ? -3.600  -3.045  -15.517 1.00 16.43 ? 34  PRO A O   1 
ATOM   234  C CB  . PRO A 1 34  ? -0.976  -4.045  -17.499 1.00 17.42 ? 34  PRO A CB  1 
ATOM   235  C CG  . PRO A 1 34  ? 0.481   -3.813  -17.686 1.00 17.02 ? 34  PRO A CG  1 
ATOM   236  C CD  . PRO A 1 34  ? 1.042   -3.763  -16.281 1.00 16.35 ? 34  PRO A CD  1 
ATOM   237  N N   . TYR A 1 35  ? -2.300  -4.743  -14.723 1.00 15.23 ? 35  TYR A N   1 
ATOM   238  C CA  . TYR A 1 35  ? -3.385  -5.269  -13.903 1.00 15.18 ? 35  TYR A CA  1 
ATOM   239  C C   . TYR A 1 35  ? -3.801  -4.312  -12.810 1.00 13.09 ? 35  TYR A C   1 
ATOM   240  O O   . TYR A 1 35  ? -4.980  -4.156  -12.484 1.00 12.18 ? 35  TYR A O   1 
ATOM   241  C CB  . TYR A 1 35  ? -2.980  -6.591  -13.240 1.00 17.26 ? 35  TYR A CB  1 
ATOM   242  C CG  . TYR A 1 35  ? -2.728  -7.735  -14.205 1.00 22.32 ? 35  TYR A CG  1 
ATOM   243  C CD1 . TYR A 1 35  ? -3.674  -8.098  -15.155 1.00 24.75 ? 35  TYR A CD1 1 
ATOM   244  C CD2 . TYR A 1 35  ? -1.558  -8.488  -14.115 1.00 26.75 ? 35  TYR A CD2 1 
ATOM   245  C CE1 . TYR A 1 35  ? -3.455  -9.165  -16.026 1.00 27.33 ? 35  TYR A CE1 1 
ATOM   246  C CE2 . TYR A 1 35  ? -1.322  -9.553  -14.977 1.00 29.13 ? 35  TYR A CE2 1 
ATOM   247  C CZ  . TYR A 1 35  ? -2.272  -9.882  -15.936 1.00 30.19 ? 35  TYR A CZ  1 
ATOM   248  O OH  . TYR A 1 35  ? -2.029  -10.947 -16.787 1.00 36.64 ? 35  TYR A OH  1 
ATOM   249  N N   . ALA A 1 36  ? -2.815  -3.661  -12.192 1.00 11.73 ? 36  ALA A N   1 
ATOM   250  C CA  . ALA A 1 36  ? -3.067  -2.667  -11.142 1.00 10.43 ? 36  ALA A CA  1 
ATOM   251  C C   . ALA A 1 36  ? -3.964  -1.575  -11.705 1.00 10.73 ? 36  ALA A C   1 
ATOM   252  O O   . ALA A 1 36  ? -4.965  -1.188  -11.084 1.00 10.72 ? 36  ALA A O   1 
ATOM   253  C CB  . ALA A 1 36  ? -1.755  -2.059  -10.636 1.00 11.13 ? 36  ALA A CB  1 
ATOM   254  N N   . LEU A 1 37  ? -3.610  -1.076  -12.868 1.00 11.54 ? 37  LEU A N   1 
ATOM   255  C CA  . LEU A 1 37  ? -4.422  -0.012  -13.506 1.00 11.88 ? 37  LEU A CA  1 
ATOM   256  C C   . LEU A 1 37  ? -5.848  -0.424  -13.880 1.00 13.27 ? 37  LEU A C   1 
ATOM   257  O O   . LEU A 1 37  ? -6.792  0.403   -13.808 1.00 14.30 ? 37  LEU A O   1 
ATOM   258  C CB  . LEU A 1 37  ? -3.713  0.535   -14.761 1.00 12.43 ? 37  LEU A CB  1 
ATOM   259  C CG  . LEU A 1 37  ? -2.419  1.240   -14.480 1.00 13.01 ? 37  LEU A CG  1 
ATOM   260  C CD1 . LEU A 1 37  ? -1.627  1.344   -15.769 1.00 14.04 ? 37  LEU A CD1 1 
ATOM   261  C CD2 . LEU A 1 37  ? -2.627  2.621   -13.871 1.00 13.74 ? 37  LEU A CD2 1 
ATOM   262  N N   . GLN A 1 38  ? -6.029  -1.702  -14.166 1.00 13.16 ? 38  GLN A N   1 
ATOM   263  C CA  . GLN A 1 38  ? -7.355  -2.273  -14.457 1.00 13.36 ? 38  GLN A CA  1 
ATOM   264  C C   . GLN A 1 38  ? -8.249  -2.446  -13.234 1.00 12.57 ? 38  GLN A C   1 
ATOM   265  O O   . GLN A 1 38  ? -9.429  -2.779  -13.389 1.00 12.63 ? 38  GLN A O   1 
ATOM   266  C CB  . GLN A 1 38  ? -7.222  -3.575  -15.187 1.00 15.93 ? 38  GLN A CB  1 
ATOM   267  C CG  . GLN A 1 38  ? -6.642  -3.423  -16.566 1.00 19.01 ? 38  GLN A CG  1 
ATOM   268  C CD  . GLN A 1 38  ? -6.079  -4.731  -17.061 1.00 22.73 ? 38  GLN A CD  1 
ATOM   269  O OE1 . GLN A 1 38  ? -6.607  -5.791  -16.769 1.00 23.32 ? 38  GLN A OE1 1 
ATOM   270  N NE2 . GLN A 1 38  ? -4.978  -4.661  -17.804 1.00 26.44 ? 38  GLN A NE2 1 
ATOM   271  N N   . GLY A 1 39  ? -7.691  -2.289  -12.031 1.00 10.99 ? 39  GLY A N   1 
ATOM   272  C CA  . GLY A 1 39  ? -8.482  -2.419  -10.789 1.00 11.00 ? 39  GLY A CA  1 
ATOM   273  C C   . GLY A 1 39  ? -8.557  -3.785  -10.190 1.00 12.44 ? 39  GLY A C   1 
ATOM   274  O O   . GLY A 1 39  ? -9.329  -3.979  -9.228  1.00 13.04 ? 39  GLY A O   1 
ATOM   275  N N   . ILE A 1 40  ? -7.761  -4.706  -10.698 1.00 11.69 ? 40  ILE A N   1 
ATOM   276  C CA  . ILE A 1 40  ? -7.780  -6.094  -10.267 1.00 12.90 ? 40  ILE A CA  1 
ATOM   277  C C   . ILE A 1 40  ? -6.908  -6.306  -9.028  1.00 11.71 ? 40  ILE A C   1 
ATOM   278  O O   . ILE A 1 40  ? -5.908  -5.651  -8.846  1.00 11.27 ? 40  ILE A O   1 
ATOM   279  C CB  . ILE A 1 40  ? -7.309  -7.002  -11.459 1.00 16.03 ? 40  ILE A CB  1 
ATOM   280  C CG1 . ILE A 1 40  ? -8.264  -6.826  -12.657 1.00 17.96 ? 40  ILE A CG1 1 
ATOM   281  C CG2 . ILE A 1 40  ? -7.273  -8.466  -11.093 1.00 18.37 ? 40  ILE A CG2 1 
ATOM   282  C CD1 . ILE A 1 40  ? -7.608  -7.144  -13.990 1.00 19.50 ? 40  ILE A CD1 1 
ATOM   283  N N   . ASP A 1 41  ? -7.320  -7.229  -8.174  1.00 10.70 ? 41  ASP A N   1 
ATOM   284  C CA  . ASP A 1 41  ? -6.484  -7.599  -7.009  1.00 10.47 ? 41  ASP A CA  1 
ATOM   285  C C   . ASP A 1 41  ? -5.226  -8.376  -7.468  1.00 10.33 ? 41  ASP A C   1 
ATOM   286  O O   . ASP A 1 41  ? -5.254  -9.064  -8.498  1.00 10.44 ? 41  ASP A O   1 
ATOM   287  C CB  . ASP A 1 41  ? -7.286  -8.442  -6.030  1.00 10.26 ? 41  ASP A CB  1 
ATOM   288  C CG  . ASP A 1 41  ? -8.294  -7.660  -5.234  1.00 11.04 ? 41  ASP A CG  1 
ATOM   289  O OD1 . ASP A 1 41  ? -8.453  -6.455  -5.500  1.00 11.65 ? 41  ASP A OD1 1 
ATOM   290  O OD2 . ASP A 1 41  ? -8.891  -8.261  -4.312  1.00 12.66 ? 41  ASP A OD2 1 
ATOM   291  N N   . ILE A 1 42  ? -4.153  -8.237  -6.688  1.00 10.78 ? 42  ILE A N   1 
ATOM   292  C CA  . ILE A 1 42  ? -2.835  -8.775  -7.098  1.00 11.10 ? 42  ILE A CA  1 
ATOM   293  C C   . ILE A 1 42  ? -2.236  -9.555  -5.944  1.00 11.05 ? 42  ILE A C   1 
ATOM   294  O O   . ILE A 1 42  ? -2.146  -9.041  -4.831  1.00 10.29 ? 42  ILE A O   1 
ATOM   295  C CB  . ILE A 1 42  ? -1.873  -7.655  -7.531  1.00 13.52 ? 42  ILE A CB  1 
ATOM   296  C CG1 . ILE A 1 42  ? -2.385  -6.989  -8.834  1.00 15.41 ? 42  ILE A CG1 1 
ATOM   297  C CG2 . ILE A 1 42  ? -0.456  -8.198  -7.697  1.00 14.50 ? 42  ILE A CG2 1 
ATOM   298  C CD1 . ILE A 1 42  ? -1.545  -5.818  -9.284  1.00 16.42 ? 42  ILE A CD1 1 
ATOM   299  N N   . LEU A 1 43  ? -1.871  -10.810 -6.211  1.00 10.18 ? 43  LEU A N   1 
ATOM   300  C CA  . LEU A 1 43  ? -1.096  -11.641 -5.280  1.00 11.07 ? 43  LEU A CA  1 
ATOM   301  C C   . LEU A 1 43  ? 0.312   -11.750 -5.882  1.00 11.94 ? 43  LEU A C   1 
ATOM   302  O O   . LEU A 1 43  ? 0.494   -12.396 -6.913  1.00 11.55 ? 43  LEU A O   1 
ATOM   303  C CB  . LEU A 1 43  ? -1.743  -13.033 -5.169  1.00 11.11 ? 43  LEU A CB  1 
ATOM   304  C CG  . LEU A 1 43  ? -1.034  -14.024 -4.236  1.00 12.51 ? 43  LEU A CG  1 
ATOM   305  C CD1 . LEU A 1 43  ? -0.859  -13.477 -2.824  1.00 13.44 ? 43  LEU A CD1 1 
ATOM   306  C CD2 . LEU A 1 43  ? -1.709  -15.386 -4.235  1.00 13.64 ? 43  LEU A CD2 1 
ATOM   307  N N   . GLY A 1 44  ? 1.291   -11.113 -5.263  1.00 12.81 ? 44  GLY A N   1 
ATOM   308  C CA  . GLY A 1 44  ? 2.673   -11.086 -5.790  1.00 14.25 ? 44  GLY A CA  1 
ATOM   309  C C   . GLY A 1 44  ? 3.600   -11.906 -4.913  1.00 16.27 ? 44  GLY A C   1 
ATOM   310  O O   . GLY A 1 44  ? 3.782   -11.616 -3.741  1.00 15.10 ? 44  GLY A O   1 
ATOM   311  N N   . GLN A 1 45  ? 4.220   -12.941 -5.482  1.00 17.15 ? 45  GLN A N   1 
ATOM   312  C CA  . GLN A 1 45  ? 5.241   -13.697 -4.777  1.00 20.60 ? 45  GLN A CA  1 
ATOM   313  C C   . GLN A 1 45  ? 6.564   -13.142 -5.250  1.00 21.49 ? 45  GLN A C   1 
ATOM   314  O O   . GLN A 1 45  ? 6.940   -13.320 -6.418  1.00 22.59 ? 45  GLN A O   1 
ATOM   315  C CB  . GLN A 1 45  ? 5.141   -15.205 -5.042  1.00 25.93 ? 45  GLN A CB  1 
ATOM   316  C CG  . GLN A 1 45  ? 6.061   -16.009 -4.118  1.00 30.97 ? 45  GLN A CG  1 
ATOM   317  C CD  . GLN A 1 45  ? 5.820   -17.504 -4.154  1.00 35.70 ? 45  GLN A CD  1 
ATOM   318  O OE1 . GLN A 1 45  ? 5.601   -18.131 -3.113  1.00 39.39 ? 45  GLN A OE1 1 
ATOM   319  N NE2 . GLN A 1 45  ? 5.847   -18.088 -5.355  1.00 37.98 ? 45  GLN A NE2 1 
ATOM   320  N N   . ALA A 1 46  ? 7.229   -12.395 -4.377  1.00 22.27 ? 46  ALA A N   1 
ATOM   321  C CA  . ALA A 1 46  ? 8.415   -11.639 -4.775  1.00 23.71 ? 46  ALA A CA  1 
ATOM   322  C C   . ALA A 1 46  ? 9.397   -11.539 -3.634  1.00 24.97 ? 46  ALA A C   1 
ATOM   323  O O   . ALA A 1 46  ? 9.041   -11.710 -2.471  1.00 24.90 ? 46  ALA A O   1 
ATOM   324  C CB  . ALA A 1 46  ? 8.029   -10.247 -5.241  1.00 25.06 ? 46  ALA A CB  1 
ATOM   325  N N   . GLN A 1 47  ? 10.638  -11.240 -3.987  1.00 28.22 ? 47  GLN A N   1 
ATOM   326  C CA  . GLN A 1 47  ? 11.703  -10.992 -3.011  1.00 32.15 ? 47  GLN A CA  1 
ATOM   327  C C   . GLN A 1 47  ? 11.343  -9.898  -2.018  1.00 30.87 ? 47  GLN A C   1 
ATOM   328  O O   . GLN A 1 47  ? 10.618  -8.959  -2.341  1.00 29.39 ? 47  GLN A O   1 
ATOM   329  C CB  . GLN A 1 47  ? 12.992  -10.584 -3.723  1.00 35.04 ? 47  GLN A CB  1 
ATOM   330  C CG  . GLN A 1 47  ? 13.659  -11.718 -4.472  1.00 38.32 ? 47  GLN A CG  1 
ATOM   331  C CD  . GLN A 1 47  ? 15.013  -11.319 -5.032  1.00 40.34 ? 47  GLN A CD  1 
ATOM   332  O OE1 . GLN A 1 47  ? 15.209  -10.181 -5.481  1.00 43.16 ? 47  GLN A OE1 1 
ATOM   333  N NE2 . GLN A 1 47  ? 15.957  -12.248 -5.005  1.00 42.34 ? 47  GLN A NE2 1 
ATOM   334  N N   . THR A 1 48  ? 11.923  -9.996  -0.830  1.00 32.70 ? 48  THR A N   1 
ATOM   335  C CA  . THR A 1 48  ? 11.594  -9.092  0.267   1.00 33.73 ? 48  THR A CA  1 
ATOM   336  C C   . THR A 1 48  ? 12.312  -7.765  0.070   1.00 33.54 ? 48  THR A C   1 
ATOM   337  O O   . THR A 1 48  ? 13.372  -7.718  -0.563  1.00 34.92 ? 48  THR A O   1 
ATOM   338  C CB  . THR A 1 48  ? 11.942  -9.689  1.634   1.00 37.60 ? 48  THR A CB  1 
ATOM   339  O OG1 . THR A 1 48  ? 13.354  -9.648  1.870   1.00 40.89 ? 48  THR A OG1 1 
ATOM   340  C CG2 . THR A 1 48  ? 11.503  -11.111 1.685   1.00 40.52 ? 48  THR A CG2 1 
ATOM   341  N N   . GLY A 1 49  ? 11.716  -6.698  0.597   1.00 30.85 ? 49  GLY A N   1 
ATOM   342  C CA  . GLY A 1 49  ? 12.288  -5.357  0.513   1.00 30.45 ? 49  GLY A CA  1 
ATOM   343  C C   . GLY A 1 49  ? 11.724  -4.510  -0.618  1.00 28.84 ? 49  GLY A C   1 
ATOM   344  O O   . GLY A 1 49  ? 10.620  -4.747  -1.109  1.00 27.84 ? 49  GLY A O   1 
ATOM   345  N N   . THR A 1 50  ? 12.514  -3.525  -1.035  1.00 28.24 ? 50  THR A N   1 
ATOM   346  C CA  . THR A 1 50  ? 12.031  -2.371  -1.807  1.00 26.17 ? 50  THR A CA  1 
ATOM   347  C C   . THR A 1 50  ? 12.142  -2.460  -3.355  1.00 26.90 ? 50  THR A C   1 
ATOM   348  O O   . THR A 1 50  ? 11.727  -1.536  -4.062  1.00 24.11 ? 50  THR A O   1 
ATOM   349  C CB  . THR A 1 50  ? 12.762  -1.107  -1.319  1.00 26.25 ? 50  THR A CB  1 
ATOM   350  O OG1 . THR A 1 50  ? 14.169  -1.342  -1.325  1.00 27.28 ? 50  THR A OG1 1 
ATOM   351  C CG2 . THR A 1 50  ? 12.344  -0.761  0.101   1.00 26.17 ? 50  THR A CG2 1 
ATOM   352  N N   . GLY A 1 51  ? 12.716  -3.535  -3.886  1.00 27.60 ? 51  GLY A N   1 
ATOM   353  C CA  . GLY A 1 51  ? 12.785  -3.716  -5.338  1.00 28.52 ? 51  GLY A CA  1 
ATOM   354  C C   . GLY A 1 51  ? 11.439  -3.716  -6.071  1.00 28.11 ? 51  GLY A C   1 
ATOM   355  O O   . GLY A 1 51  ? 11.348  -3.197  -7.187  1.00 29.77 ? 51  GLY A O   1 
ATOM   356  N N   . LYS A 1 52  ? 10.409  -4.282  -5.420  1.00 24.67 ? 52  LYS A N   1 
ATOM   357  C CA  . LYS A 1 52  ? 9.041   -4.454  -5.934  1.00 22.98 ? 52  LYS A CA  1 
ATOM   358  C C   . LYS A 1 52  ? 8.037   -3.306  -5.576  1.00 20.08 ? 52  LYS A C   1 
ATOM   359  O O   . LYS A 1 52  ? 6.836   -3.345  -5.916  1.00 20.44 ? 52  LYS A O   1 
ATOM   360  C CB  . LYS A 1 52  ? 8.469   -5.774  -5.425  1.00 25.09 ? 52  LYS A CB  1 
ATOM   361  C CG  . LYS A 1 52  ? 7.943   -5.719  -4.014  1.00 26.14 ? 52  LYS A CG  1 
ATOM   362  C CD  . LYS A 1 52  ? 7.897   -7.101  -3.391  1.00 27.01 ? 52  LYS A CD  1 
ATOM   363  C CE  . LYS A 1 52  ? 7.643   -7.013  -1.921  1.00 26.99 ? 52  LYS A CE  1 
ATOM   364  N NZ  . LYS A 1 52  ? 8.868   -6.599  -1.199  1.00 27.86 ? 52  LYS A NZ  1 
ATOM   365  N N   . THR A 1 53  ? 8.504   -2.293  -4.875  1.00 15.46 ? 53  THR A N   1 
ATOM   366  C CA  . THR A 1 53  ? 7.606   -1.239  -4.429  1.00 13.53 ? 53  THR A CA  1 
ATOM   367  C C   . THR A 1 53  ? 6.937   -0.511  -5.605  1.00 13.10 ? 53  THR A C   1 
ATOM   368  O O   . THR A 1 53  ? 5.767   -0.140  -5.545  1.00 13.15 ? 53  THR A O   1 
ATOM   369  C CB  . THR A 1 53  ? 8.369   -0.206  -3.592  1.00 12.74 ? 53  THR A CB  1 
ATOM   370  O OG1 . THR A 1 53  ? 8.941   -0.869  -2.473  1.00 13.70 ? 53  THR A OG1 1 
ATOM   371  C CG2 . THR A 1 53  ? 7.451   0.910   -3.070  1.00 13.51 ? 53  THR A CG2 1 
ATOM   372  N N   . GLY A 1 54  ? 7.689   -0.291  -6.670  1.00 12.49 ? 54  GLY A N   1 
ATOM   373  C CA  . GLY A 1 54  ? 7.147   0.285   -7.867  1.00 12.14 ? 54  GLY A CA  1 
ATOM   374  C C   . GLY A 1 54  ? 5.986   -0.454  -8.481  1.00 12.38 ? 54  GLY A C   1 
ATOM   375  O O   . GLY A 1 54  ? 5.145   0.154   -9.122  1.00 12.62 ? 54  GLY A O   1 
ATOM   376  N N   . ALA A 1 55  ? 5.979   -1.766  -8.335  1.00 12.39 ? 55  ALA A N   1 
ATOM   377  C CA  . ALA A 1 55  ? 4.911   -2.576  -8.905  1.00 11.92 ? 55  ALA A CA  1 
ATOM   378  C C   . ALA A 1 55  ? 3.516   -2.163  -8.414  1.00 13.05 ? 55  ALA A C   1 
ATOM   379  O O   . ALA A 1 55  ? 2.565   -2.121  -9.219  1.00 14.23 ? 55  ALA A O   1 
ATOM   380  C CB  . ALA A 1 55  ? 5.176   -4.042  -8.631  1.00 12.89 ? 55  ALA A CB  1 
ATOM   381  N N   . PHE A 1 56  ? 3.383   -1.875  -7.129  1.00 11.66 ? 56  PHE A N   1 
ATOM   382  C CA  . PHE A 1 56  ? 2.141   -1.331  -6.587  1.00 12.64 ? 56  PHE A CA  1 
ATOM   383  C C   . PHE A 1 56  ? 2.150   0.200   -6.498  1.00 13.16 ? 56  PHE A C   1 
ATOM   384  O O   . PHE A 1 56  ? 1.091   0.831   -6.653  1.00 14.23 ? 56  PHE A O   1 
ATOM   385  C CB  . PHE A 1 56  ? 1.784   -1.970  -5.246  1.00 13.02 ? 56  PHE A CB  1 
ATOM   386  C CG  . PHE A 1 56  ? 2.756   -1.712  -4.106  1.00 13.01 ? 56  PHE A CG  1 
ATOM   387  C CD1 . PHE A 1 56  ? 2.763   -0.504  -3.385  1.00 12.47 ? 56  PHE A CD1 1 
ATOM   388  C CD2 . PHE A 1 56  ? 3.620   -2.726  -3.696  1.00 12.96 ? 56  PHE A CD2 1 
ATOM   389  C CE1 . PHE A 1 56  ? 3.607   -0.335  -2.301  1.00 12.48 ? 56  PHE A CE1 1 
ATOM   390  C CE2 . PHE A 1 56  ? 4.444   -2.546  -2.605  1.00 13.27 ? 56  PHE A CE2 1 
ATOM   391  C CZ  . PHE A 1 56  ? 4.456   -1.350  -1.923  1.00 13.99 ? 56  PHE A CZ  1 
ATOM   392  N N   . GLY A 1 57  ? 3.316   0.819   -6.315  1.00 11.45 ? 57  GLY A N   1 
ATOM   393  C CA  . GLY A 1 57  ? 3.381   2.231   -5.993  1.00 11.01 ? 57  GLY A CA  1 
ATOM   394  C C   . GLY A 1 57  ? 3.228   3.143   -7.171  1.00 10.51 ? 57  GLY A C   1 
ATOM   395  O O   . GLY A 1 57  ? 2.662   4.264   -7.073  1.00 10.77 ? 57  GLY A O   1 
ATOM   396  N N   . ILE A 1 58  ? 3.847   2.762   -8.291  1.00 10.16 ? 58  ILE A N   1 
ATOM   397  C CA  . ILE A 1 58  ? 3.736   3.572   -9.483  1.00 10.56 ? 58  ILE A CA  1 
ATOM   398  C C   . ILE A 1 58  ? 2.322   3.776   -9.984  1.00 10.40 ? 58  ILE A C   1 
ATOM   399  O O   . ILE A 1 58  ? 1.929   4.929   -10.174 1.00 11.18 ? 58  ILE A O   1 
ATOM   400  C CB  . ILE A 1 58  ? 4.714   3.066   -10.583 1.00 10.74 ? 58  ILE A CB  1 
ATOM   401  C CG1 . ILE A 1 58  ? 6.149   3.381   -10.166 1.00 11.23 ? 58  ILE A CG1 1 
ATOM   402  C CG2 . ILE A 1 58  ? 4.398   3.628   -11.942 1.00 10.86 ? 58  ILE A CG2 1 
ATOM   403  C CD1 . ILE A 1 58  ? 7.208   2.615   -10.914 1.00 11.74 ? 58  ILE A CD1 1 
ATOM   404  N N   . PRO A 1 59  ? 1.536   2.692   -10.149 1.00 10.65 ? 59  PRO A N   1 
ATOM   405  C CA  . PRO A 1 59  ? 0.151   2.928   -10.592 1.00 11.13 ? 59  PRO A CA  1 
ATOM   406  C C   . PRO A 1 59  ? -0.747  3.527   -9.498  1.00 10.91 ? 59  PRO A C   1 
ATOM   407  O O   . PRO A 1 59  ? -1.799  4.108   -9.805  1.00 10.85 ? 59  PRO A O   1 
ATOM   408  C CB  . PRO A 1 59  ? -0.333  1.518   -10.976 1.00 11.87 ? 59  PRO A CB  1 
ATOM   409  C CG  . PRO A 1 59  ? 0.574   0.576   -10.249 1.00 11.80 ? 59  PRO A CG  1 
ATOM   410  C CD  . PRO A 1 59  ? 1.906   1.259   -10.201 1.00 11.01 ? 59  PRO A CD  1 
ATOM   411  N N   . LEU A 1 60  ? -0.337  3.418   -8.227  1.00 9.90  ? 60  LEU A N   1 
ATOM   412  C CA  A LEU A 1 60  ? -1.127  3.995   -7.130  0.50 10.85 ? 60  LEU A CA  1 
ATOM   413  C CA  B LEU A 1 60  ? -1.131  3.996   -7.138  0.50 10.00 ? 60  LEU A CA  1 
ATOM   414  C C   . LEU A 1 60  ? -1.232  5.518   -7.259  1.00 10.19 ? 60  LEU A C   1 
ATOM   415  O O   . LEU A 1 60  ? -2.237  6.138   -6.890  1.00 10.44 ? 60  LEU A O   1 
ATOM   416  C CB  A LEU A 1 60  ? -0.533  3.608   -5.773  0.50 11.44 ? 60  LEU A CB  1 
ATOM   417  C CB  B LEU A 1 60  ? -0.553  3.609   -5.781  0.50 9.47  ? 60  LEU A CB  1 
ATOM   418  C CG  A LEU A 1 60  ? -1.368  3.826   -4.510  0.50 12.70 ? 60  LEU A CG  1 
ATOM   419  C CG  B LEU A 1 60  ? -1.259  4.146   -4.541  0.50 9.35  ? 60  LEU A CG  1 
ATOM   420  C CD1 A LEU A 1 60  ? -1.340  5.265   -4.052  0.50 13.65 ? 60  LEU A CD1 1 
ATOM   421  C CD1 B LEU A 1 60  ? -2.698  3.693   -4.484  0.50 9.80  ? 60  LEU A CD1 1 
ATOM   422  C CD2 A LEU A 1 60  ? -2.782  3.325   -4.711  0.50 13.26 ? 60  LEU A CD2 1 
ATOM   423  C CD2 B LEU A 1 60  ? -0.521  3.631   -3.319  0.50 8.90  ? 60  LEU A CD2 1 
ATOM   424  N N   . ILE A 1 61  ? -0.213  6.160   -7.800  1.00 9.19  ? 61  ILE A N   1 
ATOM   425  C CA  . ILE A 1 61  ? -0.150  7.637   -7.718  1.00 9.60  ? 61  ILE A CA  1 
ATOM   426  C C   . ILE A 1 61  ? -1.335  8.269   -8.457  1.00 9.79  ? 61  ILE A C   1 
ATOM   427  O O   . ILE A 1 61  ? -2.045  9.081   -7.882  1.00 10.39 ? 61  ILE A O   1 
ATOM   428  C CB  . ILE A 1 61  ? 1.190   8.177   -8.259  1.00 10.14 ? 61  ILE A CB  1 
ATOM   429  C CG1 . ILE A 1 61  ? 2.399   7.651   -7.472  1.00 10.31 ? 61  ILE A CG1 1 
ATOM   430  C CG2 . ILE A 1 61  ? 1.167   9.695   -8.333  1.00 9.55  ? 61  ILE A CG2 1 
ATOM   431  C CD1 . ILE A 1 61  ? 2.237   7.590   -5.972  1.00 9.89  ? 61  ILE A CD1 1 
ATOM   432  N N   . GLU A 1 62  ? -1.554  7.892   -9.703  1.00 10.53 ? 62  GLU A N   1 
ATOM   433  C CA  . GLU A 1 62  ? -2.672  8.438   -10.471 1.00 10.87 ? 62  GLU A CA  1 
ATOM   434  C C   . GLU A 1 62  ? -4.045  8.097   -9.924  1.00 11.10 ? 62  GLU A C   1 
ATOM   435  O O   . GLU A 1 62  ? -4.990  8.836   -10.185 1.00 12.16 ? 62  GLU A O   1 
ATOM   436  C CB  . GLU A 1 62  ? -2.543  8.026   -11.935 1.00 11.20 ? 62  GLU A CB  1 
ATOM   437  C CG  . GLU A 1 62  ? -2.759  6.546   -12.204 1.00 12.42 ? 62  GLU A CG  1 
ATOM   438  C CD  . GLU A 1 62  ? -2.275  6.188   -13.598 1.00 12.68 ? 62  GLU A CD  1 
ATOM   439  O OE1 . GLU A 1 62  ? -3.140  6.069   -14.505 1.00 15.95 ? 62  GLU A OE1 1 
ATOM   440  O OE2 . GLU A 1 62  ? -1.039  6.098   -13.810 1.00 13.83 ? 62  GLU A OE2 1 
ATOM   441  N N   . LYS A 1 63  ? -4.143  7.018   -9.144  1.00 11.63 ? 63  LYS A N   1 
ATOM   442  C CA  . LYS A 1 63  ? -5.378  6.690   -8.465  1.00 11.87 ? 63  LYS A CA  1 
ATOM   443  C C   . LYS A 1 63  ? -5.730  7.599   -7.325  1.00 12.42 ? 63  LYS A C   1 
ATOM   444  O O   . LYS A 1 63  ? -6.895  7.800   -7.037  1.00 13.58 ? 63  LYS A O   1 
ATOM   445  C CB  . LYS A 1 63  ? -5.334  5.242   -8.008  1.00 12.41 ? 63  LYS A CB  1 
ATOM   446  C CG  . LYS A 1 63  ? -6.655  4.658   -7.589  1.00 12.82 ? 63  LYS A CG  1 
ATOM   447  C CD  . LYS A 1 63  ? -6.490  3.179   -7.292  1.00 12.93 ? 63  LYS A CD  1 
ATOM   448  C CE  . LYS A 1 63  ? -7.838  2.632   -6.888  1.00 13.91 ? 63  LYS A CE  1 
ATOM   449  N NZ  . LYS A 1 63  ? -7.722  1.168   -6.614  1.00 14.77 ? 63  LYS A NZ  1 
ATOM   450  N N   . VAL A 1 64  ? -4.738  8.127   -6.628  1.00 10.87 ? 64  VAL A N   1 
ATOM   451  C CA  . VAL A 1 64  ? -4.956  8.906   -5.382  1.00 11.24 ? 64  VAL A CA  1 
ATOM   452  C C   . VAL A 1 64  ? -4.794  10.400  -5.576  1.00 11.30 ? 64  VAL A C   1 
ATOM   453  O O   . VAL A 1 64  ? -5.301  11.171  -4.769  1.00 12.39 ? 64  VAL A O   1 
ATOM   454  C CB  . VAL A 1 64  ? -4.079  8.400   -4.215  1.00 10.97 ? 64  VAL A CB  1 
ATOM   455  C CG1 . VAL A 1 64  ? -4.315  6.924   -4.041  1.00 11.15 ? 64  VAL A CG1 1 
ATOM   456  C CG2 . VAL A 1 64  ? -2.603  8.780   -4.440  1.00 11.87 ? 64  VAL A CG2 1 
ATOM   457  N N   . VAL A 1 65  ? -4.075  10.828  -6.619  1.00 11.56 ? 65  VAL A N   1 
ATOM   458  C CA  . VAL A 1 65  ? -3.708  12.244  -6.733  1.00 12.83 ? 65  VAL A CA  1 
ATOM   459  C C   . VAL A 1 65  ? -4.907  13.161  -6.817  1.00 14.74 ? 65  VAL A C   1 
ATOM   460  O O   . VAL A 1 65  ? -5.886  12.884  -7.531  1.00 15.18 ? 65  VAL A O   1 
ATOM   461  C CB  . VAL A 1 65  ? -2.691  12.458  -7.874  1.00 13.16 ? 65  VAL A CB  1 
ATOM   462  C CG1 . VAL A 1 65  ? -3.298  12.182  -9.244  1.00 13.64 ? 65  VAL A CG1 1 
ATOM   463  C CG2 . VAL A 1 65  ? -2.103  13.853  -7.762  1.00 13.85 ? 65  VAL A CG2 1 
ATOM   464  N N   . GLY A 1 66  ? -4.803  14.253  -6.036  1.00 16.69 ? 66  GLY A N   1 
ATOM   465  C CA  . GLY A 1 66  ? -5.783  15.344  -6.057  1.00 18.71 ? 66  GLY A CA  1 
ATOM   466  C C   . GLY A 1 66  ? -6.999  15.128  -5.170  1.00 18.24 ? 66  GLY A C   1 
ATOM   467  O O   . GLY A 1 66  ? -7.737  16.068  -4.855  1.00 19.64 ? 66  GLY A O   1 
ATOM   468  N N   . LYS A 1 67  ? -7.178  13.905  -4.711  1.00 16.52 ? 67  LYS A N   1 
ATOM   469  C CA  . LYS A 1 67  ? -8.346  13.556  -3.942  1.00 15.58 ? 67  LYS A CA  1 
ATOM   470  C C   . LYS A 1 67  ? -8.138  13.955  -2.503  1.00 16.83 ? 67  LYS A C   1 
ATOM   471  O O   . LYS A 1 67  ? -7.037  14.280  -2.099  1.00 20.07 ? 67  LYS A O   1 
ATOM   472  C CB  . LYS A 1 67  ? -8.608  12.074  -4.075  1.00 14.73 ? 67  LYS A CB  1 
ATOM   473  C CG  . LYS A 1 67  ? -8.988  11.712  -5.507  1.00 14.37 ? 67  LYS A CG  1 
ATOM   474  C CD  . LYS A 1 67  ? -9.156  10.221  -5.652  1.00 13.45 ? 67  LYS A CD  1 
ATOM   475  C CE  . LYS A 1 67  ? -9.668  9.843   -7.028  1.00 13.54 ? 67  LYS A CE  1 
ATOM   476  N NZ  . LYS A 1 67  ? -9.625  8.393   -7.217  1.00 14.45 ? 67  LYS A NZ  1 
ATOM   477  N N   . GLN A 1 68  ? -9.234  13.958  -1.770  1.00 16.50 ? 68  GLN A N   1 
ATOM   478  C CA  . GLN A 1 68  ? -9.265  14.353  -0.370  1.00 20.45 ? 68  GLN A CA  1 
ATOM   479  C C   . GLN A 1 68  ? -9.390  13.123  0.494   1.00 19.69 ? 68  GLN A C   1 
ATOM   480  O O   . GLN A 1 68  ? -10.112 12.176  0.148   1.00 20.28 ? 68  GLN A O   1 
ATOM   481  C CB  . GLN A 1 68  ? -10.425 15.323  -0.115  1.00 24.66 ? 68  GLN A CB  1 
ATOM   482  C CG  . GLN A 1 68  ? -10.046 16.769  -0.419  1.00 29.99 ? 68  GLN A CG  1 
ATOM   483  C CD  . GLN A 1 68  ? -10.974 17.806  0.206   1.00 33.44 ? 68  GLN A CD  1 
ATOM   484  O OE1 . GLN A 1 68  ? -11.814 17.503  1.064   1.00 37.00 ? 68  GLN A OE1 1 
ATOM   485  N NE2 . GLN A 1 68  ? -10.820 19.054  -0.233  1.00 37.54 ? 68  GLN A NE2 1 
ATOM   486  N N   . GLY A 1 69  ? -8.655  13.133  1.610   1.00 17.55 ? 69  GLY A N   1 
ATOM   487  C CA  . GLY A 1 69  ? -8.740  12.080  2.581   1.00 16.94 ? 69  GLY A CA  1 
ATOM   488  C C   . GLY A 1 69  ? -7.839  10.919  2.236   1.00 14.29 ? 69  GLY A C   1 
ATOM   489  O O   . GLY A 1 69  ? -7.205  10.868  1.179   1.00 13.92 ? 69  GLY A O   1 
ATOM   490  N N   . VAL A 1 70  ? -7.766  9.975   3.145   1.00 13.07 ? 70  VAL A N   1 
ATOM   491  C CA  . VAL A 1 70  ? -6.890  8.820   2.950   1.00 11.66 ? 70  VAL A CA  1 
ATOM   492  C C   . VAL A 1 70  ? -7.522  7.893   1.909   1.00 11.76 ? 70  VAL A C   1 
ATOM   493  O O   . VAL A 1 70  ? -8.587  7.356   2.142   1.00 13.37 ? 70  VAL A O   1 
ATOM   494  C CB  . VAL A 1 70  ? -6.599  8.068   4.256   1.00 11.62 ? 70  VAL A CB  1 
ATOM   495  C CG1 . VAL A 1 70  ? -5.676  6.888   3.974   1.00 11.11 ? 70  VAL A CG1 1 
ATOM   496  C CG2 . VAL A 1 70  ? -5.953  9.030   5.243   1.00 11.50 ? 70  VAL A CG2 1 
ATOM   497  N N   . GLN A 1 71  ? -6.834  7.728   0.771   1.00 10.12 ? 71  GLN A N   1 
ATOM   498  C CA  . GLN A 1 71  ? -7.291  6.939   -0.380  1.00 10.26 ? 71  GLN A CA  1 
ATOM   499  C C   . GLN A 1 71  ? -6.672  5.547   -0.434  1.00 9.29  ? 71  GLN A C   1 
ATOM   500  O O   . GLN A 1 71  ? -7.209  4.641   -1.077  1.00 9.50  ? 71  GLN A O   1 
ATOM   501  C CB  . GLN A 1 71  ? -6.987  7.670   -1.697  1.00 10.85 ? 71  GLN A CB  1 
ATOM   502  C CG  . GLN A 1 71  ? -7.736  8.977   -1.885  1.00 11.85 ? 71  GLN A CG  1 
ATOM   503  C CD  . GLN A 1 71  ? -9.223  8.751   -2.073  1.00 13.00 ? 71  GLN A CD  1 
ATOM   504  O OE1 . GLN A 1 71  ? -9.624  7.929   -2.878  1.00 12.86 ? 71  GLN A OE1 1 
ATOM   505  N NE2 . GLN A 1 71  ? -10.053 9.475   -1.326  1.00 15.01 ? 71  GLN A NE2 1 
ATOM   506  N N   . SER A 1 72  ? -5.548  5.366   0.257   1.00 9.54  ? 72  SER A N   1 
ATOM   507  C CA  . SER A 1 72  ? -4.842  4.071   0.248   1.00 9.61  ? 72  SER A CA  1 
ATOM   508  C C   . SER A 1 72  ? -4.102  3.864   1.553   1.00 9.38  ? 72  SER A C   1 
ATOM   509  O O   . SER A 1 72  ? -3.561  4.812   2.137   1.00 9.74  ? 72  SER A O   1 
ATOM   510  C CB  . SER A 1 72  ? -3.834  4.027   -0.912  1.00 11.04 ? 72  SER A CB  1 
ATOM   511  O OG  . SER A 1 72  ? -3.099  2.818   -0.981  1.00 14.42 ? 72  SER A OG  1 
ATOM   512  N N   . LEU A 1 73  ? -4.046  2.602   1.927   1.00 8.97  ? 73  LEU A N   1 
ATOM   513  C CA  . LEU A 1 73  ? -3.355  2.141   3.119   1.00 8.73  ? 73  LEU A CA  1 
ATOM   514  C C   . LEU A 1 73  ? -2.427  1.026   2.691   1.00 9.08  ? 73  LEU A C   1 
ATOM   515  O O   . LEU A 1 73  ? -2.857  0.062   2.046   1.00 9.31  ? 73  LEU A O   1 
ATOM   516  C CB  . LEU A 1 73  ? -4.379  1.660   4.167   1.00 9.77  ? 73  LEU A CB  1 
ATOM   517  C CG  . LEU A 1 73  ? -3.815  1.030   5.436   1.00 10.28 ? 73  LEU A CG  1 
ATOM   518  C CD1 . LEU A 1 73  ? -2.954  1.988   6.232   1.00 10.99 ? 73  LEU A CD1 1 
ATOM   519  C CD2 . LEU A 1 73  ? -4.988  0.550   6.298   1.00 10.50 ? 73  LEU A CD2 1 
ATOM   520  N N   . ILE A 1 74  ? -1.147  1.161   3.060   1.00 9.09  ? 74  ILE A N   1 
ATOM   521  C CA  . ILE A 1 74  ? -0.159  0.132   2.826   1.00 9.31  ? 74  ILE A CA  1 
ATOM   522  C C   . ILE A 1 74  ? 0.312   -0.356  4.193   1.00 9.07  ? 74  ILE A C   1 
ATOM   523  O O   . ILE A 1 74  ? 0.761   0.469   5.031   1.00 9.93  ? 74  ILE A O   1 
ATOM   524  C CB  . ILE A 1 74  ? 0.995   0.707   1.977   1.00 9.94  ? 74  ILE A CB  1 
ATOM   525  C CG1 . ILE A 1 74  ? 0.447   1.193   0.612   1.00 10.93 ? 74  ILE A CG1 1 
ATOM   526  C CG2 . ILE A 1 74  ? 2.127   -0.324  1.809   1.00 10.53 ? 74  ILE A CG2 1 
ATOM   527  C CD1 . ILE A 1 74  ? 1.433   2.021   -0.168  1.00 10.99 ? 74  ILE A CD1 1 
ATOM   528  N N   . LEU A 1 75  ? 0.204   -1.658  4.443   1.00 9.41  ? 75  LEU A N   1 
ATOM   529  C CA  . LEU A 1 75  ? 0.771   -2.251  5.665   1.00 9.46  ? 75  LEU A CA  1 
ATOM   530  C C   . LEU A 1 75  ? 2.149   -2.822  5.425   1.00 10.42 ? 75  LEU A C   1 
ATOM   531  O O   . LEU A 1 75  ? 2.386   -3.456  4.395   1.00 10.74 ? 75  LEU A O   1 
ATOM   532  C CB  . LEU A 1 75  ? -0.134  -3.383  6.174   1.00 9.84  ? 75  LEU A CB  1 
ATOM   533  C CG  . LEU A 1 75  ? -1.614  -3.028  6.375   1.00 10.47 ? 75  LEU A CG  1 
ATOM   534  C CD1 . LEU A 1 75  ? -2.380  -4.260  6.846   1.00 10.45 ? 75  LEU A CD1 1 
ATOM   535  C CD2 . LEU A 1 75  ? -1.746  -1.812  7.297   1.00 11.04 ? 75  LEU A CD2 1 
ATOM   536  N N   . ALA A 1 76  ? 3.066   -2.583  6.368   1.00 10.24 ? 76  ALA A N   1 
ATOM   537  C CA  . ALA A 1 76  ? 4.441   -3.109  6.315   1.00 11.32 ? 76  ALA A CA  1 
ATOM   538  C C   . ALA A 1 76  ? 4.795   -3.643  7.692   1.00 11.66 ? 76  ALA A C   1 
ATOM   539  O O   . ALA A 1 76  ? 4.187   -3.254  8.720   1.00 10.98 ? 76  ALA A O   1 
ATOM   540  C CB  . ALA A 1 76  ? 5.431   -2.041  5.893   1.00 11.90 ? 76  ALA A CB  1 
ATOM   541  N N   . PRO A 1 77  ? 5.772   -4.562  7.752   1.00 10.53 ? 77  PRO A N   1 
ATOM   542  C CA  . PRO A 1 77  ? 6.114   -5.177  9.047   1.00 10.57 ? 77  PRO A CA  1 
ATOM   543  C C   . PRO A 1 77  ? 6.887   -4.313  10.017  1.00 10.64 ? 77  PRO A C   1 
ATOM   544  O O   . PRO A 1 77  ? 6.877   -4.589  11.224  1.00 12.03 ? 77  PRO A O   1 
ATOM   545  C CB  . PRO A 1 77  ? 6.955   -6.412  8.661   1.00 10.67 ? 77  PRO A CB  1 
ATOM   546  C CG  . PRO A 1 77  ? 7.535   -6.047  7.318   1.00 11.15 ? 77  PRO A CG  1 
ATOM   547  C CD  . PRO A 1 77  ? 6.450   -5.258  6.643   1.00 10.96 ? 77  PRO A CD  1 
ATOM   548  N N   . THR A 1 78  ? 7.588   -3.316  9.509   1.00 10.75 ? 78  THR A N   1 
ATOM   549  C CA  . THR A 1 78  ? 8.569   -2.582  10.313  1.00 10.54 ? 78  THR A CA  1 
ATOM   550  C C   . THR A 1 78  ? 8.508   -1.107  9.997   1.00 11.11 ? 78  THR A C   1 
ATOM   551  O O   . THR A 1 78  ? 8.139   -0.702  8.886   1.00 10.79 ? 78  THR A O   1 
ATOM   552  C CB  . THR A 1 78  ? 9.997   -3.065  10.022  1.00 10.92 ? 78  THR A CB  1 
ATOM   553  O OG1 . THR A 1 78  ? 10.330  -2.836  8.655   1.00 11.44 ? 78  THR A OG1 1 
ATOM   554  C CG2 . THR A 1 78  ? 10.186  -4.527  10.369  1.00 11.20 ? 78  THR A CG2 1 
ATOM   555  N N   . ARG A 1 79  ? 8.990   -0.287  10.954  1.00 11.65 ? 79  ARG A N   1 
ATOM   556  C CA  . ARG A 1 79  ? 9.246   1.133   10.694  1.00 13.05 ? 79  ARG A CA  1 
ATOM   557  C C   . ARG A 1 79  ? 10.176  1.319   9.508   1.00 12.41 ? 79  ARG A C   1 
ATOM   558  O O   . ARG A 1 79  ? 9.894   2.165   8.632   1.00 12.55 ? 79  ARG A O   1 
ATOM   559  C CB  . ARG A 1 79  ? 9.849   1.824   11.920  1.00 15.42 ? 79  ARG A CB  1 
ATOM   560  C CG  . ARG A 1 79  ? 10.213  3.289   11.682  1.00 17.88 ? 79  ARG A CG  1 
ATOM   561  C CD  . ARG A 1 79  ? 11.090  3.812   12.786  1.00 20.53 ? 79  ARG A CD  1 
ATOM   562  N NE  . ARG A 1 79  ? 11.522  5.198   12.673  1.00 24.84 ? 79  ARG A NE  1 
ATOM   563  C CZ  . ARG A 1 79  ? 12.586  5.627   11.994  1.00 28.17 ? 79  ARG A CZ  1 
ATOM   564  N NH1 . ARG A 1 79  ? 13.330  4.803   11.250  1.00 31.33 ? 79  ARG A NH1 1 
ATOM   565  N NH2 . ARG A 1 79  ? 12.860  6.937   11.994  1.00 31.10 ? 79  ARG A NH2 1 
ATOM   566  N N   . GLU A 1 80  ? 11.267  0.559   9.438   1.00 12.28 ? 80  GLU A N   1 
ATOM   567  C CA  . GLU A 1 80  ? 12.254  0.753   8.395   1.00 12.84 ? 80  GLU A CA  1 
ATOM   568  C C   . GLU A 1 80  ? 11.628  0.544   7.017   1.00 12.47 ? 80  GLU A C   1 
ATOM   569  O O   . GLU A 1 80  ? 11.825  1.374   6.141   1.00 12.93 ? 80  GLU A O   1 
ATOM   570  C CB  . GLU A 1 80  ? 13.489  -0.152  8.598   1.00 14.13 ? 80  GLU A CB  1 
ATOM   571  C CG  . GLU A 1 80  ? 14.642  0.021   7.619   1.00 15.92 ? 80  GLU A CG  1 
ATOM   572  C CD  . GLU A 1 80  ? 15.298  1.395   7.662   1.00 17.71 ? 80  GLU A CD  1 
ATOM   573  O OE1 . GLU A 1 80  ? 15.388  1.982   8.755   1.00 18.74 ? 80  GLU A OE1 1 
ATOM   574  O OE2 . GLU A 1 80  ? 15.755  1.889   6.583   1.00 21.75 ? 80  GLU A OE2 1 
ATOM   575  N N   . LEU A 1 81  ? 10.883  -0.551  6.810   1.00 11.88 ? 81  LEU A N   1 
ATOM   576  C CA  . LEU A 1 81  ? 10.277  -0.765  5.502   1.00 11.88 ? 81  LEU A CA  1 
ATOM   577  C C   . LEU A 1 81  ? 9.174   0.270   5.235   1.00 11.63 ? 81  LEU A C   1 
ATOM   578  O O   . LEU A 1 81  ? 9.016   0.739   4.104   1.00 11.62 ? 81  LEU A O   1 
ATOM   579  C CB  . LEU A 1 81  ? 9.770   -2.198  5.307   1.00 11.76 ? 81  LEU A CB  1 
ATOM   580  C CG  . LEU A 1 81  ? 9.248   -2.560  3.894   1.00 11.91 ? 81  LEU A CG  1 
ATOM   581  C CD1 . LEU A 1 81  ? 10.336  -2.318  2.842   1.00 13.26 ? 81  LEU A CD1 1 
ATOM   582  C CD2 . LEU A 1 81  ? 8.799   -4.012  3.815   1.00 12.43 ? 81  LEU A CD2 1 
ATOM   583  N N   . ALA A 1 82  ? 8.363   0.594   6.235   1.00 11.19 ? 82  ALA A N   1 
ATOM   584  C CA  . ALA A 1 82  ? 7.334   1.584   6.036   1.00 10.85 ? 82  ALA A CA  1 
ATOM   585  C C   . ALA A 1 82  ? 7.918   2.912   5.587   1.00 11.72 ? 82  ALA A C   1 
ATOM   586  O O   . ALA A 1 82  ? 7.417   3.524   4.650   1.00 10.95 ? 82  ALA A O   1 
ATOM   587  C CB  . ALA A 1 82  ? 6.543   1.759   7.300   1.00 10.63 ? 82  ALA A CB  1 
ATOM   588  N N   . MET A 1 83  ? 9.015   3.323   6.227   1.00 12.48 ? 83  MET A N   1 
ATOM   589  C CA  . MET A 1 83  ? 9.633   4.588   5.845   1.00 13.01 ? 83  MET A CA  1 
ATOM   590  C C   . MET A 1 83  ? 10.276  4.540   4.475   1.00 12.58 ? 83  MET A C   1 
ATOM   591  O O   . MET A 1 83  ? 10.168  5.484   3.710   1.00 11.08 ? 83  MET A O   1 
ATOM   592  C CB  . MET A 1 83  ? 10.596  5.049   6.931   1.00 14.90 ? 83  MET A CB  1 
ATOM   593  C CG  . MET A 1 83  ? 9.834   5.396   8.173   1.00 17.74 ? 83  MET A CG  1 
ATOM   594  S SD  . MET A 1 83  ? 10.831  6.270   9.372   1.00 23.14 ? 83  MET A SD  1 
ATOM   595  C CE  . MET A 1 83  ? 10.807  7.954   8.736   1.00 22.73 ? 83  MET A CE  1 
ATOM   596  N N   . GLN A 1 84  ? 10.890  3.420   4.134   1.00 12.26 ? 84  GLN A N   1 
ATOM   597  C CA  . GLN A 1 84  ? 11.493  3.251   2.813   1.00 13.32 ? 84  GLN A CA  1 
ATOM   598  C C   . GLN A 1 84  ? 10.394  3.311   1.747   1.00 12.88 ? 84  GLN A C   1 
ATOM   599  O O   . GLN A 1 84  ? 10.533  3.971   0.713   1.00 13.55 ? 84  GLN A O   1 
ATOM   600  C CB  . GLN A 1 84  ? 12.234  1.938   2.720   1.00 15.54 ? 84  GLN A CB  1 
ATOM   601  C CG  . GLN A 1 84  ? 13.566  1.950   3.480   1.00 19.72 ? 84  GLN A CG  1 
ATOM   602  C CD  . GLN A 1 84  ? 14.440  0.733   3.188   1.00 26.78 ? 84  GLN A CD  1 
ATOM   603  O OE1 . GLN A 1 84  ? 14.477  0.237   2.070   1.00 32.63 ? 84  GLN A OE1 1 
ATOM   604  N NE2 . GLN A 1 84  ? 15.171  0.271   4.195   1.00 30.06 ? 84  GLN A NE2 1 
ATOM   605  N N   . VAL A 1 85  ? 9.293   2.596   1.967   1.00 11.72 ? 85  VAL A N   1 
ATOM   606  C CA  . VAL A 1 85  ? 8.218   2.559   0.977   1.00 10.90 ? 85  VAL A CA  1 
ATOM   607  C C   . VAL A 1 85  ? 7.606   3.958   0.828   1.00 10.37 ? 85  VAL A C   1 
ATOM   608  O O   . VAL A 1 85  ? 7.298   4.412   -0.279  1.00 10.66 ? 85  VAL A O   1 
ATOM   609  C CB  . VAL A 1 85  ? 7.125   1.538   1.346   1.00 10.70 ? 85  VAL A CB  1 
ATOM   610  C CG1 . VAL A 1 85  ? 5.831   1.775   0.577   1.00 11.38 ? 85  VAL A CG1 1 
ATOM   611  C CG2 . VAL A 1 85  ? 7.644   0.122   1.096   1.00 11.16 ? 85  VAL A CG2 1 
ATOM   612  N N   . ALA A 1 86  ? 7.398   4.662   1.933   1.00 10.61 ? 86  ALA A N   1 
ATOM   613  C CA  . ALA A 1 86  ? 6.863   6.009   1.863   1.00 11.84 ? 86  ALA A CA  1 
ATOM   614  C C   . ALA A 1 86  ? 7.737   6.915   1.037   1.00 12.35 ? 86  ALA A C   1 
ATOM   615  O O   . ALA A 1 86  ? 7.217   7.653   0.186   1.00 12.05 ? 86  ALA A O   1 
ATOM   616  C CB  . ALA A 1 86  ? 6.647   6.569   3.260   1.00 12.04 ? 86  ALA A CB  1 
ATOM   617  N N   . GLU A 1 87  ? 9.042   6.865   1.273   1.00 12.42 ? 87  GLU A N   1 
ATOM   618  C CA  . GLU A 1 87  ? 9.960   7.678   0.470   1.00 13.92 ? 87  GLU A CA  1 
ATOM   619  C C   . GLU A 1 87  ? 9.957   7.316   -1.013  1.00 12.50 ? 87  GLU A C   1 
ATOM   620  O O   . GLU A 1 87  ? 9.967   8.231   -1.838  1.00 13.03 ? 87  GLU A O   1 
ATOM   621  C CB  . GLU A 1 87  ? 11.348  7.704   1.067   1.00 16.54 ? 87  GLU A CB  1 
ATOM   622  C CG  . GLU A 1 87  ? 12.199  8.887   0.611   1.00 19.44 ? 87  GLU A CG  1 
ATOM   623  C CD  . GLU A 1 87  ? 11.553  10.292  0.666   1.00 20.68 ? 87  GLU A CD  1 
ATOM   624  O OE1 . GLU A 1 87  ? 10.804  10.682  1.617   1.00 22.85 ? 87  GLU A OE1 1 
ATOM   625  O OE2 . GLU A 1 87  ? 11.834  11.059  -0.278  1.00 26.95 ? 87  GLU A OE2 1 
ATOM   626  N N   . GLN A 1 88  ? 9.835   6.031   -1.373  1.00 11.85 ? 88  GLN A N   1 
ATOM   627  C CA  . GLN A 1 88  ? 9.718   5.653   -2.778  1.00 12.11 ? 88  GLN A CA  1 
ATOM   628  C C   . GLN A 1 88  ? 8.432   6.231   -3.371  1.00 10.81 ? 88  GLN A C   1 
ATOM   629  O O   . GLN A 1 88  ? 8.417   6.670   -4.507  1.00 10.90 ? 88  GLN A O   1 
ATOM   630  C CB  . GLN A 1 88  ? 9.762   4.156   -2.975  1.00 12.65 ? 88  GLN A CB  1 
ATOM   631  C CG  . GLN A 1 88  ? 11.098  3.509   -2.619  1.00 13.26 ? 88  GLN A CG  1 
ATOM   632  C CD  . GLN A 1 88  ? 11.042  1.986   -2.668  1.00 15.82 ? 88  GLN A CD  1 
ATOM   633  O OE1 . GLN A 1 88  ? 10.482  1.323   -1.757  1.00 16.45 ? 88  GLN A OE1 1 
ATOM   634  N NE2 . GLN A 1 88  ? 11.561  1.431   -3.719  1.00 18.13 ? 88  GLN A NE2 1 
ATOM   635  N N   . LEU A 1 89  ? 7.339   6.248   -2.593  1.00 10.31 ? 89  LEU A N   1 
ATOM   636  C CA  . LEU A 1 89  ? 6.082   6.775   -3.142  1.00 10.79 ? 89  LEU A CA  1 
ATOM   637  C C   . LEU A 1 89  ? 6.166   8.284   -3.383  1.00 11.38 ? 89  LEU A C   1 
ATOM   638  O O   . LEU A 1 89  ? 5.606   8.788   -4.349  1.00 10.87 ? 89  LEU A O   1 
ATOM   639  C CB  . LEU A 1 89  ? 4.921   6.474   -2.202  1.00 11.03 ? 89  LEU A CB  1 
ATOM   640  C CG  . LEU A 1 89  ? 4.585   4.995   -2.038  1.00 11.78 ? 89  LEU A CG  1 
ATOM   641  C CD1 . LEU A 1 89  ? 3.597   4.777   -0.901  1.00 12.84 ? 89  LEU A CD1 1 
ATOM   642  C CD2 . LEU A 1 89  ? 4.015   4.415   -3.310  1.00 13.14 ? 89  LEU A CD2 1 
ATOM   643  N N   . ARG A 1 90  ? 6.897   9.002   -2.546  1.00 11.12 ? 90  ARG A N   1 
ATOM   644  C CA  . ARG A 1 90  ? 7.080   10.442  -2.745  1.00 11.40 ? 90  ARG A CA  1 
ATOM   645  C C   . ARG A 1 90  ? 7.945   10.676  -3.994  1.00 12.00 ? 90  ARG A C   1 
ATOM   646  O O   . ARG A 1 90  ? 7.755   11.673  -4.680  1.00 12.77 ? 90  ARG A O   1 
ATOM   647  C CB  . ARG A 1 90  ? 7.739   11.074  -1.516  1.00 10.90 ? 90  ARG A CB  1 
ATOM   648  C CG  . ARG A 1 90  ? 6.948   10.946  -0.221  1.00 11.34 ? 90  ARG A CG  1 
ATOM   649  C CD  . ARG A 1 90  ? 7.554   11.787  0.903   1.00 11.67 ? 90  ARG A CD  1 
ATOM   650  N NE  . ARG A 1 90  ? 6.848   11.508  2.160   1.00 12.25 ? 90  ARG A NE  1 
ATOM   651  C CZ  . ARG A 1 90  ? 7.253   10.665  3.101   1.00 12.64 ? 90  ARG A CZ  1 
ATOM   652  N NH1 . ARG A 1 90  ? 8.410   10.038  2.994   1.00 14.06 ? 90  ARG A NH1 1 
ATOM   653  N NH2 . ARG A 1 90  ? 6.459   10.399  4.126   1.00 13.28 ? 90  ARG A NH2 1 
ATOM   654  N N   . GLU A 1 91  ? 8.874   9.778   -4.290  1.00 11.40 ? 91  GLU A N   1 
ATOM   655  C CA  . GLU A 1 91  ? 9.675   9.860   -5.554  1.00 12.28 ? 91  GLU A CA  1 
ATOM   656  C C   . GLU A 1 91  ? 8.812   9.579   -6.776  1.00 11.33 ? 91  GLU A C   1 
ATOM   657  O O   . GLU A 1 91  ? 8.798   10.336  -7.768  1.00 12.19 ? 91  GLU A O   1 
ATOM   658  C CB  . GLU A 1 91  ? 10.867  8.915   -5.518  1.00 14.13 ? 91  GLU A CB  1 
ATOM   659  C CG  . GLU A 1 91  ? 11.878  9.313   -4.455  1.00 16.19 ? 91  GLU A CG  1 
ATOM   660  C CD  . GLU A 1 91  ? 12.970  8.302   -4.202  1.00 20.05 ? 91  GLU A CD  1 
ATOM   661  O OE1 . GLU A 1 91  ? 12.900  7.155   -4.695  1.00 20.69 ? 91  GLU A OE1 1 
ATOM   662  O OE2 . GLU A 1 91  ? 13.916  8.690   -3.483  1.00 22.54 ? 91  GLU A OE2 1 
ATOM   663  N N   . PHE A 1 92  ? 8.021   8.494   -6.722  1.00 10.99 ? 92  PHE A N   1 
ATOM   664  C CA  . PHE A 1 92  ? 7.130   8.214   -7.863  1.00 11.21 ? 92  PHE A CA  1 
ATOM   665  C C   . PHE A 1 92  ? 6.128   9.313   -8.161  1.00 10.96 ? 92  PHE A C   1 
ATOM   666  O O   . PHE A 1 92  ? 5.623   9.382   -9.264  1.00 11.46 ? 92  PHE A O   1 
ATOM   667  C CB  . PHE A 1 92  ? 6.306   6.929   -7.689  1.00 11.79 ? 92  PHE A CB  1 
ATOM   668  C CG  . PHE A 1 92  ? 7.084   5.703   -7.357  1.00 12.08 ? 92  PHE A CG  1 
ATOM   669  C CD1 . PHE A 1 92  ? 8.339   5.440   -7.906  1.00 13.00 ? 92  PHE A CD1 1 
ATOM   670  C CD2 . PHE A 1 92  ? 6.506   4.739   -6.538  1.00 11.43 ? 92  PHE A CD2 1 
ATOM   671  C CE1 . PHE A 1 92  ? 9.016   4.280   -7.579  1.00 13.71 ? 92  PHE A CE1 1 
ATOM   672  C CE2 . PHE A 1 92  ? 7.181   3.571   -6.221  1.00 11.28 ? 92  PHE A CE2 1 
ATOM   673  C CZ  . PHE A 1 92  ? 8.444   3.351   -6.754  1.00 11.58 ? 92  PHE A CZ  1 
ATOM   674  N N   . SER A 1 93  ? 5.809   10.103  -7.142  1.00 10.82 ? 93  SER A N   1 
ATOM   675  C CA  . SER A 1 93  ? 4.866   11.167  -7.288  1.00 9.97  ? 93  SER A CA  1 
ATOM   676  C C   . SER A 1 93  ? 5.493   12.568  -7.205  1.00 11.09 ? 93  SER A C   1 
ATOM   677  O O   . SER A 1 93  ? 4.812   13.494  -6.963  1.00 11.56 ? 93  SER A O   1 
ATOM   678  C CB  . SER A 1 93  ? 3.790   11.066  -6.219  1.00 9.74  ? 93  SER A CB  1 
ATOM   679  O OG  . SER A 1 93  ? 4.335   11.188  -4.938  1.00 9.56  ? 93  SER A OG  1 
ATOM   680  N N   . ARG A 1 94  ? 6.777   12.671  -7.418  1.00 12.12 ? 94  ARG A N   1 
ATOM   681  C CA  . ARG A 1 94  ? 7.435   13.933  -7.263  1.00 12.65 ? 94  ARG A CA  1 
ATOM   682  C C   . ARG A 1 94  ? 6.795   14.990  -8.143  1.00 11.82 ? 94  ARG A C   1 
ATOM   683  O O   . ARG A 1 94  ? 6.572   14.796  -9.283  1.00 10.94 ? 94  ARG A O   1 
ATOM   684  C CB  . ARG A 1 94  ? 8.927   13.756  -7.558  1.00 16.35 ? 94  ARG A CB  1 
ATOM   685  C CG  . ARG A 1 94  ? 9.846   14.926  -7.357  1.00 21.22 ? 94  ARG A CG  1 
ATOM   686  C CD  . ARG A 1 94  ? 11.148  14.482  -7.960  1.00 27.18 ? 94  ARG A CD  1 
ATOM   687  N NE  . ARG A 1 94  ? 12.206  15.266  -7.530  1.00 29.94 ? 94  ARG A NE  1 
ATOM   688  C CZ  . ARG A 1 94  ? 13.229  15.579  -8.237  1.00 33.33 ? 94  ARG A CZ  1 
ATOM   689  N NH1 . ARG A 1 94  ? 14.205  16.273  -7.696  1.00 35.26 ? 94  ARG A NH1 1 
ATOM   690  N NH2 . ARG A 1 94  ? 13.251  15.287  -9.503  1.00 36.03 ? 94  ARG A NH2 1 
ATOM   691  N N   . GLY A 1 95  ? 6.540   16.123  -7.496  1.00 10.57 ? 95  GLY A N   1 
ATOM   692  C CA  . GLY A 1 95  ? 5.905   17.242  -8.160  1.00 10.08 ? 95  GLY A CA  1 
ATOM   693  C C   . GLY A 1 95  ? 4.376   17.238  -8.256  1.00 11.17 ? 95  GLY A C   1 
ATOM   694  O O   . GLY A 1 95  ? 3.812   18.180  -8.617  1.00 11.00 ? 95  GLY A O   1 
ATOM   695  N N   . GLN A 1 96  ? 3.784   16.118  -7.907  1.00 10.95 ? 96  GLN A N   1 
ATOM   696  C CA  . GLN A 1 96  ? 2.325   15.951  -8.016  1.00 10.47 ? 96  GLN A CA  1 
ATOM   697  C C   . GLN A 1 96  ? 1.523   16.356  -6.825  1.00 11.49 ? 96  GLN A C   1 
ATOM   698  O O   . GLN A 1 96  ? 0.298   16.432  -6.938  1.00 13.16 ? 96  GLN A O   1 
ATOM   699  C CB  . GLN A 1 96  ? 1.957   14.536  -8.427  1.00 10.35 ? 96  GLN A CB  1 
ATOM   700  C CG  . GLN A 1 96  ? 2.591   14.161  -9.762  1.00 10.21 ? 96  GLN A CG  1 
ATOM   701  C CD  . GLN A 1 96  ? 2.104   12.814  -10.305 1.00 10.49 ? 96  GLN A CD  1 
ATOM   702  O OE1 . GLN A 1 96  ? 2.898   11.900  -10.599 1.00 12.96 ? 96  GLN A OE1 1 
ATOM   703  N NE2 . GLN A 1 96  ? 0.817   12.659  -10.389 1.00 9.79  ? 96  GLN A NE2 1 
ATOM   704  N N   . GLY A 1 97  ? 2.185   16.641  -5.704  1.00 11.85 ? 97  GLY A N   1 
ATOM   705  C CA  . GLY A 1 97  ? 1.454   17.061  -4.529  1.00 11.82 ? 97  GLY A CA  1 
ATOM   706  C C   . GLY A 1 97  ? 0.770   15.951  -3.785  1.00 12.61 ? 97  GLY A C   1 
ATOM   707  O O   . GLY A 1 97  ? -0.190  16.222  -3.099  1.00 14.97 ? 97  GLY A O   1 
ATOM   708  N N   . VAL A 1 98  ? 1.254   14.724  -3.877  1.00 11.69 ? 98  VAL A N   1 
ATOM   709  C CA  . VAL A 1 98  ? 0.663   13.591  -3.128  1.00 11.32 ? 98  VAL A CA  1 
ATOM   710  C C   . VAL A 1 98  ? 1.296   13.504  -1.756  1.00 11.58 ? 98  VAL A C   1 
ATOM   711  O O   . VAL A 1 98  ? 2.502   13.344  -1.622  1.00 12.43 ? 98  VAL A O   1 
ATOM   712  C CB  . VAL A 1 98  ? 0.847   12.252  -3.868  1.00 11.70 ? 98  VAL A CB  1 
ATOM   713  C CG1 . VAL A 1 98  ? 0.390   11.046  -3.022  1.00 11.63 ? 98  VAL A CG1 1 
ATOM   714  C CG2 . VAL A 1 98  ? 0.154   12.289  -5.237  1.00 12.07 ? 98  VAL A CG2 1 
ATOM   715  N N   . GLN A 1 99  ? 0.462   13.578  -0.714  1.00 11.78 ? 99  GLN A N   1 
ATOM   716  C CA  . GLN A 1 99  ? 0.929   13.557  0.647   1.00 12.86 ? 99  GLN A CA  1 
ATOM   717  C C   . GLN A 1 99  ? 0.941   12.107  1.130   1.00 12.96 ? 99  GLN A C   1 
ATOM   718  O O   . GLN A 1 99  ? -0.104  11.409  1.032   1.00 12.86 ? 99  GLN A O   1 
ATOM   719  C CB  . GLN A 1 99  ? -0.053  14.361  1.528   1.00 15.21 ? 99  GLN A CB  1 
ATOM   720  C CG  . GLN A 1 99  ? -0.064  15.868  1.266   1.00 18.52 ? 99  GLN A CG  1 
ATOM   721  C CD  . GLN A 1 99  ? -1.212  16.619  1.950   1.00 21.05 ? 99  GLN A CD  1 
ATOM   722  O OE1 . GLN A 1 99  ? -2.382  16.273  1.783   1.00 25.96 ? 99  GLN A OE1 1 
ATOM   723  N NE2 . GLN A 1 99  ? -0.882  17.690  2.683   1.00 24.71 ? 99  GLN A NE2 1 
ATOM   724  N N   . VAL A 1 100 ? 2.075   11.695  1.691   1.00 11.26 ? 100 VAL A N   1 
ATOM   725  C CA  . VAL A 1 100 ? 2.290   10.353  2.217   1.00 11.88 ? 100 VAL A CA  1 
ATOM   726  C C   . VAL A 1 100 ? 2.689   10.466  3.683   1.00 12.69 ? 100 VAL A C   1 
ATOM   727  O O   . VAL A 1 100 ? 3.616   11.232  4.008   1.00 12.94 ? 100 VAL A O   1 
ATOM   728  C CB  . VAL A 1 100 ? 3.410   9.617   1.446   1.00 12.07 ? 100 VAL A CB  1 
ATOM   729  C CG1 . VAL A 1 100 ? 3.534   8.190   1.932   1.00 13.31 ? 100 VAL A CG1 1 
ATOM   730  C CG2 . VAL A 1 100 ? 3.143   9.661   -0.050  1.00 12.02 ? 100 VAL A CG2 1 
ATOM   731  N N   . VAL A 1 101 ? 1.984   9.733   4.554   1.00 11.63 ? 101 VAL A N   1 
ATOM   732  C CA  . VAL A 1 101 ? 2.222   9.728   5.984   1.00 12.78 ? 101 VAL A CA  1 
ATOM   733  C C   . VAL A 1 101 ? 2.555   8.321   6.443   1.00 12.24 ? 101 VAL A C   1 
ATOM   734  O O   . VAL A 1 101 ? 1.906   7.361   6.009   1.00 11.28 ? 101 VAL A O   1 
ATOM   735  C CB  . VAL A 1 101 ? 1.000   10.285  6.741   1.00 13.75 ? 101 VAL A CB  1 
ATOM   736  C CG1 . VAL A 1 101 ? 1.022   9.954   8.231   1.00 14.84 ? 101 VAL A CG1 1 
ATOM   737  C CG2 . VAL A 1 101 ? 0.970   11.797  6.546   1.00 14.70 ? 101 VAL A CG2 1 
ATOM   738  N N   . THR A 1 102 ? 3.532   8.202   7.346   1.00 12.18 ? 102 THR A N   1 
ATOM   739  C CA  . THR A 1 102 ? 3.891   6.920   7.955   1.00 12.93 ? 102 THR A CA  1 
ATOM   740  C C   . THR A 1 102 ? 3.442   6.848   9.404   1.00 13.56 ? 102 THR A C   1 
ATOM   741  O O   . THR A 1 102 ? 3.686   7.802   10.148  1.00 15.84 ? 102 THR A O   1 
ATOM   742  C CB  . THR A 1 102 ? 5.381   6.672   7.898   1.00 14.17 ? 102 THR A CB  1 
ATOM   743  O OG1 . THR A 1 102 ? 6.088   7.789   8.461   1.00 19.24 ? 102 THR A OG1 1 
ATOM   744  C CG2 . THR A 1 102 ? 5.812   6.489   6.518   1.00 14.83 ? 102 THR A CG2 1 
ATOM   745  N N   . VAL A 1 103 ? 2.838   5.733   9.812   1.00 13.17 ? 103 VAL A N   1 
ATOM   746  C CA  . VAL A 1 103 ? 2.469   5.525   11.230  1.00 13.67 ? 103 VAL A CA  1 
ATOM   747  C C   . VAL A 1 103 ? 3.048   4.203   11.685  1.00 14.07 ? 103 VAL A C   1 
ATOM   748  O O   . VAL A 1 103 ? 2.884   3.194   11.036  1.00 17.04 ? 103 VAL A O   1 
ATOM   749  C CB  . VAL A 1 103 ? 0.935   5.622   11.516  1.00 14.14 ? 103 VAL A CB  1 
ATOM   750  C CG1 . VAL A 1 103 ? 0.417   6.989   11.117  1.00 14.63 ? 103 VAL A CG1 1 
ATOM   751  C CG2 . VAL A 1 103 ? 0.145   4.560   10.777  1.00 14.60 ? 103 VAL A CG2 1 
ATOM   752  N N   . PHE A 1 104 ? 3.751   4.173   12.798  1.00 14.25 ? 104 PHE A N   1 
ATOM   753  C CA  . PHE A 1 104 ? 4.301   2.921   13.287  1.00 15.05 ? 104 PHE A CA  1 
ATOM   754  C C   . PHE A 1 104 ? 4.343   2.932   14.789  1.00 14.31 ? 104 PHE A C   1 
ATOM   755  O O   . PHE A 1 104 ? 4.194   3.993   15.416  1.00 12.65 ? 104 PHE A O   1 
ATOM   756  C CB  . PHE A 1 104 ? 5.688   2.668   12.676  1.00 15.98 ? 104 PHE A CB  1 
ATOM   757  C CG  . PHE A 1 104 ? 6.596   3.872   12.697  1.00 19.20 ? 104 PHE A CG  1 
ATOM   758  C CD1 . PHE A 1 104 ? 7.420   4.147   13.801  1.00 19.90 ? 104 PHE A CD1 1 
ATOM   759  C CD2 . PHE A 1 104 ? 6.654   4.730   11.589  1.00 21.94 ? 104 PHE A CD2 1 
ATOM   760  C CE1 . PHE A 1 104 ? 8.251   5.274   13.793  1.00 21.81 ? 104 PHE A CE1 1 
ATOM   761  C CE2 . PHE A 1 104 ? 7.465   5.858   11.598  1.00 22.09 ? 104 PHE A CE2 1 
ATOM   762  C CZ  . PHE A 1 104 ? 8.269   6.123   12.701  1.00 21.87 ? 104 PHE A CZ  1 
ATOM   763  N N   . GLY A 1 105 ? 4.528   1.747   15.373  1.00 13.74 ? 105 GLY A N   1 
ATOM   764  C CA  . GLY A 1 105 ? 4.523   1.593   16.789  1.00 14.61 ? 105 GLY A CA  1 
ATOM   765  C C   . GLY A 1 105 ? 5.807   2.071   17.421  1.00 14.21 ? 105 GLY A C   1 
ATOM   766  O O   . GLY A 1 105 ? 6.832   2.274   16.723  1.00 14.65 ? 105 GLY A O   1 
ATOM   767  N N   . GLY A 1 106 ? 5.752   2.216   18.727  1.00 16.17 ? 106 GLY A N   1 
ATOM   768  C CA  . GLY A 1 106 ? 6.882   2.625   19.523  1.00 16.79 ? 106 GLY A CA  1 
ATOM   769  C C   . GLY A 1 106 ? 7.131   4.098   19.517  1.00 17.46 ? 106 GLY A C   1 
ATOM   770  O O   . GLY A 1 106 ? 8.171   4.540   19.987  1.00 18.14 ? 106 GLY A O   1 
ATOM   771  N N   . MET A 1 107 ? 6.183   4.877   18.990  1.00 19.05 ? 107 MET A N   1 
ATOM   772  C CA  . MET A 1 107 ? 6.300   6.331   18.951  1.00 20.88 ? 107 MET A CA  1 
ATOM   773  C C   . MET A 1 107 ? 5.098   6.911   19.634  1.00 21.34 ? 107 MET A C   1 
ATOM   774  O O   . MET A 1 107 ? 4.056   6.266   19.618  1.00 19.41 ? 107 MET A O   1 
ATOM   775  C CB  . MET A 1 107 ? 6.294   6.838   17.525  1.00 22.78 ? 107 MET A CB  1 
ATOM   776  C CG  . MET A 1 107 ? 7.346   6.195   16.655  1.00 23.68 ? 107 MET A CG  1 
ATOM   777  S SD  . MET A 1 107 ? 8.989   6.602   17.244  1.00 25.64 ? 107 MET A SD  1 
ATOM   778  C CE  . MET A 1 107 ? 9.116   8.271   16.595  1.00 25.89 ? 107 MET A CE  1 
ATOM   779  N N   . PRO A 1 108 ? 5.231   8.126   20.212  1.00 21.11 ? 108 PRO A N   1 
ATOM   780  C CA  . PRO A 1 108 ? 4.048   8.794   20.741  1.00 21.98 ? 108 PRO A CA  1 
ATOM   781  C C   . PRO A 1 108 ? 3.015   9.023   19.636  1.00 20.09 ? 108 PRO A C   1 
ATOM   782  O O   . PRO A 1 108 ? 3.367   9.413   18.527  1.00 23.47 ? 108 PRO A O   1 
ATOM   783  C CB  . PRO A 1 108 ? 4.588   10.115  21.302  1.00 23.77 ? 108 PRO A CB  1 
ATOM   784  C CG  . PRO A 1 108 ? 6.049   9.924   21.438  1.00 24.06 ? 108 PRO A CG  1 
ATOM   785  C CD  . PRO A 1 108 ? 6.462   8.923   20.416  1.00 23.14 ? 108 PRO A CD  1 
ATOM   786  N N   . ILE A 1 109 ? 1.760   8.693   19.928  1.00 18.41 ? 109 ILE A N   1 
ATOM   787  C CA  . ILE A 1 109 ? 0.727   8.699   18.905  1.00 16.48 ? 109 ILE A CA  1 
ATOM   788  C C   . ILE A 1 109 ? 0.275   10.121  18.506  1.00 16.59 ? 109 ILE A C   1 
ATOM   789  O O   . ILE A 1 109 ? -0.168  10.312  17.397  1.00 14.37 ? 109 ILE A O   1 
ATOM   790  C CB  . ILE A 1 109 ? -0.461  7.787   19.289  1.00 16.43 ? 109 ILE A CB  1 
ATOM   791  C CG1 . ILE A 1 109 ? -1.276  7.386   18.068  1.00 16.88 ? 109 ILE A CG1 1 
ATOM   792  C CG2 . ILE A 1 109 ? -1.339  8.446   20.338  1.00 16.23 ? 109 ILE A CG2 1 
ATOM   793  C CD1 . ILE A 1 109 ? -2.363  6.363   18.327  1.00 17.72 ? 109 ILE A CD1 1 
ATOM   794  N N   . GLU A 1 110 ? 0.359   11.110  19.411  1.00 18.60 ? 110 GLU A N   1 
ATOM   795  C CA  . GLU A 1 110 ? -0.101  12.488  19.130  1.00 19.23 ? 110 GLU A CA  1 
ATOM   796  C C   . GLU A 1 110 ? 0.420   13.083  17.813  1.00 17.56 ? 110 GLU A C   1 
ATOM   797  O O   . GLU A 1 110 ? -0.325  13.638  17.033  1.00 18.73 ? 110 GLU A O   1 
ATOM   798  C CB  . GLU A 1 110 ? 0.243   13.394  20.340  1.00 23.66 ? 110 GLU A CB  1 
ATOM   799  C CG  . GLU A 1 110 ? 1.744   13.514  20.646  1.00 28.56 ? 110 GLU A CG  1 
ATOM   800  C CD  . GLU A 1 110 ? 2.086   13.752  22.113  1.00 32.24 ? 110 GLU A CD  1 
ATOM   801  O OE1 . GLU A 1 110 ? 2.921   12.998  22.667  1.00 34.11 ? 110 GLU A OE1 1 
ATOM   802  O OE2 . GLU A 1 110 ? 1.551   14.707  22.706  1.00 39.00 ? 110 GLU A OE2 1 
ATOM   803  N N   . ARG A 1 111 ? 1.704   12.911  17.535  1.00 19.01 ? 111 ARG A N   1 
ATOM   804  C CA  . ARG A 1 111 ? 2.287   13.478  16.341  1.00 19.50 ? 111 ARG A CA  1 
ATOM   805  C C   . ARG A 1 111 ? 1.675   12.846  15.073  1.00 17.41 ? 111 ARG A C   1 
ATOM   806  O O   . ARG A 1 111 ? 1.439   13.500  14.072  1.00 16.85 ? 111 ARG A O   1 
ATOM   807  C CB  . ARG A 1 111 ? 3.797   13.238  16.370  1.00 23.64 ? 111 ARG A CB  1 
ATOM   808  C CG  . ARG A 1 111 ? 4.565   13.901  15.261  1.00 29.30 ? 111 ARG A CG  1 
ATOM   809  C CD  . ARG A 1 111 ? 6.049   13.666  15.449  1.00 32.24 ? 111 ARG A CD  1 
ATOM   810  N NE  . ARG A 1 111 ? 6.571   14.572  16.474  1.00 37.75 ? 111 ARG A NE  1 
ATOM   811  C CZ  . ARG A 1 111 ? 6.755   14.292  17.771  1.00 40.41 ? 111 ARG A CZ  1 
ATOM   812  N NH1 . ARG A 1 111 ? 6.495   13.085  18.285  1.00 43.83 ? 111 ARG A NH1 1 
ATOM   813  N NH2 . ARG A 1 111 ? 7.222   15.246  18.572  1.00 42.52 ? 111 ARG A NH2 1 
ATOM   814  N N   . GLN A 1 112 ? 1.397   11.553  15.147  1.00 14.88 ? 112 GLN A N   1 
ATOM   815  C CA  . GLN A 1 112 ? 0.792   10.835  14.050  1.00 13.51 ? 112 GLN A CA  1 
ATOM   816  C C   . GLN A 1 112 ? -0.624  11.265  13.840  1.00 12.63 ? 112 GLN A C   1 
ATOM   817  O O   . GLN A 1 112 ? -1.077  11.401  12.730  1.00 13.29 ? 112 GLN A O   1 
ATOM   818  C CB  . GLN A 1 112 ? 0.868   9.318   14.281  1.00 12.70 ? 112 GLN A CB  1 
ATOM   819  C CG  . GLN A 1 112 ? 2.279   8.781   14.284  1.00 12.85 ? 112 GLN A CG  1 
ATOM   820  C CD  . GLN A 1 112 ? 2.386   7.341   14.684  1.00 12.92 ? 112 GLN A CD  1 
ATOM   821  O OE1 . GLN A 1 112 ? 1.387   6.671   14.901  1.00 13.69 ? 112 GLN A OE1 1 
ATOM   822  N NE2 . GLN A 1 112 ? 3.604   6.870   14.813  1.00 13.64 ? 112 GLN A NE2 1 
ATOM   823  N N   . ILE A 1 113 ? -1.348  11.480  14.951  1.00 13.66 ? 113 ILE A N   1 
ATOM   824  C CA  . ILE A 1 113 ? -2.701  11.993  14.838  1.00 14.29 ? 113 ILE A CA  1 
ATOM   825  C C   . ILE A 1 113 ? -2.730  13.351  14.163  1.00 15.03 ? 113 ILE A C   1 
ATOM   826  O O   . ILE A 1 113 ? -3.575  13.557  13.299  1.00 15.03 ? 113 ILE A O   1 
ATOM   827  C CB  . ILE A 1 113 ? -3.380  12.058  16.235  1.00 13.99 ? 113 ILE A CB  1 
ATOM   828  C CG1 . ILE A 1 113 ? -3.532  10.648  16.797  1.00 14.26 ? 113 ILE A CG1 1 
ATOM   829  C CG2 . ILE A 1 113 ? -4.700  12.826  16.205  1.00 14.19 ? 113 ILE A CG2 1 
ATOM   830  C CD1 . ILE A 1 113 ? -4.159  10.577  18.170  1.00 15.00 ? 113 ILE A CD1 1 
ATOM   831  N N   . LYS A 1 114 ? -1.794  14.236  14.511  1.00 15.18 ? 114 LYS A N   1 
ATOM   832  C CA  . LYS A 1 114 ? -1.734  15.545  13.816  1.00 17.87 ? 114 LYS A CA  1 
ATOM   833  C C   . LYS A 1 114 ? -1.442  15.388  12.318  1.00 17.35 ? 114 LYS A C   1 
ATOM   834  O O   . LYS A 1 114 ? -2.070  16.035  11.472  1.00 17.23 ? 114 LYS A O   1 
ATOM   835  C CB  . LYS A 1 114 ? -0.718  16.453  14.504  1.00 21.09 ? 114 LYS A CB  1 
ATOM   836  C CG  . LYS A 1 114 ? -1.304  17.025  15.781  1.00 25.00 ? 114 LYS A CG  1 
ATOM   837  C CD  . LYS A 1 114 ? -0.267  17.611  16.711  1.00 28.45 ? 114 LYS A CD  1 
ATOM   838  C CE  . LYS A 1 114 ? -0.947  18.039  18.004  1.00 32.70 ? 114 LYS A CE  1 
ATOM   839  N NZ  . LYS A 1 114 ? 0.043   18.509  19.008  1.00 36.39 ? 114 LYS A NZ  1 
ATOM   840  N N   . ALA A 1 115 ? -0.524  14.488  11.980  1.00 15.97 ? 115 ALA A N   1 
ATOM   841  C CA  . ALA A 1 115 ? -0.255  14.244  10.561  1.00 16.06 ? 115 ALA A CA  1 
ATOM   842  C C   . ALA A 1 115 ? -1.492  13.722  9.813   1.00 15.68 ? 115 ALA A C   1 
ATOM   843  O O   . ALA A 1 115 ? -1.793  14.150  8.706   1.00 16.68 ? 115 ALA A O   1 
ATOM   844  C CB  . ALA A 1 115 ? 0.916   13.296  10.375  1.00 16.48 ? 115 ALA A CB  1 
ATOM   845  N N   . LEU A 1 116 ? -2.233  12.801  10.421  1.00 15.05 ? 116 LEU A N   1 
ATOM   846  C CA  . LEU A 1 116 ? -3.414  12.249  9.777   1.00 15.04 ? 116 LEU A CA  1 
ATOM   847  C C   . LEU A 1 116 ? -4.548  13.255  9.592   1.00 16.70 ? 116 LEU A C   1 
ATOM   848  O O   . LEU A 1 116 ? -5.302  13.178  8.629   1.00 18.14 ? 116 LEU A O   1 
ATOM   849  C CB  . LEU A 1 116 ? -3.911  11.027  10.558  1.00 14.96 ? 116 LEU A CB  1 
ATOM   850  C CG  . LEU A 1 116 ? -2.986  9.822   10.427  1.00 15.05 ? 116 LEU A CG  1 
ATOM   851  C CD1 . LEU A 1 116 ? -3.467  8.790   11.451  1.00 16.58 ? 116 LEU A CD1 1 
ATOM   852  C CD2 . LEU A 1 116 ? -3.029  9.208   9.041   1.00 15.21 ? 116 LEU A CD2 1 
ATOM   853  N N   . LYS A 1 117 ? -4.651  14.207  10.519  1.00 18.59 ? 117 LYS A N   1 
ATOM   854  C CA  . LYS A 1 117 ? -5.715  15.213  10.441  1.00 21.06 ? 117 LYS A CA  1 
ATOM   855  C C   . LYS A 1 117 ? -5.550  16.129  9.247   1.00 24.29 ? 117 LYS A C   1 
ATOM   856  O O   . LYS A 1 117 ? -6.531  16.708  8.782   1.00 24.56 ? 117 LYS A O   1 
ATOM   857  C CB  . LYS A 1 117 ? -5.789  16.050  11.712  1.00 24.00 ? 117 LYS A CB  1 
ATOM   858  C CG  . LYS A 1 117 ? -6.542  15.395  12.837  1.00 26.98 ? 117 LYS A CG  1 
ATOM   859  C CD  . LYS A 1 117 ? -6.416  16.218  14.098  1.00 29.74 ? 117 LYS A CD  1 
ATOM   860  C CE  . LYS A 1 117 ? -7.142  15.548  15.232  1.00 31.59 ? 117 LYS A CE  1 
ATOM   861  N NZ  . LYS A 1 117 ? -7.002  16.375  16.451  1.00 34.53 ? 117 LYS A NZ  1 
ATOM   862  N N   . LYS A 1 118 ? -4.323  16.232  8.732   1.00 24.35 ? 118 LYS A N   1 
ATOM   863  C CA  . LYS A 1 118 ? -4.060  16.991  7.519   1.00 27.32 ? 118 LYS A CA  1 
ATOM   864  C C   . LYS A 1 118 ? -4.560  16.305  6.233   1.00 26.09 ? 118 LYS A C   1 
ATOM   865  O O   . LYS A 1 118 ? -4.509  16.923  5.168   1.00 27.89 ? 118 LYS A O   1 
ATOM   866  C CB  . LYS A 1 118 ? -2.563  17.321  7.420   1.00 27.04 ? 118 LYS A CB  1 
ATOM   867  C CG  . LYS A 1 118 ? -2.090  18.297  8.498   1.00 31.07 ? 118 LYS A CG  1 
ATOM   868  C CD  . LYS A 1 118 ? -0.707  18.856  8.188   1.00 31.82 ? 118 LYS A CD  1 
ATOM   869  C CE  . LYS A 1 118 ? 0.399   18.307  9.066   1.00 33.27 ? 118 LYS A CE  1 
ATOM   870  N NZ  . LYS A 1 118 ? 0.637   19.188  10.244  1.00 33.80 ? 118 LYS A NZ  1 
ATOM   871  N N   . GLY A 1 119 ? -5.058  15.067  6.318   1.00 22.72 ? 119 GLY A N   1 
ATOM   872  C CA  . GLY A 1 119 ? -5.663  14.387  5.183   1.00 21.57 ? 119 GLY A CA  1 
ATOM   873  C C   . GLY A 1 119 ? -4.681  13.912  4.120   1.00 19.44 ? 119 GLY A C   1 
ATOM   874  O O   . GLY A 1 119 ? -4.887  14.193  2.921   1.00 19.85 ? 119 GLY A O   1 
ATOM   875  N N   . PRO A 1 120 ? -3.646  13.140  4.517   1.00 14.64 ? 120 PRO A N   1 
ATOM   876  C CA  . PRO A 1 120 ? -2.772  12.595  3.481   1.00 13.13 ? 120 PRO A CA  1 
ATOM   877  C C   . PRO A 1 120 ? -3.526  11.623  2.587   1.00 13.00 ? 120 PRO A C   1 
ATOM   878  O O   . PRO A 1 120 ? -4.524  11.068  3.012   1.00 14.61 ? 120 PRO A O   1 
ATOM   879  C CB  . PRO A 1 120 ? -1.711  11.860  4.285   1.00 12.66 ? 120 PRO A CB  1 
ATOM   880  C CG  . PRO A 1 120 ? -2.493  11.379  5.474   1.00 12.57 ? 120 PRO A CG  1 
ATOM   881  C CD  . PRO A 1 120 ? -3.374  12.515  5.824   1.00 13.74 ? 120 PRO A CD  1 
ATOM   882  N N   . GLN A 1 121 ? -3.066  11.419  1.364   1.00 11.32 ? 121 GLN A N   1 
ATOM   883  C CA  . GLN A 1 121 ? -3.731  10.506  0.423   1.00 11.08 ? 121 GLN A CA  1 
ATOM   884  C C   . GLN A 1 121 ? -3.274  9.080   0.617   1.00 10.59 ? 121 GLN A C   1 
ATOM   885  O O   . GLN A 1 121 ? -4.033  8.173   0.255   1.00 9.72  ? 121 GLN A O   1 
ATOM   886  C CB  . GLN A 1 121 ? -3.522  10.919  -1.049  1.00 12.97 ? 121 GLN A CB  1 
ATOM   887  C CG  . GLN A 1 121 ? -4.179  12.254  -1.401  1.00 14.19 ? 121 GLN A CG  1 
ATOM   888  C CD  . GLN A 1 121 ? -3.433  13.448  -0.809  1.00 16.81 ? 121 GLN A CD  1 
ATOM   889  O OE1 . GLN A 1 121 ? -2.297  13.716  -1.205  1.00 15.74 ? 121 GLN A OE1 1 
ATOM   890  N NE2 . GLN A 1 121 ? -4.033  14.137  0.164   1.00 20.40 ? 121 GLN A NE2 1 
ATOM   891  N N   . ILE A 1 122 ? -2.028  8.880   1.058   1.00 9.76  ? 122 ILE A N   1 
ATOM   892  C CA  . ILE A 1 122 ? -1.472  7.528   1.245   1.00 9.36  ? 122 ILE A CA  1 
ATOM   893  C C   . ILE A 1 122 ? -0.982  7.445   2.680   1.00 9.81  ? 122 ILE A C   1 
ATOM   894  O O   . ILE A 1 122 ? -0.252  8.343   3.132   1.00 9.79  ? 122 ILE A O   1 
ATOM   895  C CB  . ILE A 1 122 ? -0.317  7.183   0.254   1.00 9.65  ? 122 ILE A CB  1 
ATOM   896  C CG1 . ILE A 1 122 ? -0.771  7.372   -1.185  1.00 10.03 ? 122 ILE A CG1 1 
ATOM   897  C CG2 . ILE A 1 122 ? 0.162   5.745   0.505   1.00 10.87 ? 122 ILE A CG2 1 
ATOM   898  C CD1 . ILE A 1 122 ? 0.344   7.201   -2.188  1.00 10.00 ? 122 ILE A CD1 1 
ATOM   899  N N   . VAL A 1 123 ? -1.391  6.388   3.386   1.00 9.37  ? 123 VAL A N   1 
ATOM   900  C CA  . VAL A 1 123 ? -0.844  6.084   4.703   1.00 8.88  ? 123 VAL A CA  1 
ATOM   901  C C   . VAL A 1 123 ? -0.112  4.744   4.616   1.00 9.29  ? 123 VAL A C   1 
ATOM   902  O O   . VAL A 1 123 ? -0.642  3.785   4.082   1.00 9.72  ? 123 VAL A O   1 
ATOM   903  C CB  . VAL A 1 123 ? -1.940  6.048   5.792   1.00 9.28  ? 123 VAL A CB  1 
ATOM   904  C CG1 . VAL A 1 123 ? -1.420  5.526   7.106   1.00 9.83  ? 123 VAL A CG1 1 
ATOM   905  C CG2 . VAL A 1 123 ? -2.534  7.431   5.958   1.00 9.83  ? 123 VAL A CG2 1 
ATOM   906  N N   . VAL A 1 124 ? 1.125   4.728   5.099   1.00 8.91  ? 124 VAL A N   1 
ATOM   907  C CA  . VAL A 1 124 ? 1.950   3.511   5.196   1.00 9.34  ? 124 VAL A CA  1 
ATOM   908  C C   . VAL A 1 124 ? 2.165   3.256   6.683   1.00 9.73  ? 124 VAL A C   1 
ATOM   909  O O   . VAL A 1 124 ? 2.635   4.135   7.414   1.00 10.62 ? 124 VAL A O   1 
ATOM   910  C CB  . VAL A 1 124 ? 3.340   3.673   4.499   1.00 9.76  ? 124 VAL A CB  1 
ATOM   911  C CG1 . VAL A 1 124 ? 4.067   2.342   4.429   1.00 9.98  ? 124 VAL A CG1 1 
ATOM   912  C CG2 . VAL A 1 124 ? 3.199   4.303   3.111   1.00 10.32 ? 124 VAL A CG2 1 
ATOM   913  N N   . GLY A 1 125 ? 1.880   2.043   7.150   1.00 9.23  ? 125 GLY A N   1 
ATOM   914  C CA  . GLY A 1 125 ? 2.019   1.792   8.570   1.00 9.98  ? 125 GLY A CA  1 
ATOM   915  C C   . GLY A 1 125 ? 2.193   0.381   8.992   1.00 9.52  ? 125 GLY A C   1 
ATOM   916  O O   . GLY A 1 125 ? 1.960   -0.530  8.220   1.00 9.83  ? 125 GLY A O   1 
ATOM   917  N N   . THR A 1 126 ? 2.539   0.211   10.266  1.00 10.10 ? 126 THR A N   1 
ATOM   918  C CA  . THR A 1 126 ? 2.643   -1.124  10.838  1.00 9.84  ? 126 THR A CA  1 
ATOM   919  C C   . THR A 1 126 ? 1.290   -1.490  11.419  1.00 10.62 ? 126 THR A C   1 
ATOM   920  O O   . THR A 1 126 ? 0.582   -0.614  11.861  1.00 10.84 ? 126 THR A O   1 
ATOM   921  C CB  . THR A 1 126 ? 3.797   -1.201  11.877  1.00 10.39 ? 126 THR A CB  1 
ATOM   922  O OG1 . THR A 1 126 ? 3.592   -0.201  12.874  1.00 11.37 ? 126 THR A OG1 1 
ATOM   923  C CG2 . THR A 1 126 ? 5.120   -0.930  11.206  1.00 10.47 ? 126 THR A CG2 1 
ATOM   924  N N   . PRO A 1 127 ? 0.917   -2.784  11.409  1.00 10.88 ? 127 PRO A N   1 
ATOM   925  C CA  . PRO A 1 127 ? -0.478  -3.091  11.663  1.00 10.80 ? 127 PRO A CA  1 
ATOM   926  C C   . PRO A 1 127 ? -1.047  -2.771  12.998  1.00 10.36 ? 127 PRO A C   1 
ATOM   927  O O   . PRO A 1 127 ? -2.206  -2.348  13.070  1.00 10.58 ? 127 PRO A O   1 
ATOM   928  C CB  . PRO A 1 127 ? -0.566  -4.588  11.384  1.00 11.33 ? 127 PRO A CB  1 
ATOM   929  C CG  . PRO A 1 127 ? 0.577   -4.825  10.412  1.00 11.42 ? 127 PRO A CG  1 
ATOM   930  C CD  . PRO A 1 127 ? 1.652   -3.971  10.918  1.00 11.36 ? 127 PRO A CD  1 
ATOM   931  N N   . GLY A 1 128 ? -0.267  -2.923  14.055  1.00 10.38 ? 128 GLY A N   1 
ATOM   932  C CA  . GLY A 1 128 ? -0.793  -2.643  15.385  1.00 10.66 ? 128 GLY A CA  1 
ATOM   933  C C   . GLY A 1 128 ? -1.072  -1.161  15.561  1.00 10.65 ? 128 GLY A C   1 
ATOM   934  O O   . GLY A 1 128 ? -2.095  -0.768  16.128  1.00 11.67 ? 128 GLY A O   1 
ATOM   935  N N   . ARG A 1 129 ? -0.191  -0.308  15.091  1.00 10.43 ? 129 ARG A N   1 
ATOM   936  C CA  . ARG A 1 129 ? -0.447  1.146   15.169  1.00 10.61 ? 129 ARG A CA  1 
ATOM   937  C C   . ARG A 1 129 ? -1.567  1.595   14.229  1.00 11.34 ? 129 ARG A C   1 
ATOM   938  O O   . ARG A 1 129 ? -2.312  2.506   14.559  1.00 10.45 ? 129 ARG A O   1 
ATOM   939  C CB  . ARG A 1 129 ? 0.843   1.926   14.886  1.00 11.00 ? 129 ARG A CB  1 
ATOM   940  C CG  . ARG A 1 129 ? 0.750   3.440   15.015  1.00 10.66 ? 129 ARG A CG  1 
ATOM   941  C CD  . ARG A 1 129 ? 0.065   3.915   16.307  1.00 11.17 ? 129 ARG A CD  1 
ATOM   942  N NE  . ARG A 1 129 ? 0.820   3.571   17.517  1.00 12.50 ? 129 ARG A NE  1 
ATOM   943  C CZ  . ARG A 1 129 ? 1.718   4.372   18.107  1.00 13.39 ? 129 ARG A CZ  1 
ATOM   944  N NH1 . ARG A 1 129 ? 2.036   5.548   17.581  1.00 13.59 ? 129 ARG A NH1 1 
ATOM   945  N NH2 . ARG A 1 129 ? 2.353   3.979   19.210  1.00 15.81 ? 129 ARG A NH2 1 
ATOM   946  N N   . VAL A 1 130 ? -1.687  0.956   13.057  1.00 10.28 ? 130 VAL A N   1 
ATOM   947  C CA  . VAL A 1 130 ? -2.814  1.247   12.159  1.00 10.42 ? 130 VAL A CA  1 
ATOM   948  C C   . VAL A 1 130 ? -4.138  1.005   12.895  1.00 10.71 ? 130 VAL A C   1 
ATOM   949  O O   . VAL A 1 130 ? -5.024  1.856   12.847  1.00 11.28 ? 130 VAL A O   1 
ATOM   950  C CB  . VAL A 1 130 ? -2.695  0.443   10.852  1.00 10.47 ? 130 VAL A CB  1 
ATOM   951  C CG1 . VAL A 1 130 ? -4.017  0.353   10.080  1.00 10.73 ? 130 VAL A CG1 1 
ATOM   952  C CG2 . VAL A 1 130 ? -1.568  1.034   9.985   1.00 10.85 ? 130 VAL A CG2 1 
ATOM   953  N N   . ILE A 1 131 ? -4.211  -0.116  13.625  1.00 10.58 ? 131 ILE A N   1 
ATOM   954  C CA  . ILE A 1 131 ? -5.410  -0.446  14.411  1.00 11.09 ? 131 ILE A CA  1 
ATOM   955  C C   . ILE A 1 131 ? -5.679  0.599   15.481  1.00 11.91 ? 131 ILE A C   1 
ATOM   956  O O   . ILE A 1 131 ? -6.828  1.032   15.675  1.00 12.40 ? 131 ILE A O   1 
ATOM   957  C CB  . ILE A 1 131 ? -5.399  -1.888  14.929  1.00 11.25 ? 131 ILE A CB  1 
ATOM   958  C CG1 . ILE A 1 131 ? -5.546  -2.831  13.740  1.00 12.36 ? 131 ILE A CG1 1 
ATOM   959  C CG2 . ILE A 1 131 ? -6.560  -2.123  15.905  1.00 11.59 ? 131 ILE A CG2 1 
ATOM   960  C CD1 . ILE A 1 131 ? -5.393  -4.289  14.059  1.00 13.37 ? 131 ILE A CD1 1 
ATOM   961  N N   . ASP A 1 132 ? -4.645  1.065   16.163  1.00 12.05 ? 132 ASP A N   1 
ATOM   962  C CA  A ASP A 1 132 ? -4.836  2.140   17.148  0.50 13.63 ? 132 ASP A CA  1 
ATOM   963  C CA  B ASP A 1 132 ? -4.852  2.157   17.159  0.50 12.75 ? 132 ASP A CA  1 
ATOM   964  C C   . ASP A 1 132 ? -5.562  3.337   16.497  1.00 13.11 ? 132 ASP A C   1 
ATOM   965  O O   . ASP A 1 132 ? -6.537  3.874   17.027  1.00 13.33 ? 132 ASP A O   1 
ATOM   966  C CB  A ASP A 1 132 ? -3.475  2.544   17.700  0.50 15.61 ? 132 ASP A CB  1 
ATOM   967  C CB  B ASP A 1 132 ? -3.554  2.697   17.761  0.50 13.44 ? 132 ASP A CB  1 
ATOM   968  C CG  A ASP A 1 132 ? -3.544  3.091   19.080  0.50 18.84 ? 132 ASP A CG  1 
ATOM   969  C CG  B ASP A 1 132 ? -2.777  1.679   18.575  0.50 14.39 ? 132 ASP A CG  1 
ATOM   970  O OD1 A ASP A 1 132 ? -4.648  3.408   19.541  0.50 21.16 ? 132 ASP A OD1 1 
ATOM   971  O OD1 B ASP A 1 132 ? -3.384  0.796   19.212  0.50 15.92 ? 132 ASP A OD1 1 
ATOM   972  O OD2 A ASP A 1 132 ? -2.471  3.167   19.704  0.50 20.92 ? 132 ASP A OD2 1 
ATOM   973  O OD2 B ASP A 1 132 ? -1.526  1.783   18.595  0.50 15.51 ? 132 ASP A OD2 1 
ATOM   974  N N   . HIS A 1 133 ? -5.094  3.742   15.337  1.00 10.77 ? 133 HIS A N   1 
ATOM   975  C CA  . HIS A 1 133 ? -5.691  4.870   14.615  1.00 10.66 ? 133 HIS A CA  1 
ATOM   976  C C   . HIS A 1 133 ? -7.087  4.569   14.126  1.00 10.70 ? 133 HIS A C   1 
ATOM   977  O O   . HIS A 1 133 ? -7.955  5.445   14.154  1.00 11.86 ? 133 HIS A O   1 
ATOM   978  C CB  . HIS A 1 133 ? -4.784  5.313   13.464  1.00 10.38 ? 133 HIS A CB  1 
ATOM   979  C CG  . HIS A 1 133 ? -3.560  6.048   13.930  1.00 10.75 ? 133 HIS A CG  1 
ATOM   980  N ND1 . HIS A 1 133 ? -3.604  7.306   14.494  1.00 11.43 ? 133 HIS A ND1 1 
ATOM   981  C CD2 . HIS A 1 133 ? -2.251  5.696   13.895  1.00 10.75 ? 133 HIS A CD2 1 
ATOM   982  C CE1 . HIS A 1 133 ? -2.374  7.695   14.803  1.00 11.74 ? 133 HIS A CE1 1 
ATOM   983  N NE2 . HIS A 1 133 ? -1.528  6.736   14.441  1.00 11.18 ? 133 HIS A NE2 1 
ATOM   984  N N   . LEU A 1 134 ? -7.318  3.363   13.647  1.00 10.95 ? 134 LEU A N   1 
ATOM   985  C CA  . LEU A 1 134 ? -8.665  2.983   13.193  1.00 11.77 ? 134 LEU A CA  1 
ATOM   986  C C   . LEU A 1 134 ? -9.644  3.088   14.350  1.00 12.42 ? 134 LEU A C   1 
ATOM   987  O O   . LEU A 1 134 ? -10.748 3.621   14.183  1.00 13.59 ? 134 LEU A O   1 
ATOM   988  C CB  . LEU A 1 134 ? -8.693  1.557   12.617  1.00 12.63 ? 134 LEU A CB  1 
ATOM   989  C CG  . LEU A 1 134 ? -7.978  1.352   11.283  1.00 13.38 ? 134 LEU A CG  1 
ATOM   990  C CD1 . LEU A 1 134 ? -7.963  -0.120  10.900  1.00 13.55 ? 134 LEU A CD1 1 
ATOM   991  C CD2 . LEU A 1 134 ? -8.621  2.154   10.182  1.00 14.14 ? 134 LEU A CD2 1 
ATOM   992  N N   . ASN A 1 135 ? -9.244  2.581   15.498  1.00 12.45 ? 135 ASN A N   1 
ATOM   993  C CA  . ASN A 1 135 ? -10.179 2.563   16.659  1.00 12.80 ? 135 ASN A CA  1 
ATOM   994  C C   . ASN A 1 135 ? -10.383 3.946   17.241  1.00 14.37 ? 135 ASN A C   1 
ATOM   995  O O   . ASN A 1 135 ? -11.495 4.232   17.734  1.00 14.64 ? 135 ASN A O   1 
ATOM   996  C CB  . ASN A 1 135 ? -9.702  1.615   17.720  1.00 14.16 ? 135 ASN A CB  1 
ATOM   997  C CG  . ASN A 1 135 ? -9.784  0.170   17.284  1.00 14.56 ? 135 ASN A CG  1 
ATOM   998  O OD1 . ASN A 1 135 ? -10.563 -0.192  16.372  1.00 19.76 ? 135 ASN A OD1 1 
ATOM   999  N ND2 . ASN A 1 135 ? -9.044  -0.666  17.947  1.00 14.97 ? 135 ASN A ND2 1 
ATOM   1000 N N   . ARG A 1 136 ? -9.360  4.804   17.182  1.00 12.34 ? 136 ARG A N   1 
ATOM   1001 C CA  . ARG A 1 136 ? -9.510  6.214   17.597  1.00 13.23 ? 136 ARG A CA  1 
ATOM   1002 C C   . ARG A 1 136 ? -10.259 7.058   16.582  1.00 14.16 ? 136 ARG A C   1 
ATOM   1003 O O   . ARG A 1 136 ? -10.544 8.229   16.831  1.00 14.63 ? 136 ARG A O   1 
ATOM   1004 C CB  . ARG A 1 136 ? -8.141  6.853   17.891  1.00 14.21 ? 136 ARG A CB  1 
ATOM   1005 C CG  . ARG A 1 136 ? -7.472  6.201   19.097  1.00 16.26 ? 136 ARG A CG  1 
ATOM   1006 C CD  . ARG A 1 136 ? -6.077  6.758   19.305  1.00 19.34 ? 136 ARG A CD  1 
ATOM   1007 N NE  . ARG A 1 136 ? -5.457  6.288   20.549  1.00 24.32 ? 136 ARG A NE  1 
ATOM   1008 C CZ  . ARG A 1 136 ? -5.041  7.065   21.560  1.00 30.02 ? 136 ARG A CZ  1 
ATOM   1009 N NH1 . ARG A 1 136 ? -5.145  8.409   21.535  1.00 32.15 ? 136 ARG A NH1 1 
ATOM   1010 N NH2 . ARG A 1 136 ? -4.485  6.483   22.618  1.00 36.08 ? 136 ARG A NH2 1 
ATOM   1011 N N   . ARG A 1 137 ? -10.517 6.502   15.404  1.00 14.85 ? 137 ARG A N   1 
ATOM   1012 C CA  . ARG A 1 137 ? -11.121 7.220   14.280  1.00 15.75 ? 137 ARG A CA  1 
ATOM   1013 C C   . ARG A 1 137 ? -10.281 8.401   13.736  1.00 14.95 ? 137 ARG A C   1 
ATOM   1014 O O   . ARG A 1 137 ? -10.772 9.318   13.044  1.00 16.92 ? 137 ARG A O   1 
ATOM   1015 C CB  . ARG A 1 137 ? -12.596 7.593   14.599  1.00 19.20 ? 137 ARG A CB  1 
ATOM   1016 C CG  . ARG A 1 137 ? -13.596 6.562   14.095  1.00 24.28 ? 137 ARG A CG  1 
ATOM   1017 C CD  . ARG A 1 137 ? -14.244 5.692   15.143  1.00 28.17 ? 137 ARG A CD  1 
ATOM   1018 N NE  . ARG A 1 137 ? -14.839 4.508   14.502  1.00 31.60 ? 137 ARG A NE  1 
ATOM   1019 C CZ  . ARG A 1 137 ? -15.954 4.500   13.763  1.00 33.77 ? 137 ARG A CZ  1 
ATOM   1020 N NH1 . ARG A 1 137 ? -16.376 3.354   13.237  1.00 36.88 ? 137 ARG A NH1 1 
ATOM   1021 N NH2 . ARG A 1 137 ? -16.671 5.609   13.552  1.00 35.58 ? 137 ARG A NH2 1 
ATOM   1022 N N   . THR A 1 138 ? -8.973  8.334   13.989  1.00 13.55 ? 138 THR A N   1 
ATOM   1023 C CA  . THR A 1 138 ? -7.986  9.279   13.452  1.00 13.49 ? 138 THR A CA  1 
ATOM   1024 C C   . THR A 1 138 ? -7.496  8.831   12.082  1.00 14.22 ? 138 THR A C   1 
ATOM   1025 O O   . THR A 1 138 ? -6.994  9.668   11.348  1.00 17.79 ? 138 THR A O   1 
ATOM   1026 C CB  . THR A 1 138 ? -6.823  9.425   14.432  1.00 13.35 ? 138 THR A CB  1 
ATOM   1027 O OG1 . THR A 1 138 ? -6.351  8.110   14.728  1.00 14.55 ? 138 THR A OG1 1 
ATOM   1028 C CG2 . THR A 1 138 ? -7.318  10.125  15.709  1.00 14.00 ? 138 THR A CG2 1 
ATOM   1029 N N   . LEU A 1 139 ? -7.645  7.541   11.767  1.00 13.76 ? 139 LEU A N   1 
ATOM   1030 C CA  A LEU A 1 139 ? -7.544  7.026   10.402  0.50 14.31 ? 139 LEU A CA  1 
ATOM   1031 C CA  B LEU A 1 139 ? -7.547  7.021   10.395  0.50 13.07 ? 139 LEU A CA  1 
ATOM   1032 C C   . LEU A 1 139 ? -8.963  6.603   9.998   1.00 14.35 ? 139 LEU A C   1 
ATOM   1033 O O   . LEU A 1 139 ? -9.509  5.665   10.573  1.00 14.75 ? 139 LEU A O   1 
ATOM   1034 C CB  A LEU A 1 139 ? -6.588  5.829   10.347  0.50 14.94 ? 139 LEU A CB  1 
ATOM   1035 C CB  B LEU A 1 139 ? -6.619  5.798   10.313  0.50 12.08 ? 139 LEU A CB  1 
ATOM   1036 C CG  A LEU A 1 139 ? -6.092  5.390   8.961   0.50 16.00 ? 139 LEU A CG  1 
ATOM   1037 C CG  B LEU A 1 139 ? -6.600  5.061   8.953   0.50 11.26 ? 139 LEU A CG  1 
ATOM   1038 C CD1 A LEU A 1 139 ? -7.094  4.593   8.160   0.50 16.82 ? 139 LEU A CD1 1 
ATOM   1039 C CD1 B LEU A 1 139 ? -6.324  5.981   7.754   0.50 10.95 ? 139 LEU A CD1 1 
ATOM   1040 C CD2 A LEU A 1 139 ? -5.676  6.581   8.125   0.50 15.87 ? 139 LEU A CD2 1 
ATOM   1041 C CD2 B LEU A 1 139 ? -5.574  3.941   8.992   0.50 10.59 ? 139 LEU A CD2 1 
ATOM   1042 N N   . LYS A 1 140 ? -9.563  7.318   9.040   1.00 15.10 ? 140 LYS A N   1 
ATOM   1043 C CA  . LYS A 1 140 ? -10.923 7.012   8.572   1.00 17.77 ? 140 LYS A CA  1 
ATOM   1044 C C   . LYS A 1 140 ? -10.833 6.085   7.399   1.00 17.24 ? 140 LYS A C   1 
ATOM   1045 O O   . LYS A 1 140 ? -9.855  6.159   6.621   1.00 15.54 ? 140 LYS A O   1 
ATOM   1046 C CB  . LYS A 1 140 ? -11.683 8.275   8.239   1.00 20.72 ? 140 LYS A CB  1 
ATOM   1047 C CG  . LYS A 1 140 ? -12.009 9.082   9.484   1.00 24.52 ? 140 LYS A CG  1 
ATOM   1048 C CD  . LYS A 1 140 ? -12.719 10.372  9.142   1.00 27.98 ? 140 LYS A CD  1 
ATOM   1049 C CE  . LYS A 1 140 ? -12.777 11.275  10.356  1.00 29.40 ? 140 LYS A CE  1 
ATOM   1050 N NZ  . LYS A 1 140 ? -14.090 11.978  10.431  1.00 30.28 ? 140 LYS A NZ  1 
ATOM   1051 N N   . THR A 1 141 ? -11.804 5.179   7.289   1.00 17.39 ? 141 THR A N   1 
ATOM   1052 C CA  . THR A 1 141 ? -11.803 4.136   6.265   1.00 16.71 ? 141 THR A CA  1 
ATOM   1053 C C   . THR A 1 141 ? -12.637 4.482   5.042   1.00 16.20 ? 141 THR A C   1 
ATOM   1054 O O   . THR A 1 141 ? -12.553 3.776   4.053   1.00 16.06 ? 141 THR A O   1 
ATOM   1055 C CB  . THR A 1 141 ? -12.322 2.791   6.800   1.00 17.61 ? 141 THR A CB  1 
ATOM   1056 O OG1 . THR A 1 141 ? -13.690 2.915   7.256   1.00 17.12 ? 141 THR A OG1 1 
ATOM   1057 C CG2 . THR A 1 141 ? -11.396 2.287   7.893   1.00 18.07 ? 141 THR A CG2 1 
ATOM   1058 N N   . ASP A 1 142 ? -13.353 5.608   5.064   1.00 15.58 ? 142 ASP A N   1 
ATOM   1059 C CA  . ASP A 1 142 ? -14.407 5.887   4.082   1.00 16.69 ? 142 ASP A CA  1 
ATOM   1060 C C   . ASP A 1 142 ? -13.850 6.021   2.640   1.00 15.19 ? 142 ASP A C   1 
ATOM   1061 O O   . ASP A 1 142 ? -14.524 5.665   1.656   1.00 16.28 ? 142 ASP A O   1 
ATOM   1062 C CB  . ASP A 1 142 ? -15.153 7.183   4.476   1.00 19.09 ? 142 ASP A CB  1 
ATOM   1063 C CG  . ASP A 1 142 ? -15.450 7.279   6.005   1.00 23.00 ? 142 ASP A CG  1 
ATOM   1064 O OD1 . ASP A 1 142 ? -16.415 6.655   6.524   1.00 26.46 ? 142 ASP A OD1 1 
ATOM   1065 O OD2 . ASP A 1 142 ? -14.709 7.996   6.706   1.00 29.02 ? 142 ASP A OD2 1 
ATOM   1066 N N   . GLY A 1 143 ? -12.615 6.516   2.524   1.00 14.11 ? 143 GLY A N   1 
ATOM   1067 C CA  . GLY A 1 143 ? -11.956 6.698   1.229   1.00 14.01 ? 143 GLY A CA  1 
ATOM   1068 C C   . GLY A 1 143 ? -10.948 5.662   0.817   1.00 12.87 ? 143 GLY A C   1 
ATOM   1069 O O   . GLY A 1 143 ? -10.293 5.835   -0.217  1.00 13.37 ? 143 GLY A O   1 
ATOM   1070 N N   . ILE A 1 144 ? -10.770 4.613   1.620   1.00 13.09 ? 144 ILE A N   1 
ATOM   1071 C CA  . ILE A 1 144 ? -9.677  3.656   1.340   1.00 12.69 ? 144 ILE A CA  1 
ATOM   1072 C C   . ILE A 1 144 ? -10.050 2.696   0.237   1.00 12.77 ? 144 ILE A C   1 
ATOM   1073 O O   . ILE A 1 144 ? -10.672 1.663   0.497   1.00 14.40 ? 144 ILE A O   1 
ATOM   1074 C CB  . ILE A 1 144 ? -9.208  2.883   2.591   1.00 12.40 ? 144 ILE A CB  1 
ATOM   1075 C CG1 . ILE A 1 144 ? -8.761  3.886   3.665   1.00 12.36 ? 144 ILE A CG1 1 
ATOM   1076 C CG2 . ILE A 1 144 ? -8.063  1.951   2.173   1.00 12.64 ? 144 ILE A CG2 1 
ATOM   1077 C CD1 . ILE A 1 144 ? -8.277  3.297   4.981   1.00 12.52 ? 144 ILE A CD1 1 
ATOM   1078 N N   . HIS A 1 145 ? -9.616  2.996   -0.990  1.00 11.15 ? 145 HIS A N   1 
ATOM   1079 C CA  . HIS A 1 145 ? -9.993  2.197   -2.172  1.00 11.23 ? 145 HIS A CA  1 
ATOM   1080 C C   . HIS A 1 145 ? -8.841  1.312   -2.639  1.00 10.18 ? 145 HIS A C   1 
ATOM   1081 O O   . HIS A 1 145 ? -9.027  0.537   -3.569  1.00 10.74 ? 145 HIS A O   1 
ATOM   1082 C CB  . HIS A 1 145 ? -10.429 3.137   -3.291  1.00 12.14 ? 145 HIS A CB  1 
ATOM   1083 C CG  . HIS A 1 145 ? -11.710 3.829   -2.995  1.00 15.04 ? 145 HIS A CG  1 
ATOM   1084 N ND1 . HIS A 1 145 ? -12.908 3.158   -2.941  1.00 15.86 ? 145 HIS A ND1 1 
ATOM   1085 C CD2 . HIS A 1 145 ? -11.981 5.116   -2.668  1.00 15.67 ? 145 HIS A CD2 1 
ATOM   1086 C CE1 . HIS A 1 145 ? -13.866 4.002   -2.595  1.00 17.38 ? 145 HIS A CE1 1 
ATOM   1087 N NE2 . HIS A 1 145 ? -13.332 5.197   -2.435  1.00 17.78 ? 145 HIS A NE2 1 
ATOM   1088 N N   . THR A 1 146 ? -7.674  1.387   -1.973  1.00 10.04 ? 146 THR A N   1 
ATOM   1089 C CA  . THR A 1 146 ? -6.549  0.476   -2.249  1.00 9.31  ? 146 THR A CA  1 
ATOM   1090 C C   . THR A 1 146 ? -5.898  0.093   -0.947  1.00 8.96  ? 146 THR A C   1 
ATOM   1091 O O   . THR A 1 146 ? -5.495  0.960   -0.183  1.00 10.04 ? 146 THR A O   1 
ATOM   1092 C CB  . THR A 1 146 ? -5.513  1.092   -3.228  1.00 10.14 ? 146 THR A CB  1 
ATOM   1093 O OG1 . THR A 1 146 ? -6.175  1.691   -4.346  1.00 11.43 ? 146 THR A OG1 1 
ATOM   1094 C CG2 . THR A 1 146 ? -4.564  0.059   -3.726  1.00 10.34 ? 146 THR A CG2 1 
ATOM   1095 N N   . LEU A 1 147 ? -5.796  -1.213  -0.696  1.00 8.30  ? 147 LEU A N   1 
ATOM   1096 C CA  . LEU A 1 147 ? -5.166  -1.746  0.495   1.00 8.68  ? 147 LEU A CA  1 
ATOM   1097 C C   . LEU A 1 147 ? -4.076  -2.709  0.067   1.00 8.88  ? 147 LEU A C   1 
ATOM   1098 O O   . LEU A 1 147 ? -4.356  -3.657  -0.656  1.00 9.10  ? 147 LEU A O   1 
ATOM   1099 C CB  . LEU A 1 147 ? -6.244  -2.440  1.350   1.00 9.06  ? 147 LEU A CB  1 
ATOM   1100 C CG  . LEU A 1 147 ? -5.743  -3.185  2.572   1.00 9.27  ? 147 LEU A CG  1 
ATOM   1101 C CD1 . LEU A 1 147 ? -5.116  -2.257  3.591   1.00 9.73  ? 147 LEU A CD1 1 
ATOM   1102 C CD2 . LEU A 1 147 ? -6.854  -3.979  3.214   1.00 9.84  ? 147 LEU A CD2 1 
ATOM   1103 N N   . ILE A 1 148 ? -2.839  -2.475  0.500   1.00 8.80  ? 148 ILE A N   1 
ATOM   1104 C CA  . ILE A 1 148 ? -1.707  -3.226  0.039   1.00 9.24  ? 148 ILE A CA  1 
ATOM   1105 C C   . ILE A 1 148 ? -1.009  -3.779  1.273   1.00 8.79  ? 148 ILE A C   1 
ATOM   1106 O O   . ILE A 1 148 ? -0.702  -3.042  2.187   1.00 9.84  ? 148 ILE A O   1 
ATOM   1107 C CB  . ILE A 1 148 ? -0.753  -2.331  -0.761  1.00 10.20 ? 148 ILE A CB  1 
ATOM   1108 C CG1 . ILE A 1 148 ? -1.401  -1.848  -2.078  1.00 10.26 ? 148 ILE A CG1 1 
ATOM   1109 C CG2 . ILE A 1 148 ? 0.537   -3.039  -1.083  1.00 11.06 ? 148 ILE A CG2 1 
ATOM   1110 C CD1 . ILE A 1 148 ? -0.841  -0.530  -2.574  1.00 11.48 ? 148 ILE A CD1 1 
ATOM   1111 N N   . LEU A 1 149 ? -0.766  -5.078  1.286   1.00 9.67  ? 149 LEU A N   1 
ATOM   1112 C CA  . LEU A 1 149 ? 0.011   -5.734  2.320   1.00 10.35 ? 149 LEU A CA  1 
ATOM   1113 C C   . LEU A 1 149 ? 1.385   -6.038  1.741   1.00 11.57 ? 149 LEU A C   1 
ATOM   1114 O O   . LEU A 1 149 ? 1.484   -6.893  0.839   1.00 11.08 ? 149 LEU A O   1 
ATOM   1115 C CB  . LEU A 1 149 ? -0.665  -7.024  2.779   1.00 11.20 ? 149 LEU A CB  1 
ATOM   1116 C CG  . LEU A 1 149 ? -1.799  -6.857  3.813   1.00 12.52 ? 149 LEU A CG  1 
ATOM   1117 C CD1 . LEU A 1 149 ? -2.998  -6.117  3.286   1.00 12.99 ? 149 LEU A CD1 1 
ATOM   1118 C CD2 . LEU A 1 149 ? -2.255  -8.203  4.332   1.00 13.89 ? 149 LEU A CD2 1 
ATOM   1119 N N   . ASP A 1 150 ? 2.415   -5.403  2.307   1.00 10.85 ? 150 ASP A N   1 
ATOM   1120 C CA  . ASP A 1 150 ? 3.779   -5.542  1.797   1.00 12.09 ? 150 ASP A CA  1 
ATOM   1121 C C   . ASP A 1 150 ? 4.524   -6.450  2.772   1.00 12.80 ? 150 ASP A C   1 
ATOM   1122 O O   . ASP A 1 150 ? 4.792   -6.028  3.890   1.00 13.16 ? 150 ASP A O   1 
ATOM   1123 C CB  . ASP A 1 150 ? 4.447   -4.169  1.694   1.00 13.14 ? 150 ASP A CB  1 
ATOM   1124 C CG  . ASP A 1 150 ? 5.712   -4.186  0.842   1.00 14.62 ? 150 ASP A CG  1 
ATOM   1125 O OD1 . ASP A 1 150 ? 6.053   -5.252  0.289   1.00 17.86 ? 150 ASP A OD1 1 
ATOM   1126 O OD2 . ASP A 1 150 ? 6.357   -3.106  0.729   1.00 16.29 ? 150 ASP A OD2 1 
ATOM   1127 N N   . GLU A 1 151 ? 4.901   -7.657  2.338   1.00 13.07 ? 151 GLU A N   1 
ATOM   1128 C CA  . GLU A 1 151 ? 5.607   -8.694  3.137   1.00 14.19 ? 151 GLU A CA  1 
ATOM   1129 C C   . GLU A 1 151 ? 4.653   -9.268  4.180   1.00 12.62 ? 151 GLU A C   1 
ATOM   1130 O O   . GLU A 1 151 ? 4.871   -9.191  5.407   1.00 11.94 ? 151 GLU A O   1 
ATOM   1131 C CB  . GLU A 1 151 ? 6.908   -8.207  3.782   1.00 15.94 ? 151 GLU A CB  1 
ATOM   1132 C CG  . GLU A 1 151 ? 7.799   -7.295  2.957   1.00 18.21 ? 151 GLU A CG  1 
ATOM   1133 C CD  . GLU A 1 151 ? 8.377   -7.901  1.732   1.00 21.98 ? 151 GLU A CD  1 
ATOM   1134 O OE1 . GLU A 1 151 ? 9.223   -7.206  1.125   1.00 25.64 ? 151 GLU A OE1 1 
ATOM   1135 O OE2 . GLU A 1 151 ? 8.002   -9.006  1.324   1.00 23.90 ? 151 GLU A OE2 1 
ATOM   1136 N N   . ALA A 1 152 ? 3.589   -9.860  3.687   1.00 11.20 ? 152 ALA A N   1 
ATOM   1137 C CA  . ALA A 1 152 ? 2.596   -10.425 4.585   1.00 11.23 ? 152 ALA A CA  1 
ATOM   1138 C C   . ALA A 1 152 ? 3.218   -11.503 5.519   1.00 10.78 ? 152 ALA A C   1 
ATOM   1139 O O   . ALA A 1 152 ? 2.848   -11.606 6.670   1.00 10.93 ? 152 ALA A O   1 
ATOM   1140 C CB  . ALA A 1 152 ? 1.446   -11.020 3.786   1.00 11.25 ? 152 ALA A CB  1 
ATOM   1141 N N   . ASP A 1 153 ? 4.095   -12.342 4.976   1.00 11.43 ? 153 ASP A N   1 
ATOM   1142 C CA  . ASP A 1 153 ? 4.702   -13.401 5.791   1.00 12.01 ? 153 ASP A CA  1 
ATOM   1143 C C   . ASP A 1 153 ? 5.510   -12.788 6.944   1.00 11.42 ? 153 ASP A C   1 
ATOM   1144 O O   . ASP A 1 153 ? 5.479   -13.275 8.042   1.00 11.51 ? 153 ASP A O   1 
ATOM   1145 C CB  . ASP A 1 153 ? 5.551   -14.386 4.960   1.00 12.46 ? 153 ASP A CB  1 
ATOM   1146 C CG  . ASP A 1 153 ? 6.549   -13.738 4.045   1.00 15.04 ? 153 ASP A CG  1 
ATOM   1147 O OD1 . ASP A 1 153 ? 6.677   -12.506 3.978   1.00 14.63 ? 153 ASP A OD1 1 
ATOM   1148 O OD2 . ASP A 1 153 ? 7.220   -14.528 3.334   1.00 15.11 ? 153 ASP A OD2 1 
ATOM   1149 N N   . GLU A 1 154 ? 6.246   -11.721 6.665   1.00 10.84 ? 154 GLU A N   1 
ATOM   1150 C CA  . GLU A 1 154 ? 7.046   -11.021 7.695   1.00 11.14 ? 154 GLU A CA  1 
ATOM   1151 C C   . GLU A 1 154 ? 6.126   -10.416 8.749   1.00 11.03 ? 154 GLU A C   1 
ATOM   1152 O O   . GLU A 1 154 ? 6.427   -10.475 9.940   1.00 9.94  ? 154 GLU A O   1 
ATOM   1153 C CB  . GLU A 1 154 ? 7.948   -9.983  7.043   1.00 12.03 ? 154 GLU A CB  1 
ATOM   1154 C CG  . GLU A 1 154 ? 9.035   -10.618 6.192   1.00 14.75 ? 154 GLU A CG  1 
ATOM   1155 C CD  . GLU A 1 154 ? 10.083  -9.626  5.671   1.00 16.71 ? 154 GLU A CD  1 
ATOM   1156 O OE1 . GLU A 1 154 ? 10.091  -8.423  6.062   1.00 18.45 ? 154 GLU A OE1 1 
ATOM   1157 O OE2 . GLU A 1 154 ? 10.896  -10.058 4.820   1.00 20.23 ? 154 GLU A OE2 1 
ATOM   1158 N N   . MET A 1 155 ? 5.020   -9.837  8.314   1.00 10.56 ? 155 MET A N   1 
ATOM   1159 C CA  . MET A 1 155 ? 4.020   -9.322  9.251   1.00 10.93 ? 155 MET A CA  1 
ATOM   1160 C C   . MET A 1 155 ? 3.512   -10.438 10.141  1.00 11.32 ? 155 MET A C   1 
ATOM   1161 O O   . MET A 1 155 ? 3.357   -10.239 11.356  1.00 10.87 ? 155 MET A O   1 
ATOM   1162 C CB  . MET A 1 155 ? 2.914   -8.591  8.488   1.00 10.97 ? 155 MET A CB  1 
ATOM   1163 C CG  . MET A 1 155 ? 3.408   -7.254  7.954   1.00 11.17 ? 155 MET A CG  1 
ATOM   1164 S SD  . MET A 1 155 ? 2.133   -6.141  7.334   1.00 12.11 ? 155 MET A SD  1 
ATOM   1165 C CE  . MET A 1 155 ? 1.830   -6.851  5.732   1.00 12.72 ? 155 MET A CE  1 
ATOM   1166 N N   . MET A 1 156 ? 3.285   -11.633 9.581   1.00 10.28 ? 156 MET A N   1 
ATOM   1167 C CA  . MET A 1 156 ? 2.884   -12.781 10.416  1.00 11.76 ? 156 MET A CA  1 
ATOM   1168 C C   . MET A 1 156 ? 3.995   -13.173 11.385  1.00 11.76 ? 156 MET A C   1 
ATOM   1169 O O   . MET A 1 156 ? 3.743   -13.427 12.565  1.00 13.08 ? 156 MET A O   1 
ATOM   1170 C CB  . MET A 1 156 ? 2.483   -13.981 9.549   1.00 13.64 ? 156 MET A CB  1 
ATOM   1171 C CG  . MET A 1 156 ? 2.063   -15.187 10.343  1.00 15.18 ? 156 MET A CG  1 
ATOM   1172 S SD  . MET A 1 156 ? 1.602   -16.509 9.251   1.00 19.79 ? 156 MET A SD  1 
ATOM   1173 C CE  . MET A 1 156 ? 1.125   -17.750 10.473  1.00 22.00 ? 156 MET A CE  1 
ATOM   1174 N N   . ASN A 1 157 ? 5.221   -13.214 10.901  1.00 10.90 ? 157 ASN A N   1 
ATOM   1175 C CA  . ASN A 1 157 ? 6.355   -13.533 11.783  1.00 11.86 ? 157 ASN A CA  1 
ATOM   1176 C C   . ASN A 1 157 ? 6.395   -12.631 12.998  1.00 12.55 ? 157 ASN A C   1 
ATOM   1177 O O   . ASN A 1 157 ? 6.720   -13.095 14.076  1.00 13.08 ? 157 ASN A O   1 
ATOM   1178 C CB  . ASN A 1 157 ? 7.697   -13.387 11.049  1.00 12.01 ? 157 ASN A CB  1 
ATOM   1179 C CG  . ASN A 1 157 ? 7.886   -14.373 9.917   1.00 11.87 ? 157 ASN A CG  1 
ATOM   1180 O OD1 . ASN A 1 157 ? 7.239   -15.419 9.810   1.00 13.19 ? 157 ASN A OD1 1 
ATOM   1181 N ND2 . ASN A 1 157 ? 8.777   -14.013 9.024   1.00 12.54 ? 157 ASN A ND2 1 
ATOM   1182 N N   . MET A 1 158 ? 6.096   -11.339 12.810  1.00 12.27 ? 158 MET A N   1 
ATOM   1183 C CA  . MET A 1 158 ? 6.187   -10.324 13.846  1.00 13.46 ? 158 MET A CA  1 
ATOM   1184 C C   . MET A 1 158 ? 4.949   -10.249 14.736  1.00 13.81 ? 158 MET A C   1 
ATOM   1185 O O   . MET A 1 158 ? 4.883   -9.402  15.586  1.00 14.82 ? 158 MET A O   1 
ATOM   1186 C CB  . MET A 1 158 ? 6.578   -8.985  13.257  1.00 15.77 ? 158 MET A CB  1 
ATOM   1187 C CG  . MET A 1 158 ? 7.996   -9.022  12.733  1.00 18.43 ? 158 MET A CG  1 
ATOM   1188 S SD  . MET A 1 158 ? 8.412   -7.530  11.868  1.00 21.99 ? 158 MET A SD  1 
ATOM   1189 C CE  . MET A 1 158 ? 10.004  -7.992  11.230  1.00 22.13 ? 158 MET A CE  1 
ATOM   1190 N N   . GLY A 1 159 ? 3.981   -11.120 14.524  1.00 12.22 ? 159 GLY A N   1 
ATOM   1191 C CA  . GLY A 1 159 ? 2.864   -11.213 15.456  1.00 12.24 ? 159 GLY A CA  1 
ATOM   1192 C C   . GLY A 1 159 ? 1.597   -10.536 15.021  1.00 11.24 ? 159 GLY A C   1 
ATOM   1193 O O   . GLY A 1 159 ? 0.642   -10.399 15.814  1.00 12.34 ? 159 GLY A O   1 
ATOM   1194 N N   . PHE A 1 160 ? 1.522   -10.169 13.752  1.00 11.33 ? 160 PHE A N   1 
ATOM   1195 C CA  . PHE A 1 160 ? 0.417   -9.316  13.258  1.00 11.17 ? 160 PHE A CA  1 
ATOM   1196 C C   . PHE A 1 160 ? -0.707  -10.048 12.523  1.00 11.01 ? 160 PHE A C   1 
ATOM   1197 O O   . PHE A 1 160 ? -1.533  -9.395  11.887  1.00 11.71 ? 160 PHE A O   1 
ATOM   1198 C CB  . PHE A 1 160 ? 0.915   -8.188  12.342  1.00 10.90 ? 160 PHE A CB  1 
ATOM   1199 C CG  . PHE A 1 160 ? 1.854   -7.187  13.008  1.00 11.06 ? 160 PHE A CG  1 
ATOM   1200 C CD1 . PHE A 1 160 ? 1.491   -6.481  14.134  1.00 11.76 ? 160 PHE A CD1 1 
ATOM   1201 C CD2 . PHE A 1 160 ? 3.099   -6.943  12.441  1.00 11.37 ? 160 PHE A CD2 1 
ATOM   1202 C CE1 . PHE A 1 160 ? 2.338   -5.555  14.705  1.00 11.70 ? 160 PHE A CE1 1 
ATOM   1203 C CE2 . PHE A 1 160 ? 3.988   -6.039  13.038  1.00 11.90 ? 160 PHE A CE2 1 
ATOM   1204 C CZ  . PHE A 1 160 ? 3.594   -5.343  14.138  1.00 12.22 ? 160 PHE A CZ  1 
ATOM   1205 N N   . ILE A 1 161 ? -0.789  -11.371 12.599  1.00 11.02 ? 161 ILE A N   1 
ATOM   1206 C CA  . ILE A 1 161 ? -1.790  -12.070 11.771  1.00 11.45 ? 161 ILE A CA  1 
ATOM   1207 C C   . ILE A 1 161 ? -3.204  -11.636 12.142  1.00 12.06 ? 161 ILE A C   1 
ATOM   1208 O O   . ILE A 1 161 ? -4.011  -11.347 11.234  1.00 13.37 ? 161 ILE A O   1 
ATOM   1209 C CB  . ILE A 1 161 ? -1.647  -13.613 11.822  1.00 12.26 ? 161 ILE A CB  1 
ATOM   1210 C CG1 . ILE A 1 161 ? -2.575  -14.269 10.780  1.00 13.57 ? 161 ILE A CG1 1 
ATOM   1211 C CG2 . ILE A 1 161 ? -1.944  -14.172 13.223  1.00 12.26 ? 161 ILE A CG2 1 
ATOM   1212 C CD1 . ILE A 1 161 ? -2.164  -13.966 9.353   1.00 14.58 ? 161 ILE A CD1 1 
ATOM   1213 N N   . ASP A 1 162 ? -3.510  -11.531 13.426  1.00 13.40 ? 162 ASP A N   1 
ATOM   1214 C CA  . ASP A 1 162 ? -4.841  -11.082 13.820  1.00 14.17 ? 162 ASP A CA  1 
ATOM   1215 C C   . ASP A 1 162 ? -5.083  -9.620  13.478  1.00 13.70 ? 162 ASP A C   1 
ATOM   1216 O O   . ASP A 1 162 ? -6.196  -9.244  13.152  1.00 13.14 ? 162 ASP A O   1 
ATOM   1217 C CB  . ASP A 1 162 ? -5.094  -11.319 15.307  1.00 16.63 ? 162 ASP A CB  1 
ATOM   1218 C CG  . ASP A 1 162 ? -5.212  -12.804 15.667  1.00 21.13 ? 162 ASP A CG  1 
ATOM   1219 O OD1 . ASP A 1 162 ? -5.629  -13.612 14.826  1.00 26.30 ? 162 ASP A OD1 1 
ATOM   1220 O OD2 . ASP A 1 162 ? -4.925  -13.131 16.836  1.00 28.25 ? 162 ASP A OD2 1 
ATOM   1221 N N   . ASP A 1 163 ? -4.027  -8.812  13.524  1.00 13.15 ? 163 ASP A N   1 
ATOM   1222 C CA  A ASP A 1 163 ? -4.145  -7.407  13.119  0.50 13.17 ? 163 ASP A CA  1 
ATOM   1223 C CA  B ASP A 1 163 ? -4.122  -7.401  13.114  0.50 12.88 ? 163 ASP A CA  1 
ATOM   1224 C C   . ASP A 1 163 ? -4.450  -7.259  11.621  1.00 12.44 ? 163 ASP A C   1 
ATOM   1225 O O   . ASP A 1 163 ? -5.273  -6.437  11.231  1.00 12.63 ? 163 ASP A O   1 
ATOM   1226 C CB  A ASP A 1 163 ? -2.892  -6.632  13.506  0.50 14.40 ? 163 ASP A CB  1 
ATOM   1227 C CB  B ASP A 1 163 ? -2.825  -6.645  13.418  0.50 13.55 ? 163 ASP A CB  1 
ATOM   1228 C CG  A ASP A 1 163 ? -2.686  -6.597  15.011  0.50 15.77 ? 163 ASP A CG  1 
ATOM   1229 C CG  B ASP A 1 163 ? -2.414  -6.737  14.880  0.50 14.21 ? 163 ASP A CG  1 
ATOM   1230 O OD1 A ASP A 1 163 ? -3.688  -6.752  15.740  0.50 17.30 ? 163 ASP A OD1 1 
ATOM   1231 O OD1 B ASP A 1 163 ? -2.019  -7.832  15.331  0.50 14.13 ? 163 ASP A OD1 1 
ATOM   1232 O OD2 A ASP A 1 163 ? -1.535  -6.409  15.465  0.50 17.81 ? 163 ASP A OD2 1 
ATOM   1233 O OD2 B ASP A 1 163 ? -2.466  -5.691  15.571  0.50 16.30 ? 163 ASP A OD2 1 
ATOM   1234 N N   . MET A 1 164 ? -3.774  -8.048  10.780  1.00 12.26 ? 164 MET A N   1 
ATOM   1235 C CA  . MET A 1 164 ? -4.055  -8.027  9.381   1.00 12.65 ? 164 MET A CA  1 
ATOM   1236 C C   . MET A 1 164 ? -5.519  -8.427  9.084   1.00 11.63 ? 164 MET A C   1 
ATOM   1237 O O   . MET A 1 164 ? -6.146  -7.857  8.286   1.00 11.38 ? 164 MET A O   1 
ATOM   1238 C CB  . MET A 1 164 ? -3.103  -8.928  8.596   1.00 13.12 ? 164 MET A CB  1 
ATOM   1239 C CG  . MET A 1 164 ? -1.700  -8.363  8.478   1.00 14.12 ? 164 MET A CG  1 
ATOM   1240 S SD  . MET A 1 164 ? -0.590  -9.378  7.380   1.00 15.09 ? 164 MET A SD  1 
ATOM   1241 C CE  . MET A 1 164 ? -0.205  -10.695 8.549   1.00 15.75 ? 164 MET A CE  1 
ATOM   1242 N N   . ARG A 1 165 ? -5.989  -9.457  9.778   1.00 11.49 ? 165 ARG A N   1 
ATOM   1243 C CA  . ARG A 1 165 ? -7.349  -9.943  9.600   1.00 12.12 ? 165 ARG A CA  1 
ATOM   1244 C C   . ARG A 1 165 ? -8.350  -8.869  9.998   1.00 12.43 ? 165 ARG A C   1 
ATOM   1245 O O   . ARG A 1 165 ? -9.380  -8.690  9.348   1.00 11.96 ? 165 ARG A O   1 
ATOM   1246 C CB  . ARG A 1 165 ? -7.579  -11.210 10.425  1.00 13.92 ? 165 ARG A CB  1 
ATOM   1247 C CG  . ARG A 1 165 ? -6.673  -12.370 10.047  1.00 17.01 ? 165 ARG A CG  1 
ATOM   1248 C CD  . ARG A 1 165 ? -6.968  -13.600 10.891  1.00 19.70 ? 165 ARG A CD  1 
ATOM   1249 N NE  . ARG A 1 165 ? -8.347  -14.052 10.734  1.00 20.73 ? 165 ARG A NE  1 
ATOM   1250 C CZ  . ARG A 1 165 ? -8.747  -14.925 9.816   1.00 20.39 ? 165 ARG A CZ  1 
ATOM   1251 N NH1 . ARG A 1 165 ? -10.023 -15.280 9.746   1.00 22.74 ? 165 ARG A NH1 1 
ATOM   1252 N NH2 . ARG A 1 165 ? -7.872  -15.444 8.966   1.00 20.34 ? 165 ARG A NH2 1 
ATOM   1253 N N   . PHE A 1 166 ? -8.041  -8.155  11.077  1.00 11.91 ? 166 PHE A N   1 
ATOM   1254 C CA  . PHE A 1 166 ? -8.918  -7.107  11.568  1.00 12.39 ? 166 PHE A CA  1 
ATOM   1255 C C   . PHE A 1 166 ? -9.038  -5.941  10.613  1.00 12.16 ? 166 PHE A C   1 
ATOM   1256 O O   . PHE A 1 166 ? -10.097 -5.435  10.359  1.00 12.60 ? 166 PHE A O   1 
ATOM   1257 C CB  . PHE A 1 166 ? -8.416  -6.581  12.937  1.00 12.29 ? 166 PHE A CB  1 
ATOM   1258 C CG  . PHE A 1 166 ? -9.253  -5.510  13.551  1.00 13.30 ? 166 PHE A CG  1 
ATOM   1259 C CD1 . PHE A 1 166 ? -9.034  -4.201  13.249  1.00 15.24 ? 166 PHE A CD1 1 
ATOM   1260 C CD2 . PHE A 1 166 ? -10.207 -5.824  14.462  1.00 14.81 ? 166 PHE A CD2 1 
ATOM   1261 C CE1 . PHE A 1 166 ? -9.759  -3.214  13.837  1.00 15.10 ? 166 PHE A CE1 1 
ATOM   1262 C CE2 . PHE A 1 166 ? -10.922 -4.834  15.052  1.00 16.36 ? 166 PHE A CE2 1 
ATOM   1263 C CZ  . PHE A 1 166 ? -10.713 -3.527  14.741  1.00 15.59 ? 166 PHE A CZ  1 
ATOM   1264 N N   . ILE A 1 167 ? -7.890  -5.568  10.071  1.00 11.53 ? 167 ILE A N   1 
ATOM   1265 C CA  . ILE A 1 167 ? -7.829  -4.421  9.184   1.00 11.40 ? 167 ILE A CA  1 
ATOM   1266 C C   . ILE A 1 167 ? -8.554  -4.744  7.879   1.00 11.42 ? 167 ILE A C   1 
ATOM   1267 O O   . ILE A 1 167 ? -9.343  -3.952  7.383   1.00 11.45 ? 167 ILE A O   1 
ATOM   1268 C CB  . ILE A 1 167 ? -6.357  -4.027  8.894   1.00 10.95 ? 167 ILE A CB  1 
ATOM   1269 C CG1 . ILE A 1 167 ? -5.728  -3.395  10.134  1.00 10.54 ? 167 ILE A CG1 1 
ATOM   1270 C CG2 . ILE A 1 167 ? -6.231  -3.024  7.771   1.00 11.08 ? 167 ILE A CG2 1 
ATOM   1271 C CD1 . ILE A 1 167 ? -4.218  -3.355  10.088  1.00 11.31 ? 167 ILE A CD1 1 
ATOM   1272 N N   . MET A 1 168 ? -8.247  -5.887  7.299   1.00 11.36 ? 168 MET A N   1 
ATOM   1273 C CA  . MET A 1 168 ? -8.877  -6.287  6.023   1.00 12.24 ? 168 MET A CA  1 
ATOM   1274 C C   . MET A 1 168 ? -10.395 -6.435  6.161   1.00 13.17 ? 168 MET A C   1 
ATOM   1275 O O   . MET A 1 168 ? -11.123 -6.105  5.230   1.00 13.96 ? 168 MET A O   1 
ATOM   1276 C CB  . MET A 1 168 ? -8.248  -7.584  5.503   1.00 12.33 ? 168 MET A CB  1 
ATOM   1277 C CG  . MET A 1 168 ? -6.794  -7.447  5.053   1.00 13.06 ? 168 MET A CG  1 
ATOM   1278 S SD  . MET A 1 168 ? -6.049  -9.001  4.513   1.00 13.65 ? 168 MET A SD  1 
ATOM   1279 C CE  . MET A 1 168 ? -6.051  -8.757  2.743   1.00 14.71 ? 168 MET A CE  1 
ATOM   1280 N N   . ASP A 1 169 ? -10.865 -6.924  7.307   1.00 13.86 ? 169 ASP A N   1 
ATOM   1281 C CA  . ASP A 1 169 ? -12.298 -7.047  7.574   1.00 15.12 ? 169 ASP A CA  1 
ATOM   1282 C C   . ASP A 1 169 ? -12.956 -5.696  7.806   1.00 15.25 ? 169 ASP A C   1 
ATOM   1283 O O   . ASP A 1 169 ? -14.080 -5.497  7.382   1.00 16.01 ? 169 ASP A O   1 
ATOM   1284 C CB  . ASP A 1 169 ? -12.490 -7.918  8.801   1.00 16.24 ? 169 ASP A CB  1 
ATOM   1285 C CG  . ASP A 1 169 ? -13.926 -8.197  9.103   1.00 20.00 ? 169 ASP A CG  1 
ATOM   1286 O OD1 . ASP A 1 169 ? -14.622 -8.790  8.246   1.00 23.62 ? 169 ASP A OD1 1 
ATOM   1287 O OD2 . ASP A 1 169 ? -14.352 -7.784  10.201  1.00 24.92 ? 169 ASP A OD2 1 
ATOM   1288 N N   . LYS A 1 170 ? -12.275 -4.800  8.514   1.00 13.72 ? 170 LYS A N   1 
ATOM   1289 C CA  . LYS A 1 170 ? -12.869 -3.493  8.911   1.00 14.88 ? 170 LYS A CA  1 
ATOM   1290 C C   . LYS A 1 170 ? -13.056 -2.556  7.740   1.00 15.00 ? 170 LYS A C   1 
ATOM   1291 O O   . LYS A 1 170 ? -14.018 -1.760  7.674   1.00 16.67 ? 170 LYS A O   1 
ATOM   1292 C CB  . LYS A 1 170 ? -12.026 -2.807  10.009  1.00 17.21 ? 170 LYS A CB  1 
ATOM   1293 C CG  . LYS A 1 170 ? -12.522 -1.406  10.412  1.00 19.37 ? 170 LYS A CG  1 
ATOM   1294 C CD  . LYS A 1 170 ? -11.837 -0.845  11.659  1.00 23.86 ? 170 LYS A CD  1 
ATOM   1295 C CE  . LYS A 1 170 ? -12.773 -0.007  12.528  1.00 26.48 ? 170 LYS A CE  1 
ATOM   1296 N NZ  . LYS A 1 170 ? -12.195 0.338   13.867  1.00 30.17 ? 170 LYS A NZ  1 
ATOM   1297 N N   . ILE A 1 171 ? -12.122 -2.589  6.801   1.00 13.63 ? 171 ILE A N   1 
ATOM   1298 C CA  . ILE A 1 171 ? -12.180 -1.686  5.660   1.00 13.29 ? 171 ILE A CA  1 
ATOM   1299 C C   . ILE A 1 171 ? -13.117 -2.272  4.603   1.00 13.52 ? 171 ILE A C   1 
ATOM   1300 O O   . ILE A 1 171 ? -12.926 -3.379  4.190   1.00 14.20 ? 171 ILE A O   1 
ATOM   1301 C CB  . ILE A 1 171 ? -10.805 -1.445  5.013   1.00 13.68 ? 171 ILE A CB  1 
ATOM   1302 C CG1 . ILE A 1 171 ? -9.868  -0.815  6.039   1.00 14.07 ? 171 ILE A CG1 1 
ATOM   1303 C CG2 . ILE A 1 171 ? -10.963 -0.576  3.761   1.00 14.17 ? 171 ILE A CG2 1 
ATOM   1304 C CD1 . ILE A 1 171 ? -8.458  -0.762  5.534   1.00 14.87 ? 171 ILE A CD1 1 
ATOM   1305 N N   . PRO A 1 172 ? -14.130 -1.502  4.150   1.00 13.75 ? 172 PRO A N   1 
ATOM   1306 C CA  . PRO A 1 172 ? -15.097 -2.040  3.163   1.00 13.34 ? 172 PRO A CA  1 
ATOM   1307 C C   . PRO A 1 172 ? -14.408 -2.536  1.910   1.00 12.33 ? 172 PRO A C   1 
ATOM   1308 O O   . PRO A 1 172 ? -13.452 -1.915  1.461   1.00 12.51 ? 172 PRO A O   1 
ATOM   1309 C CB  . PRO A 1 172 ? -16.003 -0.860  2.889   1.00 13.91 ? 172 PRO A CB  1 
ATOM   1310 C CG  . PRO A 1 172 ? -15.975 -0.114  4.183   1.00 14.48 ? 172 PRO A CG  1 
ATOM   1311 C CD  . PRO A 1 172 ? -14.544 -0.182  4.639   1.00 14.36 ? 172 PRO A CD  1 
ATOM   1312 N N   . ALA A 1 173 ? -14.901 -3.632  1.366   1.00 12.77 ? 173 ALA A N   1 
ATOM   1313 C CA  . ALA A 1 173 ? -14.258 -4.256  0.208   1.00 12.53 ? 173 ALA A CA  1 
ATOM   1314 C C   . ALA A 1 173 ? -14.943 -3.919  -1.104  1.00 13.28 ? 173 ALA A C   1 
ATOM   1315 O O   . ALA A 1 173 ? -14.329 -4.138  -2.140  1.00 12.54 ? 173 ALA A O   1 
ATOM   1316 C CB  . ALA A 1 173 ? -14.221 -5.768  0.388   1.00 13.78 ? 173 ALA A CB  1 
ATOM   1317 N N   . VAL A 1 174 ? -16.148 -3.329  -1.090  1.00 13.69 ? 174 VAL A N   1 
ATOM   1318 C CA  A VAL A 1 174 ? -16.960 -3.258  -2.309  0.50 14.31 ? 174 VAL A CA  1 
ATOM   1319 C CA  B VAL A 1 174 ? -16.976 -3.212  -2.298  0.50 14.12 ? 174 VAL A CA  1 
ATOM   1320 C C   . VAL A 1 174 ? -16.269 -2.511  -3.452  1.00 13.87 ? 174 VAL A C   1 
ATOM   1321 O O   . VAL A 1 174 ? -16.338 -2.969  -4.608  1.00 15.20 ? 174 VAL A O   1 
ATOM   1322 C CB  A VAL A 1 174 ? -18.421 -2.818  -1.990  0.50 15.06 ? 174 VAL A CB  1 
ATOM   1323 C CB  B VAL A 1 174 ? -18.373 -2.573  -2.006  0.50 14.65 ? 174 VAL A CB  1 
ATOM   1324 C CG1 A VAL A 1 174 ? -19.191 -2.326  -3.216  0.50 14.81 ? 174 VAL A CG1 1 
ATOM   1325 C CG1 B VAL A 1 174 ? -19.177 -3.461  -1.076  0.50 16.38 ? 174 VAL A CG1 1 
ATOM   1326 C CG2 A VAL A 1 174 ? -19.161 -4.015  -1.416  0.50 16.72 ? 174 VAL A CG2 1 
ATOM   1327 C CG2 B VAL A 1 174 ? -18.272 -1.168  -1.436  0.50 13.98 ? 174 VAL A CG2 1 
ATOM   1328 N N   . GLN A 1 175 ? -15.603 -1.409  -3.150  1.00 14.02 ? 175 GLN A N   1 
ATOM   1329 C CA  . GLN A 1 175 ? -14.857 -0.646  -4.138  1.00 14.28 ? 175 GLN A CA  1 
ATOM   1330 C C   . GLN A 1 175 ? -13.378 -0.577  -3.730  1.00 13.49 ? 175 GLN A C   1 
ATOM   1331 O O   . GLN A 1 175 ? -12.744 0.477   -3.876  1.00 15.34 ? 175 GLN A O   1 
ATOM   1332 C CB  . GLN A 1 175 ? -15.426 0.780   -4.292  1.00 16.27 ? 175 GLN A CB  1 
ATOM   1333 C CG  . GLN A 1 175 ? -16.820 0.865   -4.867  1.00 19.12 ? 175 GLN A CG  1 
ATOM   1334 C CD  . GLN A 1 175 ? -17.391 2.298   -4.854  1.00 20.28 ? 175 GLN A CD  1 
ATOM   1335 O OE1 . GLN A 1 175 ? -16.656 3.290   -4.730  1.00 23.15 ? 175 GLN A OE1 1 
ATOM   1336 N NE2 . GLN A 1 175 ? -18.678 2.400   -5.064  1.00 23.44 ? 175 GLN A NE2 1 
ATOM   1337 N N   . ARG A 1 176 ? -12.845 -1.691  -3.215  1.00 11.72 ? 176 ARG A N   1 
ATOM   1338 C CA  . ARG A 1 176 ? -11.459 -1.738  -2.735  1.00 11.21 ? 176 ARG A CA  1 
ATOM   1339 C C   . ARG A 1 176 ? -10.653 -2.704  -3.560  1.00 10.52 ? 176 ARG A C   1 
ATOM   1340 O O   . ARG A 1 176 ? -11.063 -3.851  -3.791  1.00 11.79 ? 176 ARG A O   1 
ATOM   1341 C CB  . ARG A 1 176 ? -11.386 -2.178  -1.285  1.00 10.68 ? 176 ARG A CB  1 
ATOM   1342 C CG  . ARG A 1 176 ? -10.045 -1.977  -0.581  1.00 10.27 ? 176 ARG A CG  1 
ATOM   1343 C CD  . ARG A 1 176 ? -10.082 -2.613  0.768   1.00 11.41 ? 176 ARG A CD  1 
ATOM   1344 N NE  . ARG A 1 176 ? -9.852  -4.037  0.679   1.00 11.39 ? 176 ARG A NE  1 
ATOM   1345 C CZ  . ARG A 1 176 ? -10.183 -4.913  1.587   1.00 11.80 ? 176 ARG A CZ  1 
ATOM   1346 N NH1 . ARG A 1 176 ? -9.835  -6.197  1.440   1.00 12.21 ? 176 ARG A NH1 1 
ATOM   1347 N NH2 . ARG A 1 176 ? -10.904 -4.538  2.657   1.00 12.48 ? 176 ARG A NH2 1 
ATOM   1348 N N   . GLN A 1 177 ? -9.526  -2.214  -4.055  1.00 9.17  ? 177 GLN A N   1 
ATOM   1349 C CA  . GLN A 1 177 ? -8.520  -3.038  -4.693  1.00 9.43  ? 177 GLN A CA  1 
ATOM   1350 C C   . GLN A 1 177 ? -7.574  -3.483  -3.588  1.00 8.98  ? 177 GLN A C   1 
ATOM   1351 O O   . GLN A 1 177 ? -7.101  -2.662  -2.839  1.00 9.24  ? 177 GLN A O   1 
ATOM   1352 C CB  . GLN A 1 177 ? -7.759  -2.214  -5.703  1.00 9.62  ? 177 GLN A CB  1 
ATOM   1353 C CG  . GLN A 1 177 ? -6.659  -2.963  -6.414  1.00 10.56 ? 177 GLN A CG  1 
ATOM   1354 C CD  . GLN A 1 177 ? -6.008  -2.141  -7.482  1.00 10.55 ? 177 GLN A CD  1 
ATOM   1355 O OE1 . GLN A 1 177 ? -5.782  -0.949  -7.279  1.00 12.15 ? 177 GLN A OE1 1 
ATOM   1356 N NE2 . GLN A 1 177 ? -5.701  -2.748  -8.630  1.00 10.32 ? 177 GLN A NE2 1 
ATOM   1357 N N   . THR A 1 178 ? -7.264  -4.773  -3.513  1.00 8.77  ? 178 THR A N   1 
ATOM   1358 C CA  . THR A 1 178 ? -6.393  -5.346  -2.510  1.00 9.41  ? 178 THR A CA  1 
ATOM   1359 C C   . THR A 1 178 ? -5.207  -6.004  -3.194  1.00 8.92  ? 178 THR A C   1 
ATOM   1360 O O   . THR A 1 178 ? -5.393  -6.721  -4.192  1.00 9.59  ? 178 THR A O   1 
ATOM   1361 C CB  . THR A 1 178 ? -7.116  -6.352  -1.611  1.00 10.62 ? 178 THR A CB  1 
ATOM   1362 O OG1 . THR A 1 178 ? -8.337  -5.761  -1.148  1.00 10.91 ? 178 THR A OG1 1 
ATOM   1363 C CG2 . THR A 1 178 ? -6.277  -6.720  -0.415  1.00 11.54 ? 178 THR A CG2 1 
ATOM   1364 N N   . MET A 1 179 ? -4.016  -5.770  -2.645  1.00 9.21  ? 179 MET A N   1 
ATOM   1365 C CA  . MET A 1 179 ? -2.805  -6.400  -3.136  1.00 9.54  ? 179 MET A CA  1 
ATOM   1366 C C   . MET A 1 179 ? -2.049  -6.983  -1.944  1.00 9.79  ? 179 MET A C   1 
ATOM   1367 O O   . MET A 1 179 ? -2.033  -6.405  -0.832  1.00 10.52 ? 179 MET A O   1 
ATOM   1368 C CB  . MET A 1 179 ? -1.917  -5.469  -3.904  1.00 9.91  ? 179 MET A CB  1 
ATOM   1369 C CG  . MET A 1 179 ? -2.650  -4.665  -4.978  1.00 10.71 ? 179 MET A CG  1 
ATOM   1370 S SD  . MET A 1 179 ? -1.456  -3.747  -5.890  1.00 13.35 ? 179 MET A SD  1 
ATOM   1371 C CE  . MET A 1 179 ? -2.515  -2.875  -7.016  1.00 14.10 ? 179 MET A CE  1 
ATOM   1372 N N   . LEU A 1 180 ? -1.431  -8.138  -2.170  1.00 9.49  ? 180 LEU A N   1 
ATOM   1373 C CA  . LEU A 1 180 ? -0.706  -8.815  -1.120  1.00 9.91  ? 180 LEU A CA  1 
ATOM   1374 C C   . LEU A 1 180 ? 0.603   -9.305  -1.728  1.00 10.17 ? 180 LEU A C   1 
ATOM   1375 O O   . LEU A 1 180 ? 0.581   -10.084 -2.728  1.00 10.69 ? 180 LEU A O   1 
ATOM   1376 C CB  . LEU A 1 180 ? -1.547  -9.965  -0.531  1.00 10.08 ? 180 LEU A CB  1 
ATOM   1377 C CG  . LEU A 1 180 ? -0.943  -10.686 0.688   1.00 11.17 ? 180 LEU A CG  1 
ATOM   1378 C CD1 . LEU A 1 180 ? -2.027  -11.244 1.628   1.00 11.22 ? 180 LEU A CD1 1 
ATOM   1379 C CD2 . LEU A 1 180 ? 0.021   -11.759 0.280   1.00 11.60 ? 180 LEU A CD2 1 
ATOM   1380 N N   . PHE A 1 181 ? 1.720   -8.897  -1.110  1.00 10.39 ? 181 PHE A N   1 
ATOM   1381 C CA  . PHE A 1 181 ? 3.052   -9.278  -1.611  1.00 10.92 ? 181 PHE A CA  1 
ATOM   1382 C C   . PHE A 1 181 ? 3.721   -10.077 -0.526  1.00 12.45 ? 181 PHE A C   1 
ATOM   1383 O O   . PHE A 1 181 ? 3.735   -9.649  0.621   1.00 12.74 ? 181 PHE A O   1 
ATOM   1384 C CB  . PHE A 1 181 ? 3.885   -8.063  -1.975  1.00 11.98 ? 181 PHE A CB  1 
ATOM   1385 C CG  . PHE A 1 181 ? 3.368   -7.362  -3.156  1.00 13.34 ? 181 PHE A CG  1 
ATOM   1386 C CD1 . PHE A 1 181 ? 2.370   -6.437  -3.024  1.00 14.45 ? 181 PHE A CD1 1 
ATOM   1387 C CD2 . PHE A 1 181 ? 3.817   -7.690  -4.423  1.00 14.90 ? 181 PHE A CD2 1 
ATOM   1388 C CE1 . PHE A 1 181 ? 1.828   -5.812  -4.141  1.00 14.35 ? 181 PHE A CE1 1 
ATOM   1389 C CE2 . PHE A 1 181 ? 3.276   -7.083  -5.554  1.00 15.81 ? 181 PHE A CE2 1 
ATOM   1390 C CZ  . PHE A 1 181 ? 2.275   -6.145  -5.397  1.00 15.69 ? 181 PHE A CZ  1 
ATOM   1391 N N   . SER A 1 182 ? 4.245   -11.257 -0.844  1.00 11.80 ? 182 SER A N   1 
ATOM   1392 C CA  . SER A 1 182 ? 4.905   -12.076 0.167   1.00 13.07 ? 182 SER A CA  1 
ATOM   1393 C C   . SER A 1 182 ? 5.864   -13.019 -0.524  1.00 14.19 ? 182 SER A C   1 
ATOM   1394 O O   . SER A 1 182 ? 5.520   -13.543 -1.563  1.00 16.03 ? 182 SER A O   1 
ATOM   1395 C CB  . SER A 1 182 ? 3.847   -12.828 0.980   1.00 13.87 ? 182 SER A CB  1 
ATOM   1396 O OG  . SER A 1 182 ? 4.398   -13.473 2.140   1.00 13.69 ? 182 SER A OG  1 
ATOM   1397 N N   . ALA A 1 183 ? 7.026   -13.261 0.058   1.00 14.57 ? 183 ALA A N   1 
ATOM   1398 C CA  . ALA A 1 183 ? 7.933   -14.237 -0.532  1.00 15.06 ? 183 ALA A CA  1 
ATOM   1399 C C   . ALA A 1 183 ? 7.430   -15.687 -0.361  1.00 16.38 ? 183 ALA A C   1 
ATOM   1400 O O   . ALA A 1 183 ? 7.728   -16.554 -1.169  1.00 18.06 ? 183 ALA A O   1 
ATOM   1401 C CB  . ALA A 1 183 ? 9.317   -14.086 0.080   1.00 15.53 ? 183 ALA A CB  1 
ATOM   1402 N N   . THR A 1 184 ? 6.699   -15.952 0.714   1.00 15.20 ? 184 THR A N   1 
ATOM   1403 C CA  . THR A 1 184 ? 6.200   -17.277 1.046   1.00 14.58 ? 184 THR A CA  1 
ATOM   1404 C C   . THR A 1 184 ? 4.721   -17.144 1.326   1.00 15.29 ? 184 THR A C   1 
ATOM   1405 O O   . THR A 1 184 ? 4.245   -16.035 1.604   1.00 14.54 ? 184 THR A O   1 
ATOM   1406 C CB  . THR A 1 184 ? 6.926   -17.878 2.281   1.00 15.65 ? 184 THR A CB  1 
ATOM   1407 O OG1 . THR A 1 184 ? 6.610   -17.131 3.459   1.00 14.78 ? 184 THR A OG1 1 
ATOM   1408 C CG2 . THR A 1 184 ? 8.409   -17.864 2.090   1.00 15.33 ? 184 THR A CG2 1 
ATOM   1409 N N   . MET A 1 185 ? 4.012   -18.269 1.250   1.00 15.88 ? 185 MET A N   1 
ATOM   1410 C CA  . MET A 1 185 ? 2.565   -18.288 1.519   1.00 16.14 ? 185 MET A CA  1 
ATOM   1411 C C   . MET A 1 185 ? 2.188   -19.306 2.594   1.00 14.85 ? 185 MET A C   1 
ATOM   1412 O O   . MET A 1 185 ? 1.719   -20.366 2.283   1.00 16.58 ? 185 MET A O   1 
ATOM   1413 C CB  . MET A 1 185 ? 1.792   -18.583 0.227   1.00 18.52 ? 185 MET A CB  1 
ATOM   1414 C CG  . MET A 1 185 ? 1.959   -17.518 -0.826  1.00 20.11 ? 185 MET A CG  1 
ATOM   1415 S SD  . MET A 1 185 ? 1.143   -16.014 -0.333  1.00 19.99 ? 185 MET A SD  1 
ATOM   1416 C CE  . MET A 1 185 ? -0.593  -16.462 -0.457  1.00 19.35 ? 185 MET A CE  1 
ATOM   1417 N N   . PRO A 1 186 ? 2.408   -18.974 3.875   1.00 14.65 ? 186 PRO A N   1 
ATOM   1418 C CA  . PRO A 1 186 ? 1.954   -19.781 4.993   1.00 14.03 ? 186 PRO A CA  1 
ATOM   1419 C C   . PRO A 1 186 ? 0.421   -19.940 4.946   1.00 13.23 ? 186 PRO A C   1 
ATOM   1420 O O   . PRO A 1 186 ? -0.288  -19.085 4.373   1.00 13.59 ? 186 PRO A O   1 
ATOM   1421 C CB  . PRO A 1 186 ? 2.349   -18.947 6.213   1.00 15.77 ? 186 PRO A CB  1 
ATOM   1422 C CG  . PRO A 1 186 ? 3.365   -18.004 5.740   1.00 15.90 ? 186 PRO A CG  1 
ATOM   1423 C CD  . PRO A 1 186 ? 3.081   -17.745 4.320   1.00 15.39 ? 186 PRO A CD  1 
ATOM   1424 N N   . LYS A 1 187 ? -0.072  -21.021 5.541   1.00 13.54 ? 187 LYS A N   1 
ATOM   1425 C CA  . LYS A 1 187 ? -1.511  -21.307 5.579   1.00 13.03 ? 187 LYS A CA  1 
ATOM   1426 C C   . LYS A 1 187 ? -2.375  -20.078 5.977   1.00 12.29 ? 187 LYS A C   1 
ATOM   1427 O O   . LYS A 1 187 ? -3.366  -19.788 5.325   1.00 12.01 ? 187 LYS A O   1 
ATOM   1428 C CB  . LYS A 1 187 ? -1.798  -22.498 6.511   1.00 15.13 ? 187 LYS A CB  1 
ATOM   1429 C CG  . LYS A 1 187 ? -3.202  -23.038 6.430   1.00 16.69 ? 187 LYS A CG  1 
ATOM   1430 C CD  . LYS A 1 187 ? -3.392  -24.249 7.331   1.00 19.23 ? 187 LYS A CD  1 
ATOM   1431 C CE  . LYS A 1 187 ? -4.834  -24.718 7.270   1.00 21.75 ? 187 LYS A CE  1 
ATOM   1432 N NZ  . LYS A 1 187 ? -5.165  -25.628 8.385   1.00 23.85 ? 187 LYS A NZ  1 
ATOM   1433 N N   . ALA A 1 188 ? -1.978  -19.347 7.019   1.00 11.91 ? 188 ALA A N   1 
ATOM   1434 C CA  . ALA A 1 188 ? -2.769  -18.230 7.506   1.00 12.78 ? 188 ALA A CA  1 
ATOM   1435 C C   . ALA A 1 188 ? -2.826  -17.078 6.500   1.00 11.80 ? 188 ALA A C   1 
ATOM   1436 O O   . ALA A 1 188 ? -3.792  -16.301 6.467   1.00 13.26 ? 188 ALA A O   1 
ATOM   1437 C CB  . ALA A 1 188 ? -2.173  -17.743 8.818   1.00 13.21 ? 188 ALA A CB  1 
ATOM   1438 N N   . ILE A 1 189 ? -1.762  -16.948 5.707   1.00 11.52 ? 189 ILE A N   1 
ATOM   1439 C CA  . ILE A 1 189 ? -1.721  -15.926 4.671   1.00 11.85 ? 189 ILE A CA  1 
ATOM   1440 C C   . ILE A 1 189 ? -2.587  -16.340 3.514   1.00 11.25 ? 189 ILE A C   1 
ATOM   1441 O O   . ILE A 1 189 ? -3.301  -15.522 2.941   1.00 11.77 ? 189 ILE A O   1 
ATOM   1442 C CB  . ILE A 1 189 ? -0.293  -15.630 4.203   1.00 12.50 ? 189 ILE A CB  1 
ATOM   1443 C CG1 . ILE A 1 189 ? 0.576   -15.136 5.373   1.00 12.77 ? 189 ILE A CG1 1 
ATOM   1444 C CG2 . ILE A 1 189 ? -0.303  -14.575 3.098   1.00 12.85 ? 189 ILE A CG2 1 
ATOM   1445 C CD1 . ILE A 1 189 ? 0.061   -13.944 6.137   1.00 13.03 ? 189 ILE A CD1 1 
ATOM   1446 N N   . GLN A 1 190 ? -2.580  -17.632 3.195   1.00 10.98 ? 190 GLN A N   1 
ATOM   1447 C CA  . GLN A 1 190 ? -3.538  -18.171 2.228   1.00 10.42 ? 190 GLN A CA  1 
ATOM   1448 C C   . GLN A 1 190 ? -4.973  -17.852 2.610   1.00 10.34 ? 190 GLN A C   1 
ATOM   1449 O O   . GLN A 1 190 ? -5.801  -17.511 1.734   1.00 10.53 ? 190 GLN A O   1 
ATOM   1450 C CB  . GLN A 1 190 ? -3.321  -19.683 2.033   1.00 10.60 ? 190 GLN A CB  1 
ATOM   1451 C CG  . GLN A 1 190 ? -1.946  -19.992 1.488   1.00 11.43 ? 190 GLN A CG  1 
ATOM   1452 C CD  . GLN A 1 190 ? -1.722  -21.433 1.127   1.00 11.63 ? 190 GLN A CD  1 
ATOM   1453 O OE1 . GLN A 1 190 ? -2.606  -22.259 1.144   1.00 12.78 ? 190 GLN A OE1 1 
ATOM   1454 N NE2 . GLN A 1 190 ? -0.555  -21.693 0.685   1.00 13.75 ? 190 GLN A NE2 1 
ATOM   1455 N N   . ALA A 1 191 ? -5.268  -17.938 3.900   1.00 10.55 ? 191 ALA A N   1 
ATOM   1456 C CA  . ALA A 1 191 ? -6.595  -17.655 4.389   1.00 11.23 ? 191 ALA A CA  1 
ATOM   1457 C C   . ALA A 1 191 ? -6.972  -16.195 4.221   1.00 11.19 ? 191 ALA A C   1 
ATOM   1458 O O   . ALA A 1 191 ? -8.135  -15.924 3.932   1.00 11.54 ? 191 ALA A O   1 
ATOM   1459 C CB  . ALA A 1 191 ? -6.737  -18.056 5.823   1.00 10.67 ? 191 ALA A CB  1 
ATOM   1460 N N   . LEU A 1 192 ? -6.009  -15.274 4.360   1.00 11.45 ? 192 LEU A N   1 
ATOM   1461 C CA  . LEU A 1 192 ? -6.270  -13.834 4.050   1.00 12.07 ? 192 LEU A CA  1 
ATOM   1462 C C   . LEU A 1 192 ? -6.683  -13.638 2.595   1.00 12.53 ? 192 LEU A C   1 
ATOM   1463 O O   . LEU A 1 192 ? -7.627  -12.861 2.279   1.00 12.10 ? 192 LEU A O   1 
ATOM   1464 C CB  . LEU A 1 192 ? -5.076  -12.915 4.352   1.00 12.09 ? 192 LEU A CB  1 
ATOM   1465 C CG  . LEU A 1 192 ? -4.560  -12.911 5.774   1.00 12.68 ? 192 LEU A CG  1 
ATOM   1466 C CD1 . LEU A 1 192 ? -3.289  -12.052 5.826   1.00 13.48 ? 192 LEU A CD1 1 
ATOM   1467 C CD2 . LEU A 1 192 ? -5.607  -12.516 6.792   1.00 13.32 ? 192 LEU A CD2 1 
ATOM   1468 N N   . VAL A 1 193 ? -6.013  -14.342 1.694   1.00 11.85 ? 193 VAL A N   1 
ATOM   1469 C CA  . VAL A 1 193 ? -6.331  -14.220 0.272   1.00 12.24 ? 193 VAL A CA  1 
ATOM   1470 C C   . VAL A 1 193 ? -7.751  -14.723 0.009   1.00 12.00 ? 193 VAL A C   1 
ATOM   1471 O O   . VAL A 1 193 ? -8.515  -14.165 -0.733  1.00 11.55 ? 193 VAL A O   1 
ATOM   1472 C CB  . VAL A 1 193 ? -5.302  -14.958 -0.629  1.00 12.83 ? 193 VAL A CB  1 
ATOM   1473 C CG1 . VAL A 1 193 ? -5.674  -14.805 -2.085  1.00 13.40 ? 193 VAL A CG1 1 
ATOM   1474 C CG2 . VAL A 1 193 ? -3.890  -14.472 -0.384  1.00 13.01 ? 193 VAL A CG2 1 
ATOM   1475 N N   . GLN A 1 194 ? -8.066  -15.866 0.593   1.00 11.03 ? 194 GLN A N   1 
ATOM   1476 C CA  . GLN A 1 194 ? -9.367  -16.502 0.441   1.00 11.95 ? 194 GLN A CA  1 
ATOM   1477 C C   . GLN A 1 194 ? -10.496 -15.625 0.927   1.00 12.80 ? 194 GLN A C   1 
ATOM   1478 O O   . GLN A 1 194 ? -11.488 -15.459 0.244   1.00 15.23 ? 194 GLN A O   1 
ATOM   1479 C CB  . GLN A 1 194 ? -9.343  -17.807 1.226   1.00 11.89 ? 194 GLN A CB  1 
ATOM   1480 C CG  . GLN A 1 194 ? -8.504  -18.896 0.569   1.00 11.95 ? 194 GLN A CG  1 
ATOM   1481 C CD  . GLN A 1 194 ? -8.002  -19.971 1.532   1.00 12.65 ? 194 GLN A CD  1 
ATOM   1482 O OE1 . GLN A 1 194 ? -8.377  -20.028 2.681   1.00 13.39 ? 194 GLN A OE1 1 
ATOM   1483 N NE2 . GLN A 1 194 ? -7.152  -20.840 1.040   1.00 12.64 ? 194 GLN A NE2 1 
ATOM   1484 N N   . GLN A 1 195 ? -10.314 -15.003 2.083   1.00 12.35 ? 195 GLN A N   1 
ATOM   1485 C CA  . GLN A 1 195 ? -11.441 -14.310 2.744   1.00 13.34 ? 195 GLN A CA  1 
ATOM   1486 C C   . GLN A 1 195 ? -11.561 -12.868 2.385   1.00 13.12 ? 195 GLN A C   1 
ATOM   1487 O O   . GLN A 1 195 ? -12.674 -12.327 2.420   1.00 13.99 ? 195 GLN A O   1 
ATOM   1488 C CB  . GLN A 1 195 ? -11.285 -14.419 4.258   1.00 15.09 ? 195 GLN A CB  1 
ATOM   1489 C CG  . GLN A 1 195 ? -11.429 -15.832 4.742   1.00 19.33 ? 195 GLN A CG  1 
ATOM   1490 C CD  . GLN A 1 195 ? -11.038 -16.050 6.188   1.00 24.95 ? 195 GLN A CD  1 
ATOM   1491 O OE1 . GLN A 1 195 ? -11.361 -15.223 7.068   1.00 27.82 ? 195 GLN A OE1 1 
ATOM   1492 N NE2 . GLN A 1 195 ? -10.388 -17.196 6.463   1.00 26.29 ? 195 GLN A NE2 1 
ATOM   1493 N N   . PHE A 1 196 ? -10.446 -12.243 2.009   1.00 11.71 ? 196 PHE A N   1 
ATOM   1494 C CA  . PHE A 1 196 ? -10.389 -10.798 1.908   1.00 11.98 ? 196 PHE A CA  1 
ATOM   1495 C C   . PHE A 1 196 ? -9.889  -10.250 0.587   1.00 11.73 ? 196 PHE A C   1 
ATOM   1496 O O   . PHE A 1 196 ? -9.703  -9.040  0.491   1.00 12.71 ? 196 PHE A O   1 
ATOM   1497 C CB  . PHE A 1 196 ? -9.541  -10.201 3.036   1.00 11.20 ? 196 PHE A CB  1 
ATOM   1498 C CG  . PHE A 1 196 ? -9.991  -10.595 4.414   1.00 11.95 ? 196 PHE A CG  1 
ATOM   1499 C CD1 . PHE A 1 196 ? -11.265 -10.246 4.857   1.00 12.83 ? 196 PHE A CD1 1 
ATOM   1500 C CD2 . PHE A 1 196 ? -9.183  -11.335 5.261   1.00 12.73 ? 196 PHE A CD2 1 
ATOM   1501 C CE1 . PHE A 1 196 ? -11.698 -10.606 6.112   1.00 13.56 ? 196 PHE A CE1 1 
ATOM   1502 C CE2 . PHE A 1 196 ? -9.617  -11.684 6.532   1.00 13.20 ? 196 PHE A CE2 1 
ATOM   1503 C CZ  . PHE A 1 196 ? -10.893 -11.344 6.943   1.00 13.44 ? 196 PHE A CZ  1 
ATOM   1504 N N   . MET A 1 197 ? -9.688  -11.089 -0.429  1.00 12.71 ? 197 MET A N   1 
ATOM   1505 C CA  . MET A 1 197 ? -9.287  -10.651 -1.767  1.00 12.77 ? 197 MET A CA  1 
ATOM   1506 C C   . MET A 1 197 ? -10.266 -11.231 -2.780  1.00 13.81 ? 197 MET A C   1 
ATOM   1507 O O   . MET A 1 197 ? -10.942 -12.221 -2.505  1.00 14.06 ? 197 MET A O   1 
ATOM   1508 C CB  . MET A 1 197 ? -7.837  -11.072 -2.086  1.00 12.42 ? 197 MET A CB  1 
ATOM   1509 C CG  . MET A 1 197 ? -6.889  -10.527 -1.043  1.00 12.70 ? 197 MET A CG  1 
ATOM   1510 S SD  . MET A 1 197 ? -5.145  -10.812 -1.352  1.00 13.26 ? 197 MET A SD  1 
ATOM   1511 C CE  . MET A 1 197 ? -4.930  -9.854  -2.851  1.00 14.40 ? 197 MET A CE  1 
ATOM   1512 N N   . LYS A 1 198 ? -10.277 -10.610 -3.949  1.00 13.44 ? 198 LYS A N   1 
ATOM   1513 C CA  . LYS A 1 198 ? -11.185 -10.924 -5.068  1.00 14.05 ? 198 LYS A CA  1 
ATOM   1514 C C   . LYS A 1 198 ? -10.417 -11.611 -6.185  1.00 15.87 ? 198 LYS A C   1 
ATOM   1515 O O   . LYS A 1 198 ? -9.788  -10.945 -6.972  1.00 18.31 ? 198 LYS A O   1 
ATOM   1516 C CB  . LYS A 1 198 ? -11.748 -9.605  -5.600  1.00 14.50 ? 198 LYS A CB  1 
ATOM   1517 C CG  . LYS A 1 198 ? -12.561 -8.817  -4.587  1.00 15.55 ? 198 LYS A CG  1 
ATOM   1518 C CD  . LYS A 1 198 ? -12.988 -7.480  -5.169  1.00 16.36 ? 198 LYS A CD  1 
ATOM   1519 C CE  . LYS A 1 198 ? -13.712 -6.630  -4.131  1.00 17.45 ? 198 LYS A CE  1 
ATOM   1520 N NZ  . LYS A 1 198 ? -14.130 -5.325  -4.711  1.00 18.92 ? 198 LYS A NZ  1 
ATOM   1521 N N   . SER A 1 199 ? -10.428 -12.937 -6.222  1.00 18.91 ? 199 SER A N   1 
ATOM   1522 C CA  . SER A 1 199 ? -9.803  -13.687 -7.331  1.00 19.90 ? 199 SER A CA  1 
ATOM   1523 C C   . SER A 1 199 ? -8.527  -13.043 -7.910  1.00 18.41 ? 199 SER A C   1 
ATOM   1524 O O   . SER A 1 199 ? -8.479  -12.703 -9.088  1.00 21.08 ? 199 SER A O   1 
ATOM   1525 C CB  . SER A 1 199 ? -10.828 -13.872 -8.492  1.00 23.24 ? 199 SER A CB  1 
ATOM   1526 O OG  . SER A 1 199 ? -12.116 -14.280 -8.059  1.00 26.18 ? 199 SER A OG  1 
ATOM   1527 N N   . PRO A 1 200 ? -7.501  -12.825 -7.070  1.00 16.32 ? 200 PRO A N   1 
ATOM   1528 C CA  . PRO A 1 200 ? -6.390  -12.020 -7.546  1.00 15.69 ? 200 PRO A CA  1 
ATOM   1529 C C   . PRO A 1 200 ? -5.563  -12.641 -8.669  1.00 15.55 ? 200 PRO A C   1 
ATOM   1530 O O   . PRO A 1 200 ? -5.343  -13.860 -8.671  1.00 18.12 ? 200 PRO A O   1 
ATOM   1531 C CB  . PRO A 1 200 ? -5.524  -11.832 -6.292  1.00 15.21 ? 200 PRO A CB  1 
ATOM   1532 C CG  . PRO A 1 200 ? -5.919  -12.926 -5.350  1.00 16.60 ? 200 PRO A CG  1 
ATOM   1533 C CD  . PRO A 1 200 ? -7.380  -13.149 -5.637  1.00 16.79 ? 200 PRO A CD  1 
ATOM   1534 N N   . LYS A 1 201 ? -5.048  -11.782 -9.542  1.00 14.48 ? 201 LYS A N   1 
ATOM   1535 C CA  . LYS A 1 201 ? -4.022  -12.182 -10.506 1.00 14.97 ? 201 LYS A CA  1 
ATOM   1536 C C   . LYS A 1 201 ? -2.731  -12.499 -9.781  1.00 14.60 ? 201 LYS A C   1 
ATOM   1537 O O   . LYS A 1 201 ? -2.327  -11.776 -8.880  1.00 13.13 ? 201 LYS A O   1 
ATOM   1538 C CB  . LYS A 1 201 ? -3.753  -11.019 -11.474 1.00 17.60 ? 201 LYS A CB  1 
ATOM   1539 C CG  . LYS A 1 201 ? -3.258  -11.438 -12.831 1.00 23.12 ? 201 LYS A CG  1 
ATOM   1540 C CD  . LYS A 1 201 ? -4.374  -12.064 -13.686 1.00 25.71 ? 201 LYS A CD  1 
ATOM   1541 C CE  . LYS A 1 201 ? -5.677  -11.270 -13.611 1.00 29.39 ? 201 LYS A CE  1 
ATOM   1542 N NZ  . LYS A 1 201 ? -6.606  -11.600 -14.721 1.00 31.18 ? 201 LYS A NZ  1 
ATOM   1543 N N   . ILE A 1 202 ? -2.065  -13.568 -10.202 1.00 13.12 ? 202 ILE A N   1 
ATOM   1544 C CA  . ILE A 1 202 ? -0.851  -14.038 -9.582  1.00 13.64 ? 202 ILE A CA  1 
ATOM   1545 C C   . ILE A 1 202 ? 0.339   -13.577 -10.381 1.00 13.79 ? 202 ILE A C   1 
ATOM   1546 O O   . ILE A 1 202 ? 0.425   -13.815 -11.574 1.00 15.77 ? 202 ILE A O   1 
ATOM   1547 C CB  . ILE A 1 202 ? -0.838  -15.574 -9.480  1.00 13.67 ? 202 ILE A CB  1 
ATOM   1548 C CG1 . ILE A 1 202 ? -2.015  -16.028 -8.651  1.00 13.76 ? 202 ILE A CG1 1 
ATOM   1549 C CG2 . ILE A 1 202 ? 0.505   -16.056 -8.910  1.00 14.78 ? 202 ILE A CG2 1 
ATOM   1550 C CD1 . ILE A 1 202 ? -2.374  -17.481 -8.862  1.00 14.55 ? 202 ILE A CD1 1 
ATOM   1551 N N   . ILE A 1 203 ? 1.264   -12.914 -9.715  1.00 13.38 ? 203 ILE A N   1 
ATOM   1552 C CA  . ILE A 1 203 ? 2.494   -12.458 -10.329 1.00 16.53 ? 203 ILE A CA  1 
ATOM   1553 C C   . ILE A 1 203 ? 3.667   -13.049 -9.513  1.00 17.49 ? 203 ILE A C   1 
ATOM   1554 O O   . ILE A 1 203 ? 3.699   -12.952 -8.294  1.00 18.23 ? 203 ILE A O   1 
ATOM   1555 C CB  . ILE A 1 203 ? 2.500   -10.927 -10.337 1.00 18.65 ? 203 ILE A CB  1 
ATOM   1556 C CG1 . ILE A 1 203 ? 1.440   -10.419 -11.338 1.00 22.93 ? 203 ILE A CG1 1 
ATOM   1557 C CG2 . ILE A 1 203 ? 3.860   -10.382 -10.709 1.00 20.66 ? 203 ILE A CG2 1 
ATOM   1558 C CD1 . ILE A 1 203 ? 0.789   -9.135  -10.935 1.00 25.02 ? 203 ILE A CD1 1 
ATOM   1559 N N   . LYS A 1 204 ? 4.629   -13.663 -10.200 1.00 18.64 ? 204 LYS A N   1 
ATOM   1560 C CA  . LYS A 1 204 ? 5.814   -14.255 -9.551  1.00 20.81 ? 204 LYS A CA  1 
ATOM   1561 C C   . LYS A 1 204 ? 7.120   -13.725 -10.115 1.00 21.42 ? 204 LYS A C   1 
ATOM   1562 O O   . LYS A 1 204 ? 7.152   -13.354 -11.271 1.00 26.02 ? 204 LYS A O   1 
ATOM   1563 C CB  . LYS A 1 204 ? 5.757   -15.758 -9.690  1.00 21.61 ? 204 LYS A CB  1 
ATOM   1564 C CG  . LYS A 1 204 ? 4.620   -16.337 -8.880  1.00 23.68 ? 204 LYS A CG  1 
ATOM   1565 C CD  . LYS A 1 204 ? 4.471   -17.819 -9.086  1.00 25.01 ? 204 LYS A CD  1 
ATOM   1566 C CE  . LYS A 1 204 ? 3.323   -18.331 -8.230  1.00 26.86 ? 204 LYS A CE  1 
ATOM   1567 N NZ  . LYS A 1 204 ? 2.966   -19.706 -8.573  1.00 28.29 ? 204 LYS A NZ  1 
HETATM 1568 O O   . HOH B 2 .   ? -5.656  -15.847 8.472   1.00 17.83 ? 301 HOH A O   1 
HETATM 1569 O O   . HOH B 2 .   ? -18.151 3.468   11.491  1.00 25.90 ? 302 HOH A O   1 
HETATM 1570 O O   . HOH B 2 .   ? 10.472  -7.328  8.353   1.00 27.41 ? 303 HOH A O   1 
HETATM 1571 O O   . HOH B 2 .   ? 8.107   -11.495 2.005   1.00 15.94 ? 304 HOH A O   1 
HETATM 1572 O O   . HOH B 2 .   ? 8.263   -3.038  -1.012  1.00 20.06 ? 305 HOH A O   1 
HETATM 1573 O O   . HOH B 2 .   ? 17.152  3.627   9.700   1.00 18.53 ? 306 HOH A O   1 
HETATM 1574 O O   . HOH B 2 .   ? 10.577  -12.397 3.695   1.00 28.18 ? 307 HOH A O   1 
HETATM 1575 O O   . HOH B 2 .   ? -3.165  6.365   -17.124 1.00 22.70 ? 308 HOH A O   1 
HETATM 1576 O O   . HOH B 2 .   ? -10.265 -6.309  -2.887  1.00 12.34 ? 309 HOH A O   1 
HETATM 1577 O O   . HOH B 2 .   ? -10.378 7.272   4.124   1.00 13.86 ? 310 HOH A O   1 
HETATM 1578 O O   . HOH B 2 .   ? 14.279  2.294   11.312  1.00 20.70 ? 311 HOH A O   1 
HETATM 1579 O O   . HOH B 2 .   ? -9.688  -8.907  -8.724  1.00 17.65 ? 312 HOH A O   1 
HETATM 1580 O O   . HOH B 2 .   ? -6.948  4.202   -3.769  1.00 13.54 ? 313 HOH A O   1 
HETATM 1581 O O   . HOH B 2 .   ? -11.663 4.422   11.613  1.00 18.68 ? 314 HOH A O   1 
HETATM 1582 O O   . HOH B 2 .   ? -10.336 -19.370 4.414   1.00 18.68 ? 315 HOH A O   1 
HETATM 1583 O O   . HOH B 2 .   ? 8.860   -2.795  -8.156  1.00 31.17 ? 316 HOH A O   1 
HETATM 1584 O O   . HOH B 2 .   ? -6.889  10.607  -8.612  1.00 17.32 ? 317 HOH A O   1 
HETATM 1585 O O   . HOH B 2 .   ? -8.458  6.388   -4.782  1.00 13.81 ? 318 HOH A O   1 
HETATM 1586 O O   . HOH B 2 .   ? -10.319 -5.581  -7.270  1.00 15.97 ? 319 HOH A O   1 
HETATM 1587 O O   . HOH B 2 .   ? 0.477   6.776   -11.575 1.00 11.51 ? 320 HOH A O   1 
HETATM 1588 O O   . HOH B 2 .   ? 4.755   15.227  -13.337 1.00 12.32 ? 321 HOH A O   1 
HETATM 1589 O O   . HOH B 2 .   ? -1.831  -11.597 15.861  1.00 18.70 ? 322 HOH A O   1 
HETATM 1590 O O   . HOH B 2 .   ? -0.797  14.731  -11.198 1.00 13.30 ? 323 HOH A O   1 
HETATM 1591 O O   . HOH B 2 .   ? -1.233  16.907  -9.176  1.00 22.40 ? 324 HOH A O   1 
HETATM 1592 O O   . HOH B 2 .   ? 1.174   -13.445 13.561  1.00 12.66 ? 325 HOH A O   1 
HETATM 1593 O O   . HOH B 2 .   ? -1.536  0.037   -6.363  1.00 21.40 ? 326 HOH A O   1 
HETATM 1594 O O   . HOH B 2 .   ? 9.905   -14.750 4.012   1.00 24.95 ? 327 HOH A O   1 
HETATM 1595 O O   . HOH B 2 .   ? -15.079 0.092   -0.870  1.00 16.97 ? 328 HOH A O   1 
HETATM 1596 O O   . HOH B 2 .   ? -11.720 -7.952  -1.128  1.00 17.63 ? 329 HOH A O   1 
HETATM 1597 O O   . HOH B 2 .   ? 10.488  -0.451  -6.848  1.00 25.10 ? 330 HOH A O   1 
HETATM 1598 O O   . HOH B 2 .   ? -3.548  0.429   -8.304  1.00 17.64 ? 331 HOH A O   1 
HETATM 1599 O O   . HOH B 2 .   ? -0.787  10.981  -12.038 1.00 14.09 ? 332 HOH A O   1 
HETATM 1600 O O   . HOH B 2 .   ? -8.280  9.555   7.879   1.00 21.82 ? 333 HOH A O   1 
HETATM 1601 O O   . HOH B 2 .   ? -10.460 0.483   -6.318  1.00 16.79 ? 334 HOH A O   1 
HETATM 1602 O O   . HOH B 2 .   ? -9.642  7.265   -9.825  1.00 19.42 ? 335 HOH A O   1 
HETATM 1603 O O   . HOH B 2 .   ? 4.226   13.825  -3.828  1.00 16.94 ? 336 HOH A O   1 
HETATM 1604 O O   . HOH B 2 .   ? 4.997   12.603  -19.581 1.00 22.87 ? 337 HOH A O   1 
HETATM 1605 O O   . HOH B 2 .   ? -7.234  7.718   -11.554 1.00 15.53 ? 338 HOH A O   1 
HETATM 1606 O O   . HOH B 2 .   ? 5.220   -20.760 0.523   1.00 27.82 ? 339 HOH A O   1 
HETATM 1607 O O   . HOH B 2 .   ? -11.915 -7.626  2.808   1.00 21.86 ? 340 HOH A O   1 
HETATM 1608 O O   . HOH B 2 .   ? 5.245   13.913  -0.998  1.00 28.38 ? 341 HOH A O   1 
HETATM 1609 O O   . HOH B 2 .   ? 4.976   10.617  7.922   1.00 22.85 ? 342 HOH A O   1 
HETATM 1610 O O   . HOH B 2 .   ? 7.654   8.996   6.374   1.00 21.53 ? 343 HOH A O   1 
HETATM 1611 O O   . HOH B 2 .   ? 0.039   -20.307 8.852   1.00 20.36 ? 344 HOH A O   1 
HETATM 1612 O O   . HOH B 2 .   ? 9.793   8.109   4.884   1.00 15.28 ? 345 HOH A O   1 
HETATM 1613 O O   . HOH B 2 .   ? -3.911  2.191   -10.350 1.00 15.02 ? 346 HOH A O   1 
HETATM 1614 O O   . HOH B 2 .   ? 4.928   16.361  -4.768  1.00 16.39 ? 347 HOH A O   1 
HETATM 1615 O O   . HOH B 2 .   ? 10.024  -15.409 6.788   1.00 27.27 ? 348 HOH A O   1 
HETATM 1616 O O   . HOH B 2 .   ? 4.569   13.313  1.623   1.00 16.89 ? 349 HOH A O   1 
HETATM 1617 O O   . HOH B 2 .   ? 2.612   -1.773  15.199  1.00 5.39  ? 350 HOH A O   1 
HETATM 1618 O O   . HOH B 2 .   ? 11.489  -7.620  -11.245 1.00 23.74 ? 351 HOH A O   1 
HETATM 1619 O O   . HOH B 2 .   ? -12.635 -5.897  11.892  1.00 23.64 ? 352 HOH A O   1 
HETATM 1620 O O   . HOH B 2 .   ? -1.338  12.830  -16.174 1.00 18.45 ? 353 HOH A O   1 
HETATM 1621 O O   . HOH B 2 .   ? 5.760   8.996   14.758  1.00 27.23 ? 354 HOH A O   1 
HETATM 1622 O O   . HOH B 2 .   ? 7.965   16.804  -4.909  1.00 19.26 ? 355 HOH A O   1 
HETATM 1623 O O   . HOH B 2 .   ? -7.100  0.540   -9.571  1.00 17.64 ? 356 HOH A O   1 
HETATM 1624 O O   . HOH B 2 .   ? -17.889 -4.389  1.541   1.00 18.97 ? 357 HOH A O   1 
HETATM 1625 O O   . HOH B 2 .   ? -15.155 2.673   2.165   1.00 25.39 ? 358 HOH A O   1 
HETATM 1626 O O   . HOH B 2 .   ? -3.275  -15.474 -12.329 1.00 20.21 ? 359 HOH A O   1 
HETATM 1627 O O   . HOH B 2 .   ? -6.370  2.848   -11.533 1.00 25.80 ? 360 HOH A O   1 
HETATM 1628 O O   . HOH B 2 .   ? -10.281 5.062   -6.282  1.00 23.32 ? 361 HOH A O   1 
HETATM 1629 O O   . HOH B 2 .   ? -12.775 -18.207 3.806   1.00 37.29 ? 362 HOH A O   1 
HETATM 1630 O O   . HOH B 2 .   ? -7.859  -7.136  -20.646 1.00 27.07 ? 363 HOH A O   1 
# 
